data_2ED9
#
_entry.id   2ED9
#
_entity_poly.entity_id   1
_entity_poly.type   'polypeptide(L)'
_entity_poly.pdbx_seq_one_letter_code
;GSSGSSGNRYGPGVSTDDITVVTLSDVPSAPPQNVSLEVVNSRSIKVSWLPPPSGTQNGFITGYKIRHRKTTRRGEMETL
EPNNLWYLFTGLEKGSQYSFQVSAMTVNGTGPPSNWYTAETPEN
;
_entity_poly.pdbx_strand_id   A
#
# COMPACT_ATOMS: atom_id res chain seq x y z
N GLY A 1 29.56 31.52 44.55
CA GLY A 1 28.43 31.74 45.43
C GLY A 1 28.66 32.86 46.41
N SER A 2 28.26 34.07 46.02
CA SER A 2 28.42 35.24 46.87
C SER A 2 27.33 36.27 46.61
N SER A 3 27.23 37.26 47.50
CA SER A 3 26.23 38.30 47.37
C SER A 3 26.80 39.52 46.67
N GLY A 4 26.56 39.62 45.36
CA GLY A 4 27.06 40.74 44.59
C GLY A 4 26.62 40.71 43.15
N SER A 5 25.51 41.39 42.85
CA SER A 5 24.98 41.42 41.49
C SER A 5 24.30 42.76 41.22
N SER A 6 24.20 43.11 39.94
CA SER A 6 23.56 44.36 39.54
C SER A 6 22.57 44.13 38.40
N GLY A 7 21.30 44.37 38.69
CA GLY A 7 20.25 44.18 37.69
C GLY A 7 20.56 44.92 36.40
N ASN A 8 19.93 44.49 35.32
CA ASN A 8 20.13 45.12 34.02
C ASN A 8 18.93 45.97 33.62
N ARG A 9 19.06 46.72 32.53
CA ARG A 9 17.98 47.57 32.05
C ARG A 9 16.86 46.74 31.45
N TYR A 10 15.71 47.37 31.27
CA TYR A 10 14.54 46.68 30.70
C TYR A 10 14.89 45.99 29.40
N GLY A 11 14.11 44.98 29.05
CA GLY A 11 14.36 44.25 27.81
C GLY A 11 13.09 43.66 27.22
N PRO A 12 13.04 43.60 25.88
CA PRO A 12 11.87 43.07 25.15
C PRO A 12 11.72 41.56 25.34
N GLY A 13 10.69 41.00 24.70
CA GLY A 13 10.45 39.57 24.81
C GLY A 13 9.14 39.16 24.18
N VAL A 14 9.20 38.57 23.00
CA VAL A 14 8.00 38.12 22.30
C VAL A 14 7.21 37.13 23.14
N SER A 15 6.00 36.80 22.68
CA SER A 15 5.14 35.87 23.39
C SER A 15 3.99 35.42 22.50
N THR A 16 3.71 34.11 22.53
CA THR A 16 2.62 33.55 21.74
C THR A 16 2.37 32.09 22.09
N ASP A 17 1.18 31.60 21.77
CA ASP A 17 0.82 30.22 22.06
C ASP A 17 -0.30 29.75 21.14
N ASP A 18 0.04 28.89 20.19
CA ASP A 18 -0.94 28.37 19.24
C ASP A 18 -1.41 26.98 19.67
N ILE A 19 -2.53 26.55 19.10
CA ILE A 19 -3.09 25.24 19.43
C ILE A 19 -2.57 24.17 18.47
N THR A 20 -2.14 23.05 19.02
CA THR A 20 -1.62 21.94 18.21
C THR A 20 -2.65 20.84 18.05
N VAL A 21 -2.49 20.01 17.03
CA VAL A 21 -3.41 18.92 16.77
C VAL A 21 -3.31 17.85 17.85
N VAL A 22 -4.38 17.68 18.62
CA VAL A 22 -4.40 16.69 19.69
C VAL A 22 -5.55 15.70 19.48
N THR A 23 -5.87 15.43 18.23
CA THR A 23 -6.94 14.50 17.90
C THR A 23 -6.47 13.05 18.03
N LEU A 24 -7.35 12.19 18.50
CA LEU A 24 -7.03 10.77 18.68
C LEU A 24 -7.38 9.98 17.42
N SER A 25 -6.56 8.97 17.12
CA SER A 25 -6.79 8.13 15.95
C SER A 25 -6.98 6.67 16.35
N ASP A 26 -7.79 5.96 15.58
CA ASP A 26 -8.06 4.55 15.85
C ASP A 26 -7.50 3.66 14.74
N VAL A 27 -6.60 4.23 13.94
CA VAL A 27 -5.99 3.49 12.83
C VAL A 27 -5.08 2.39 13.36
N PRO A 28 -4.93 1.32 12.56
CA PRO A 28 -4.09 0.18 12.91
C PRO A 28 -2.60 0.53 12.89
N SER A 29 -1.79 -0.31 13.54
CA SER A 29 -0.35 -0.09 13.60
C SER A 29 0.41 -1.32 13.10
N ALA A 30 -0.09 -1.93 12.03
CA ALA A 30 0.53 -3.11 11.46
C ALA A 30 -0.13 -3.50 10.14
N PRO A 31 0.69 -3.94 9.17
CA PRO A 31 0.20 -4.34 7.85
C PRO A 31 -0.58 -5.65 7.90
N PRO A 32 -1.27 -5.97 6.80
CA PRO A 32 -2.08 -7.20 6.69
C PRO A 32 -1.21 -8.45 6.64
N GLN A 33 -1.87 -9.61 6.69
CA GLN A 33 -1.16 -10.89 6.65
C GLN A 33 -1.61 -11.71 5.45
N ASN A 34 -0.87 -12.78 5.17
CA ASN A 34 -1.18 -13.67 4.05
C ASN A 34 -1.27 -12.88 2.75
N VAL A 35 -0.34 -11.96 2.57
CA VAL A 35 -0.29 -11.13 1.35
C VAL A 35 0.67 -11.71 0.33
N SER A 36 0.14 -12.52 -0.58
CA SER A 36 0.96 -13.14 -1.61
C SER A 36 0.32 -12.97 -2.99
N LEU A 37 1.06 -13.30 -4.03
CA LEU A 37 0.57 -13.19 -5.40
C LEU A 37 0.59 -14.55 -6.11
N GLU A 38 -0.34 -14.75 -7.03
CA GLU A 38 -0.42 -15.99 -7.77
C GLU A 38 -1.00 -15.75 -9.17
N VAL A 39 -0.15 -15.91 -10.19
CA VAL A 39 -0.58 -15.70 -11.57
C VAL A 39 -1.33 -16.93 -12.09
N VAL A 40 -2.62 -16.76 -12.35
CA VAL A 40 -3.45 -17.85 -12.85
C VAL A 40 -3.35 -17.96 -14.37
N ASN A 41 -3.42 -16.81 -15.05
CA ASN A 41 -3.34 -16.78 -16.50
C ASN A 41 -2.46 -15.62 -16.97
N SER A 42 -2.31 -15.49 -18.28
CA SER A 42 -1.50 -14.42 -18.86
C SER A 42 -2.13 -13.06 -18.61
N ARG A 43 -3.46 -13.01 -18.69
CA ARG A 43 -4.19 -11.76 -18.48
C ARG A 43 -5.16 -11.89 -17.29
N SER A 44 -4.74 -12.65 -16.29
CA SER A 44 -5.57 -12.86 -15.10
C SER A 44 -4.70 -13.15 -13.88
N ILE A 45 -5.00 -12.48 -12.77
CA ILE A 45 -4.25 -12.68 -11.54
C ILE A 45 -5.15 -12.52 -10.32
N LYS A 46 -5.02 -13.46 -9.39
CA LYS A 46 -5.84 -13.43 -8.17
C LYS A 46 -4.99 -12.99 -6.97
N VAL A 47 -5.43 -11.93 -6.29
CA VAL A 47 -4.73 -11.41 -5.14
C VAL A 47 -5.49 -11.71 -3.85
N SER A 48 -4.83 -12.41 -2.92
CA SER A 48 -5.44 -12.77 -1.66
C SER A 48 -4.82 -11.98 -0.52
N TRP A 49 -5.47 -12.00 0.64
CA TRP A 49 -4.98 -11.29 1.81
C TRP A 49 -5.85 -11.59 3.04
N LEU A 50 -5.39 -11.15 4.20
CA LEU A 50 -6.12 -11.36 5.44
C LEU A 50 -5.98 -10.16 6.38
N PRO A 51 -6.95 -10.01 7.30
CA PRO A 51 -6.95 -8.91 8.27
C PRO A 51 -5.85 -9.06 9.31
N PRO A 52 -5.56 -7.96 10.02
CA PRO A 52 -4.53 -7.93 11.06
C PRO A 52 -4.92 -8.75 12.29
N PRO A 53 -3.96 -8.95 13.20
CA PRO A 53 -4.19 -9.72 14.43
C PRO A 53 -5.09 -8.98 15.41
N SER A 54 -5.73 -9.73 16.30
CA SER A 54 -6.63 -9.14 17.29
C SER A 54 -5.84 -8.47 18.41
N GLY A 55 -5.01 -7.50 18.04
CA GLY A 55 -4.20 -6.80 19.02
C GLY A 55 -3.81 -5.41 18.55
N THR A 56 -3.53 -5.28 17.26
CA THR A 56 -3.14 -3.99 16.69
C THR A 56 -4.36 -3.18 16.27
N GLN A 57 -5.24 -3.80 15.48
CA GLN A 57 -6.44 -3.14 15.01
C GLN A 57 -7.42 -2.90 16.15
N ASN A 58 -7.94 -1.68 16.23
CA ASN A 58 -8.89 -1.34 17.28
C ASN A 58 -10.32 -1.48 16.79
N GLY A 59 -10.61 -0.88 15.64
CA GLY A 59 -11.95 -0.96 15.07
C GLY A 59 -12.17 -2.24 14.29
N PHE A 60 -13.41 -2.74 14.32
CA PHE A 60 -13.75 -3.96 13.61
C PHE A 60 -13.54 -3.79 12.10
N ILE A 61 -12.48 -4.40 11.59
CA ILE A 61 -12.17 -4.31 10.16
C ILE A 61 -13.45 -4.30 9.33
N THR A 62 -13.62 -3.23 8.54
CA THR A 62 -14.79 -3.09 7.69
C THR A 62 -14.51 -3.58 6.28
N GLY A 63 -13.37 -3.15 5.73
CA GLY A 63 -13.00 -3.55 4.38
C GLY A 63 -11.50 -3.55 4.17
N TYR A 64 -11.09 -3.49 2.91
CA TYR A 64 -9.67 -3.48 2.58
C TYR A 64 -9.40 -2.67 1.32
N LYS A 65 -8.27 -1.97 1.28
CA LYS A 65 -7.90 -1.15 0.14
C LYS A 65 -6.92 -1.89 -0.76
N ILE A 66 -7.07 -1.73 -2.07
CA ILE A 66 -6.20 -2.37 -3.03
C ILE A 66 -5.70 -1.38 -4.08
N ARG A 67 -4.38 -1.33 -4.26
CA ARG A 67 -3.78 -0.42 -5.22
C ARG A 67 -2.82 -1.16 -6.14
N HIS A 68 -3.17 -1.23 -7.43
CA HIS A 68 -2.34 -1.91 -8.41
C HIS A 68 -1.55 -0.91 -9.25
N ARG A 69 -0.36 -1.31 -9.68
CA ARG A 69 0.50 -0.45 -10.49
C ARG A 69 0.88 -1.13 -11.80
N LYS A 70 1.05 -0.34 -12.85
CA LYS A 70 1.42 -0.87 -14.15
C LYS A 70 2.76 -0.30 -14.61
N THR A 71 3.53 -1.12 -15.33
CA THR A 71 4.84 -0.70 -15.82
C THR A 71 4.69 0.27 -16.98
N THR A 72 4.14 1.45 -16.71
CA THR A 72 3.94 2.47 -17.74
C THR A 72 3.77 3.85 -17.12
N ARG A 73 3.85 4.88 -17.95
CA ARG A 73 3.69 6.26 -17.49
C ARG A 73 2.67 6.34 -16.36
N ARG A 74 2.90 7.25 -15.42
CA ARG A 74 2.00 7.43 -14.29
C ARG A 74 0.55 7.19 -14.71
N GLY A 75 -0.19 6.48 -13.86
CA GLY A 75 -1.58 6.19 -14.16
C GLY A 75 -2.11 5.03 -13.35
N GLU A 76 -1.80 5.01 -12.06
CA GLU A 76 -2.25 3.93 -11.19
C GLU A 76 -3.77 3.94 -11.04
N MET A 77 -4.29 3.06 -10.19
CA MET A 77 -5.73 2.97 -9.96
C MET A 77 -6.02 2.29 -8.63
N GLU A 78 -6.84 2.93 -7.81
CA GLU A 78 -7.20 2.39 -6.51
C GLU A 78 -8.57 1.72 -6.56
N THR A 79 -8.73 0.66 -5.77
CA THR A 79 -9.99 -0.07 -5.72
C THR A 79 -10.09 -0.91 -4.45
N LEU A 80 -11.32 -1.09 -3.97
CA LEU A 80 -11.56 -1.86 -2.76
C LEU A 80 -12.78 -2.77 -2.92
N GLU A 81 -12.72 -3.94 -2.30
CA GLU A 81 -13.84 -4.89 -2.38
C GLU A 81 -14.15 -5.45 -1.00
N PRO A 82 -15.22 -4.94 -0.38
CA PRO A 82 -15.67 -5.37 0.94
C PRO A 82 -16.25 -6.78 0.93
N ASN A 83 -16.69 -7.22 -0.24
CA ASN A 83 -17.27 -8.56 -0.39
C ASN A 83 -16.38 -9.61 0.25
N ASN A 84 -15.26 -9.92 -0.40
CA ASN A 84 -14.33 -10.91 0.13
C ASN A 84 -12.91 -10.33 0.22
N LEU A 85 -11.98 -11.15 0.67
CA LEU A 85 -10.59 -10.73 0.80
C LEU A 85 -9.76 -11.18 -0.40
N TRP A 86 -10.34 -11.06 -1.58
CA TRP A 86 -9.64 -11.46 -2.81
C TRP A 86 -10.19 -10.69 -4.02
N TYR A 87 -9.29 -10.30 -4.92
CA TYR A 87 -9.70 -9.57 -6.10
C TYR A 87 -8.93 -10.07 -7.33
N LEU A 88 -9.67 -10.54 -8.32
CA LEU A 88 -9.06 -11.06 -9.55
C LEU A 88 -9.06 -9.99 -10.64
N PHE A 89 -7.87 -9.62 -11.10
CA PHE A 89 -7.73 -8.62 -12.15
C PHE A 89 -7.50 -9.27 -13.51
N THR A 90 -8.46 -9.11 -14.41
CA THR A 90 -8.36 -9.68 -15.74
C THR A 90 -8.35 -8.59 -16.81
N GLY A 91 -7.54 -8.77 -17.84
CA GLY A 91 -7.45 -7.80 -18.91
C GLY A 91 -6.05 -7.25 -19.09
N LEU A 92 -5.08 -7.88 -18.42
CA LEU A 92 -3.69 -7.45 -18.50
C LEU A 92 -3.07 -7.87 -19.84
N GLU A 93 -1.77 -7.62 -19.99
CA GLU A 93 -1.06 -7.97 -21.21
C GLU A 93 -0.04 -9.07 -20.95
N LYS A 94 0.68 -9.45 -21.99
CA LYS A 94 1.70 -10.49 -21.87
C LYS A 94 3.07 -9.88 -21.63
N GLY A 95 4.01 -10.70 -21.15
CA GLY A 95 5.35 -10.23 -20.88
C GLY A 95 5.36 -8.87 -20.21
N SER A 96 4.47 -8.68 -19.24
CA SER A 96 4.37 -7.41 -18.52
C SER A 96 4.64 -7.61 -17.03
N GLN A 97 4.59 -6.52 -16.28
CA GLN A 97 4.84 -6.58 -14.84
C GLN A 97 3.83 -5.72 -14.09
N TYR A 98 3.15 -6.31 -13.11
CA TYR A 98 2.16 -5.60 -12.31
C TYR A 98 2.43 -5.77 -10.82
N SER A 99 2.13 -4.74 -10.04
CA SER A 99 2.34 -4.79 -8.60
C SER A 99 1.04 -4.45 -7.85
N PHE A 100 0.89 -5.03 -6.67
CA PHE A 100 -0.30 -4.78 -5.85
C PHE A 100 0.08 -4.52 -4.40
N GLN A 101 -0.91 -4.16 -3.60
CA GLN A 101 -0.68 -3.88 -2.18
C GLN A 101 -2.00 -3.88 -1.40
N VAL A 102 -1.99 -4.56 -0.25
CA VAL A 102 -3.19 -4.64 0.59
C VAL A 102 -3.04 -3.78 1.83
N SER A 103 -4.13 -3.13 2.24
CA SER A 103 -4.12 -2.27 3.41
C SER A 103 -5.36 -2.50 4.26
N ALA A 104 -5.16 -2.74 5.55
CA ALA A 104 -6.26 -2.97 6.47
C ALA A 104 -7.07 -1.69 6.70
N MET A 105 -8.39 -1.81 6.63
CA MET A 105 -9.28 -0.67 6.84
C MET A 105 -10.13 -0.86 8.08
N THR A 106 -10.10 0.13 8.98
CA THR A 106 -10.87 0.07 10.21
C THR A 106 -12.02 1.08 10.19
N VAL A 107 -12.77 1.14 11.29
CA VAL A 107 -13.89 2.07 11.39
C VAL A 107 -13.40 3.52 11.35
N ASN A 108 -12.14 3.73 11.70
CA ASN A 108 -11.56 5.06 11.70
C ASN A 108 -11.13 5.47 10.29
N GLY A 109 -10.17 4.74 9.74
CA GLY A 109 -9.69 5.04 8.40
C GLY A 109 -8.87 3.91 7.81
N THR A 110 -8.05 4.23 6.82
CA THR A 110 -7.20 3.24 6.17
C THR A 110 -5.90 3.04 6.94
N GLY A 111 -5.44 1.78 7.00
CA GLY A 111 -4.21 1.48 7.70
C GLY A 111 -3.00 1.53 6.80
N PRO A 112 -1.81 1.33 7.38
CA PRO A 112 -0.54 1.35 6.63
C PRO A 112 -0.40 0.14 5.70
N PRO A 113 0.01 0.42 4.45
CA PRO A 113 0.19 -0.63 3.45
C PRO A 113 1.38 -1.53 3.75
N SER A 114 1.52 -2.61 2.98
CA SER A 114 2.62 -3.55 3.17
C SER A 114 3.59 -3.50 2.01
N ASN A 115 4.62 -4.33 2.06
CA ASN A 115 5.63 -4.38 1.01
C ASN A 115 4.97 -4.43 -0.37
N TRP A 116 5.63 -3.83 -1.36
CA TRP A 116 5.10 -3.82 -2.72
C TRP A 116 5.44 -5.12 -3.44
N TYR A 117 4.54 -6.09 -3.37
CA TYR A 117 4.74 -7.37 -4.02
C TYR A 117 4.50 -7.27 -5.52
N THR A 118 5.49 -7.71 -6.30
CA THR A 118 5.39 -7.67 -7.75
C THR A 118 5.23 -9.07 -8.34
N ALA A 119 4.55 -9.14 -9.48
CA ALA A 119 4.31 -10.43 -10.14
C ALA A 119 4.37 -10.28 -11.66
N GLU A 120 4.95 -11.27 -12.32
CA GLU A 120 5.07 -11.24 -13.78
C GLU A 120 4.20 -12.33 -14.41
N THR A 121 3.65 -12.02 -15.59
CA THR A 121 2.79 -12.95 -16.29
C THR A 121 3.61 -13.91 -17.15
N PRO A 122 3.10 -15.15 -17.32
CA PRO A 122 3.77 -16.18 -18.11
C PRO A 122 3.75 -15.86 -19.60
N GLU A 123 4.92 -15.55 -20.16
CA GLU A 123 5.03 -15.22 -21.57
C GLU A 123 4.07 -16.08 -22.40
N ASN A 124 4.00 -17.36 -22.09
CA ASN A 124 3.12 -18.27 -22.81
C ASN A 124 1.91 -18.64 -21.95
N GLY A 1 24.76 27.18 43.17
CA GLY A 1 24.59 27.96 44.38
C GLY A 1 23.17 28.45 44.55
N SER A 2 22.86 28.96 45.74
CA SER A 2 21.53 29.47 46.04
C SER A 2 21.20 30.67 45.18
N SER A 3 19.97 31.17 45.30
CA SER A 3 19.54 32.33 44.52
C SER A 3 19.65 33.61 45.34
N GLY A 4 19.77 34.74 44.65
CA GLY A 4 19.88 36.02 45.33
C GLY A 4 19.76 37.19 44.38
N SER A 5 20.79 37.40 43.57
CA SER A 5 20.79 38.50 42.61
C SER A 5 21.22 38.02 41.23
N SER A 6 21.18 38.93 40.25
CA SER A 6 21.55 38.59 38.88
C SER A 6 22.01 39.84 38.13
N GLY A 7 22.42 39.64 36.88
CA GLY A 7 22.89 40.76 36.07
C GLY A 7 24.12 40.42 35.26
N ASN A 8 23.95 40.35 33.94
CA ASN A 8 25.07 40.03 33.05
C ASN A 8 24.65 40.19 31.59
N ARG A 9 25.47 40.89 30.82
CA ARG A 9 25.20 41.12 29.41
C ARG A 9 25.62 39.92 28.57
N TYR A 10 25.05 39.79 27.38
CA TYR A 10 25.37 38.69 26.48
C TYR A 10 24.93 39.00 25.06
N GLY A 11 25.38 38.18 24.11
CA GLY A 11 25.01 38.38 22.72
C GLY A 11 24.23 37.20 22.16
N PRO A 12 23.43 37.47 21.12
CA PRO A 12 22.62 36.44 20.46
C PRO A 12 23.47 35.44 19.68
N GLY A 13 22.89 34.27 19.41
CA GLY A 13 23.61 33.25 18.66
C GLY A 13 22.76 32.62 17.58
N VAL A 14 22.85 31.30 17.45
CA VAL A 14 22.08 30.58 16.45
C VAL A 14 21.00 29.72 17.09
N SER A 15 19.85 29.65 16.43
CA SER A 15 18.73 28.87 16.94
C SER A 15 18.65 27.51 16.23
N THR A 16 17.75 26.65 16.71
CA THR A 16 17.57 25.33 16.14
C THR A 16 16.10 25.01 15.93
N ASP A 17 15.82 24.07 15.04
CA ASP A 17 14.44 23.67 14.75
C ASP A 17 14.15 22.29 15.34
N ASP A 18 12.89 22.06 15.68
CA ASP A 18 12.46 20.79 16.25
C ASP A 18 11.35 20.15 15.42
N ILE A 19 10.89 18.98 15.85
CA ILE A 19 9.83 18.28 15.14
C ILE A 19 8.72 17.85 16.10
N THR A 20 7.48 17.93 15.63
CA THR A 20 6.34 17.56 16.45
C THR A 20 5.19 17.03 15.58
N VAL A 21 4.50 16.01 16.09
CA VAL A 21 3.39 15.42 15.37
C VAL A 21 2.13 15.35 16.23
N VAL A 22 1.25 16.32 16.04
CA VAL A 22 0.00 16.38 16.79
C VAL A 22 -1.14 15.72 16.03
N THR A 23 -0.82 14.68 15.28
CA THR A 23 -1.82 13.96 14.50
C THR A 23 -2.60 12.98 15.37
N LEU A 24 -3.89 12.88 15.12
CA LEU A 24 -4.75 11.98 15.88
C LEU A 24 -5.49 11.02 14.95
N SER A 25 -5.40 9.72 15.24
CA SER A 25 -6.06 8.71 14.43
C SER A 25 -6.12 7.39 15.17
N ASP A 26 -6.77 6.40 14.55
CA ASP A 26 -6.90 5.08 15.15
C ASP A 26 -6.32 4.00 14.23
N VAL A 27 -5.80 4.44 13.08
CA VAL A 27 -5.22 3.51 12.11
C VAL A 27 -4.39 2.44 12.81
N PRO A 28 -4.29 1.26 12.18
CA PRO A 28 -3.52 0.13 12.72
C PRO A 28 -2.03 0.39 12.68
N SER A 29 -1.29 -0.34 13.52
CA SER A 29 0.17 -0.19 13.58
C SER A 29 0.86 -1.43 13.00
N ALA A 30 0.08 -2.31 12.39
CA ALA A 30 0.62 -3.52 11.80
C ALA A 30 -0.12 -3.88 10.51
N PRO A 31 0.63 -4.33 9.50
CA PRO A 31 0.06 -4.71 8.20
C PRO A 31 -0.77 -6.00 8.29
N PRO A 32 -1.51 -6.30 7.22
CA PRO A 32 -2.35 -7.50 7.15
C PRO A 32 -1.53 -8.78 7.06
N GLN A 33 -2.18 -9.87 6.66
CA GLN A 33 -1.50 -11.16 6.53
C GLN A 33 -1.84 -11.81 5.18
N ASN A 34 -1.03 -12.79 4.80
CA ASN A 34 -1.24 -13.50 3.54
C ASN A 34 -1.20 -12.53 2.35
N VAL A 35 -0.15 -11.72 2.30
CA VAL A 35 0.02 -10.75 1.22
C VAL A 35 0.92 -11.31 0.12
N SER A 36 0.30 -11.92 -0.89
CA SER A 36 1.05 -12.48 -2.01
C SER A 36 0.24 -12.43 -3.30
N LEU A 37 0.91 -12.60 -4.42
CA LEU A 37 0.25 -12.57 -5.73
C LEU A 37 0.16 -13.98 -6.32
N GLU A 38 -0.83 -14.19 -7.17
CA GLU A 38 -1.03 -15.49 -7.81
C GLU A 38 -1.33 -15.32 -9.29
N VAL A 39 -0.49 -15.91 -10.13
CA VAL A 39 -0.67 -15.82 -11.58
C VAL A 39 -1.55 -16.95 -12.10
N VAL A 40 -2.84 -16.66 -12.24
CA VAL A 40 -3.79 -17.65 -12.72
C VAL A 40 -3.65 -17.86 -14.22
N ASN A 41 -3.36 -16.79 -14.94
CA ASN A 41 -3.19 -16.86 -16.39
C ASN A 41 -2.38 -15.67 -16.90
N SER A 42 -2.25 -15.58 -18.23
CA SER A 42 -1.49 -14.49 -18.85
C SER A 42 -2.27 -13.18 -18.77
N ARG A 43 -3.57 -13.28 -18.57
CA ARG A 43 -4.43 -12.10 -18.49
C ARG A 43 -5.34 -12.18 -17.27
N SER A 44 -4.90 -12.93 -16.26
CA SER A 44 -5.67 -13.09 -15.03
C SER A 44 -4.74 -13.29 -13.83
N ILE A 45 -5.00 -12.53 -12.76
CA ILE A 45 -4.20 -12.63 -11.55
C ILE A 45 -5.07 -12.58 -10.31
N LYS A 46 -4.98 -13.61 -9.48
CA LYS A 46 -5.76 -13.69 -8.25
C LYS A 46 -5.00 -13.07 -7.08
N VAL A 47 -5.73 -12.40 -6.19
CA VAL A 47 -5.12 -11.76 -5.04
C VAL A 47 -5.94 -12.01 -3.77
N SER A 48 -5.25 -12.24 -2.66
CA SER A 48 -5.92 -12.51 -1.40
C SER A 48 -5.18 -11.81 -0.25
N TRP A 49 -5.80 -11.83 0.94
CA TRP A 49 -5.21 -11.20 2.11
C TRP A 49 -5.94 -11.63 3.38
N LEU A 50 -5.40 -11.23 4.53
CA LEU A 50 -6.00 -11.58 5.81
C LEU A 50 -5.85 -10.43 6.81
N PRO A 51 -6.71 -10.43 7.84
CA PRO A 51 -6.70 -9.40 8.88
C PRO A 51 -5.47 -9.50 9.78
N PRO A 52 -5.14 -8.39 10.46
CA PRO A 52 -3.98 -8.33 11.37
C PRO A 52 -4.21 -9.16 12.63
N PRO A 53 -3.11 -9.40 13.36
CA PRO A 53 -3.16 -10.18 14.61
C PRO A 53 -3.87 -9.44 15.73
N SER A 54 -4.49 -10.20 16.64
CA SER A 54 -5.22 -9.61 17.76
C SER A 54 -4.34 -8.60 18.50
N GLY A 55 -4.97 -7.79 19.35
CA GLY A 55 -4.24 -6.80 20.11
C GLY A 55 -3.93 -5.55 19.29
N THR A 56 -3.21 -5.73 18.19
CA THR A 56 -2.86 -4.61 17.32
C THR A 56 -4.10 -3.98 16.71
N GLN A 57 -5.12 -4.80 16.48
CA GLN A 57 -6.37 -4.32 15.89
C GLN A 57 -6.91 -3.12 16.67
N ASN A 58 -6.98 -1.97 16.01
CA ASN A 58 -7.48 -0.75 16.63
C ASN A 58 -8.98 -0.61 16.41
N GLY A 59 -9.48 -1.19 15.34
CA GLY A 59 -10.90 -1.12 15.03
C GLY A 59 -11.34 -2.20 14.07
N PHE A 60 -12.60 -2.60 14.18
CA PHE A 60 -13.16 -3.63 13.31
C PHE A 60 -12.93 -3.29 11.84
N ILE A 61 -12.14 -4.13 11.15
CA ILE A 61 -11.84 -3.92 9.74
C ILE A 61 -13.12 -3.87 8.92
N THR A 62 -13.53 -2.65 8.55
CA THR A 62 -14.73 -2.47 7.75
C THR A 62 -14.56 -3.05 6.35
N GLY A 63 -13.35 -2.97 5.82
CA GLY A 63 -13.07 -3.50 4.50
C GLY A 63 -11.58 -3.57 4.20
N TYR A 64 -11.23 -3.48 2.93
CA TYR A 64 -9.83 -3.55 2.51
C TYR A 64 -9.60 -2.73 1.24
N LYS A 65 -8.36 -2.31 1.04
CA LYS A 65 -8.00 -1.52 -0.13
C LYS A 65 -6.84 -2.17 -0.89
N ILE A 66 -7.02 -2.35 -2.19
CA ILE A 66 -5.98 -2.95 -3.02
C ILE A 66 -5.38 -1.92 -3.97
N ARG A 67 -4.07 -1.68 -3.82
CA ARG A 67 -3.38 -0.72 -4.67
C ARG A 67 -2.53 -1.44 -5.72
N HIS A 68 -2.78 -1.12 -6.99
CA HIS A 68 -2.04 -1.73 -8.08
C HIS A 68 -1.69 -0.70 -9.15
N ARG A 69 -0.52 -0.85 -9.75
CA ARG A 69 -0.08 0.08 -10.78
C ARG A 69 0.97 -0.58 -11.70
N LYS A 70 0.99 -0.17 -12.95
CA LYS A 70 1.94 -0.72 -13.91
C LYS A 70 3.28 0.01 -13.84
N THR A 71 4.35 -0.67 -14.24
CA THR A 71 5.68 -0.09 -14.22
C THR A 71 5.85 0.93 -15.34
N THR A 72 5.19 2.06 -15.21
CA THR A 72 5.27 3.12 -16.22
C THR A 72 5.53 4.48 -15.57
N ARG A 73 5.95 5.45 -16.38
CA ARG A 73 6.24 6.78 -15.89
C ARG A 73 5.28 7.17 -14.76
N ARG A 74 3.98 7.03 -15.03
CA ARG A 74 2.97 7.37 -14.04
C ARG A 74 1.62 6.75 -14.42
N GLY A 75 0.92 6.22 -13.41
CA GLY A 75 -0.37 5.62 -13.66
C GLY A 75 -0.74 4.59 -12.60
N GLU A 76 -1.48 5.04 -11.58
CA GLU A 76 -1.90 4.16 -10.50
C GLU A 76 -3.40 4.28 -10.26
N MET A 77 -4.05 3.15 -10.01
CA MET A 77 -5.48 3.12 -9.76
C MET A 77 -5.78 2.50 -8.40
N GLU A 78 -6.98 2.75 -7.89
CA GLU A 78 -7.40 2.20 -6.60
C GLU A 78 -8.60 1.29 -6.76
N THR A 79 -8.67 0.26 -5.93
CA THR A 79 -9.77 -0.70 -5.97
C THR A 79 -9.93 -1.42 -4.64
N LEU A 80 -11.16 -1.48 -4.15
CA LEU A 80 -11.45 -2.14 -2.87
C LEU A 80 -12.68 -3.03 -2.99
N GLU A 81 -12.64 -4.18 -2.33
CA GLU A 81 -13.76 -5.12 -2.36
C GLU A 81 -14.06 -5.64 -0.96
N PRO A 82 -15.11 -5.09 -0.34
CA PRO A 82 -15.53 -5.49 1.01
C PRO A 82 -16.12 -6.89 1.04
N ASN A 83 -16.79 -7.27 -0.05
CA ASN A 83 -17.40 -8.59 -0.15
C ASN A 83 -16.47 -9.67 0.38
N ASN A 84 -15.39 -9.93 -0.35
CA ASN A 84 -14.41 -10.94 0.05
C ASN A 84 -13.03 -10.32 0.23
N LEU A 85 -12.11 -11.09 0.81
CA LEU A 85 -10.75 -10.61 1.04
C LEU A 85 -9.84 -10.99 -0.13
N TRP A 86 -10.43 -11.12 -1.31
CA TRP A 86 -9.67 -11.48 -2.51
C TRP A 86 -10.24 -10.78 -3.74
N TYR A 87 -9.34 -10.31 -4.60
CA TYR A 87 -9.75 -9.62 -5.82
C TYR A 87 -8.91 -10.06 -7.01
N LEU A 88 -9.57 -10.56 -8.04
CA LEU A 88 -8.88 -11.03 -9.24
C LEU A 88 -8.97 -9.99 -10.35
N PHE A 89 -7.86 -9.77 -11.04
CA PHE A 89 -7.81 -8.80 -12.14
C PHE A 89 -7.65 -9.50 -13.48
N THR A 90 -8.52 -9.17 -14.43
CA THR A 90 -8.47 -9.77 -15.75
C THR A 90 -8.35 -8.71 -16.83
N GLY A 91 -7.80 -9.10 -17.99
CA GLY A 91 -7.63 -8.17 -19.08
C GLY A 91 -6.26 -7.52 -19.09
N LEU A 92 -5.24 -8.28 -18.71
CA LEU A 92 -3.87 -7.77 -18.67
C LEU A 92 -3.10 -8.19 -19.91
N GLU A 93 -1.97 -7.52 -20.15
CA GLU A 93 -1.13 -7.83 -21.31
C GLU A 93 -0.19 -8.99 -21.01
N LYS A 94 0.36 -9.58 -22.06
CA LYS A 94 1.28 -10.70 -21.92
C LYS A 94 2.71 -10.22 -21.70
N GLY A 95 3.54 -11.07 -21.10
CA GLY A 95 4.92 -10.71 -20.85
C GLY A 95 5.06 -9.30 -20.31
N SER A 96 4.29 -8.99 -19.26
CA SER A 96 4.34 -7.67 -18.65
C SER A 96 4.50 -7.78 -17.14
N GLN A 97 4.83 -6.65 -16.50
CA GLN A 97 5.01 -6.62 -15.06
C GLN A 97 3.90 -5.82 -14.38
N TYR A 98 3.60 -6.18 -13.14
CA TYR A 98 2.55 -5.50 -12.39
C TYR A 98 2.82 -5.57 -10.88
N SER A 99 2.23 -4.65 -10.13
CA SER A 99 2.40 -4.61 -8.69
C SER A 99 1.06 -4.52 -7.98
N PHE A 100 1.03 -4.91 -6.71
CA PHE A 100 -0.19 -4.88 -5.91
C PHE A 100 0.13 -4.62 -4.45
N GLN A 101 -0.92 -4.33 -3.66
CA GLN A 101 -0.75 -4.07 -2.24
C GLN A 101 -2.08 -4.17 -1.51
N VAL A 102 -2.03 -4.36 -0.20
CA VAL A 102 -3.22 -4.48 0.62
C VAL A 102 -3.08 -3.71 1.93
N SER A 103 -4.11 -2.95 2.29
CA SER A 103 -4.10 -2.17 3.52
C SER A 103 -5.39 -2.36 4.30
N ALA A 104 -5.27 -2.83 5.54
CA ALA A 104 -6.43 -3.05 6.38
C ALA A 104 -7.14 -1.73 6.70
N MET A 105 -8.38 -1.61 6.24
CA MET A 105 -9.17 -0.41 6.47
C MET A 105 -9.92 -0.49 7.80
N THR A 106 -9.83 0.57 8.59
CA THR A 106 -10.49 0.62 9.89
C THR A 106 -11.50 1.76 9.95
N VAL A 107 -12.12 1.93 11.11
CA VAL A 107 -13.11 2.99 11.30
C VAL A 107 -12.51 4.36 10.99
N ASN A 108 -11.18 4.41 10.91
CA ASN A 108 -10.48 5.66 10.63
C ASN A 108 -10.05 5.73 9.17
N GLY A 109 -9.14 4.83 8.79
CA GLY A 109 -8.65 4.80 7.43
C GLY A 109 -7.82 3.56 7.14
N THR A 110 -7.07 3.59 6.05
CA THR A 110 -6.24 2.46 5.65
C THR A 110 -5.09 2.25 6.62
N GLY A 111 -4.62 1.02 6.74
CA GLY A 111 -3.53 0.72 7.63
C GLY A 111 -2.17 0.98 7.01
N PRO A 112 -1.12 0.39 7.59
CA PRO A 112 0.25 0.55 7.11
C PRO A 112 0.48 -0.18 5.78
N PRO A 113 1.22 0.47 4.87
CA PRO A 113 1.52 -0.10 3.55
C PRO A 113 2.48 -1.27 3.63
N SER A 114 1.98 -2.46 3.31
CA SER A 114 2.79 -3.68 3.35
C SER A 114 3.78 -3.70 2.18
N ASN A 115 4.84 -4.49 2.33
CA ASN A 115 5.86 -4.61 1.30
C ASN A 115 5.22 -4.68 -0.08
N TRP A 116 5.74 -3.88 -1.01
CA TRP A 116 5.22 -3.85 -2.37
C TRP A 116 5.65 -5.09 -3.15
N TYR A 117 4.72 -6.02 -3.34
CA TYR A 117 5.01 -7.26 -4.05
C TYR A 117 4.84 -7.06 -5.55
N THR A 118 5.48 -7.93 -6.33
CA THR A 118 5.40 -7.85 -7.79
C THR A 118 5.24 -9.23 -8.40
N ALA A 119 4.58 -9.30 -9.56
CA ALA A 119 4.36 -10.57 -10.25
C ALA A 119 4.47 -10.38 -11.76
N GLU A 120 5.03 -11.40 -12.43
CA GLU A 120 5.19 -11.35 -13.87
C GLU A 120 4.25 -12.34 -14.56
N THR A 121 3.69 -11.92 -15.68
CA THR A 121 2.77 -12.77 -16.43
C THR A 121 3.53 -13.70 -17.37
N PRO A 122 3.02 -14.93 -17.53
CA PRO A 122 3.63 -15.94 -18.40
C PRO A 122 3.49 -15.60 -19.88
N GLU A 123 4.61 -15.32 -20.53
CA GLU A 123 4.62 -14.97 -21.94
C GLU A 123 3.66 -15.87 -22.72
N ASN A 124 3.61 -17.14 -22.33
CA ASN A 124 2.74 -18.10 -23.01
C ASN A 124 1.71 -18.68 -22.03
N GLY A 1 16.02 2.83 70.77
CA GLY A 1 16.14 4.08 70.05
C GLY A 1 15.41 4.05 68.72
N SER A 2 15.10 5.22 68.19
CA SER A 2 14.39 5.33 66.92
C SER A 2 14.67 6.68 66.26
N SER A 3 14.50 6.73 64.94
CA SER A 3 14.73 7.95 64.18
C SER A 3 14.24 7.80 62.75
N GLY A 4 14.32 8.90 61.99
CA GLY A 4 13.88 8.87 60.61
C GLY A 4 13.58 10.26 60.06
N SER A 5 13.85 10.46 58.78
CA SER A 5 13.62 11.75 58.14
C SER A 5 13.84 11.66 56.64
N SER A 6 12.99 12.35 55.87
CA SER A 6 13.09 12.34 54.42
C SER A 6 12.30 13.50 53.82
N GLY A 7 12.49 13.74 52.52
CA GLY A 7 11.80 14.82 51.85
C GLY A 7 12.33 15.07 50.46
N ASN A 8 11.45 15.49 49.55
CA ASN A 8 11.84 15.76 48.17
C ASN A 8 10.69 16.39 47.40
N ARG A 9 10.85 17.66 47.02
CA ARG A 9 9.82 18.37 46.26
C ARG A 9 10.44 19.21 45.16
N TYR A 10 10.27 18.77 43.92
CA TYR A 10 10.82 19.48 42.77
C TYR A 10 10.00 19.21 41.52
N GLY A 11 10.15 20.06 40.50
CA GLY A 11 9.41 19.89 39.27
C GLY A 11 10.20 20.36 38.06
N PRO A 12 11.05 19.47 37.51
CA PRO A 12 11.88 19.78 36.35
C PRO A 12 11.05 19.93 35.07
N GLY A 13 11.46 20.85 34.21
CA GLY A 13 10.75 21.08 32.96
C GLY A 13 11.27 22.29 32.21
N VAL A 14 12.55 22.29 31.91
CA VAL A 14 13.18 23.38 31.19
C VAL A 14 14.04 22.87 30.04
N SER A 15 13.41 22.51 28.94
CA SER A 15 14.12 22.00 27.77
C SER A 15 13.16 21.81 26.59
N THR A 16 13.50 22.42 25.47
CA THR A 16 12.68 22.32 24.26
C THR A 16 13.50 21.85 23.07
N ASP A 17 14.37 20.87 23.29
CA ASP A 17 15.22 20.32 22.24
C ASP A 17 15.00 18.82 22.08
N ASP A 18 13.74 18.41 22.08
CA ASP A 18 13.38 17.00 21.94
C ASP A 18 12.28 16.81 20.91
N ILE A 19 12.10 15.58 20.45
CA ILE A 19 11.07 15.27 19.47
C ILE A 19 9.73 14.99 20.15
N THR A 20 8.65 15.48 19.54
CA THR A 20 7.32 15.30 20.10
C THR A 20 6.27 15.24 18.99
N VAL A 21 5.15 14.58 19.26
CA VAL A 21 4.07 14.46 18.28
C VAL A 21 2.71 14.45 18.98
N VAL A 22 1.71 14.99 18.29
CA VAL A 22 0.35 15.04 18.84
C VAL A 22 -0.66 14.50 17.83
N THR A 23 -0.35 13.36 17.23
CA THR A 23 -1.23 12.75 16.24
C THR A 23 -2.07 11.64 16.87
N LEU A 24 -3.38 11.87 16.96
CA LEU A 24 -4.29 10.89 17.54
C LEU A 24 -5.18 10.29 16.47
N SER A 25 -5.02 8.99 16.22
CA SER A 25 -5.81 8.29 15.22
C SER A 25 -6.06 6.85 15.63
N ASP A 26 -7.17 6.28 15.16
CA ASP A 26 -7.53 4.91 15.49
C ASP A 26 -7.10 3.95 14.37
N VAL A 27 -6.06 4.34 13.65
CA VAL A 27 -5.54 3.53 12.55
C VAL A 27 -4.51 2.52 13.04
N PRO A 28 -4.42 1.38 12.35
CA PRO A 28 -3.47 0.32 12.70
C PRO A 28 -2.02 0.71 12.45
N SER A 29 -1.09 -0.08 12.97
CA SER A 29 0.33 0.19 12.80
C SER A 29 1.03 -0.98 12.13
N ALA A 30 0.44 -2.16 12.24
CA ALA A 30 1.00 -3.37 11.64
C ALA A 30 0.25 -3.74 10.36
N PRO A 31 1.01 -4.19 9.35
CA PRO A 31 0.43 -4.59 8.06
C PRO A 31 -0.37 -5.89 8.17
N PRO A 32 -1.11 -6.22 7.09
CA PRO A 32 -1.93 -7.42 7.04
C PRO A 32 -1.09 -8.70 6.98
N GLN A 33 -1.76 -9.84 6.94
CA GLN A 33 -1.07 -11.13 6.89
C GLN A 33 -1.43 -11.89 5.61
N ASN A 34 -0.69 -12.95 5.32
CA ASN A 34 -0.94 -13.76 4.14
C ASN A 34 -1.08 -12.88 2.90
N VAL A 35 -0.09 -12.03 2.67
CA VAL A 35 -0.10 -11.13 1.52
C VAL A 35 0.73 -11.70 0.37
N SER A 36 0.09 -12.50 -0.47
CA SER A 36 0.77 -13.12 -1.61
C SER A 36 -0.01 -12.88 -2.90
N LEU A 37 0.64 -13.14 -4.03
CA LEU A 37 0.01 -12.94 -5.33
C LEU A 37 0.24 -14.16 -6.23
N GLU A 38 -0.86 -14.73 -6.71
CA GLU A 38 -0.79 -15.90 -7.59
C GLU A 38 -1.27 -15.56 -8.99
N VAL A 39 -0.46 -15.91 -9.99
CA VAL A 39 -0.82 -15.65 -11.38
C VAL A 39 -1.66 -16.77 -11.96
N VAL A 40 -2.98 -16.56 -12.00
CA VAL A 40 -3.90 -17.56 -12.54
C VAL A 40 -3.62 -17.82 -14.01
N ASN A 41 -3.51 -16.75 -14.79
CA ASN A 41 -3.25 -16.86 -16.22
C ASN A 41 -2.33 -15.75 -16.70
N SER A 42 -2.08 -15.71 -18.00
CA SER A 42 -1.21 -14.70 -18.59
C SER A 42 -1.90 -13.34 -18.63
N ARG A 43 -3.22 -13.35 -18.46
CA ARG A 43 -4.00 -12.12 -18.47
C ARG A 43 -4.85 -12.00 -17.21
N SER A 44 -4.81 -13.03 -16.37
CA SER A 44 -5.58 -13.03 -15.13
C SER A 44 -4.66 -13.23 -13.93
N ILE A 45 -5.06 -12.66 -12.79
CA ILE A 45 -4.28 -12.76 -11.57
C ILE A 45 -5.18 -12.78 -10.34
N LYS A 46 -4.92 -13.71 -9.43
CA LYS A 46 -5.70 -13.84 -8.21
C LYS A 46 -5.03 -13.11 -7.06
N VAL A 47 -5.78 -12.19 -6.43
CA VAL A 47 -5.25 -11.42 -5.31
C VAL A 47 -5.98 -11.78 -4.02
N SER A 48 -5.20 -12.09 -2.99
CA SER A 48 -5.78 -12.45 -1.69
C SER A 48 -5.01 -11.79 -0.55
N TRP A 49 -5.61 -11.76 0.63
CA TRP A 49 -4.99 -11.16 1.80
C TRP A 49 -5.66 -11.63 3.08
N LEU A 50 -5.19 -11.11 4.21
CA LEU A 50 -5.75 -11.47 5.51
C LEU A 50 -5.54 -10.36 6.53
N PRO A 51 -6.40 -10.33 7.56
CA PRO A 51 -6.32 -9.32 8.62
C PRO A 51 -5.10 -9.50 9.51
N PRO A 52 -4.73 -8.44 10.25
CA PRO A 52 -3.59 -8.46 11.16
C PRO A 52 -3.82 -9.35 12.37
N PRO A 53 -2.75 -9.59 13.14
CA PRO A 53 -2.82 -10.42 14.34
C PRO A 53 -3.59 -9.75 15.47
N SER A 54 -4.37 -10.55 16.20
CA SER A 54 -5.17 -10.04 17.31
C SER A 54 -4.31 -9.20 18.25
N GLY A 55 -4.79 -8.00 18.57
CA GLY A 55 -4.07 -7.11 19.46
C GLY A 55 -3.60 -5.85 18.78
N THR A 56 -3.16 -5.98 17.53
CA THR A 56 -2.68 -4.84 16.76
C THR A 56 -3.85 -3.99 16.25
N GLN A 57 -4.89 -4.66 15.77
CA GLN A 57 -6.07 -3.98 15.26
C GLN A 57 -6.93 -3.44 16.40
N ASN A 58 -7.60 -2.32 16.16
CA ASN A 58 -8.46 -1.71 17.16
C ASN A 58 -9.86 -1.45 16.61
N GLY A 59 -9.93 -1.18 15.31
CA GLY A 59 -11.21 -0.93 14.67
C GLY A 59 -11.60 -2.02 13.69
N PHE A 60 -12.72 -2.66 13.94
CA PHE A 60 -13.21 -3.73 13.08
C PHE A 60 -12.89 -3.43 11.62
N ILE A 61 -12.10 -4.29 11.00
CA ILE A 61 -11.71 -4.12 9.60
C ILE A 61 -12.94 -4.11 8.70
N THR A 62 -13.34 -2.92 8.27
CA THR A 62 -14.50 -2.77 7.40
C THR A 62 -14.23 -3.36 6.02
N GLY A 63 -13.06 -3.07 5.47
CA GLY A 63 -12.69 -3.58 4.16
C GLY A 63 -11.20 -3.61 3.94
N TYR A 64 -10.79 -3.66 2.67
CA TYR A 64 -9.37 -3.70 2.33
C TYR A 64 -9.10 -2.88 1.07
N LYS A 65 -8.02 -2.11 1.10
CA LYS A 65 -7.64 -1.28 -0.04
C LYS A 65 -6.63 -1.99 -0.92
N ILE A 66 -6.95 -2.10 -2.21
CA ILE A 66 -6.06 -2.77 -3.16
C ILE A 66 -5.59 -1.79 -4.24
N ARG A 67 -4.32 -1.41 -4.17
CA ARG A 67 -3.74 -0.48 -5.13
C ARG A 67 -2.74 -1.21 -6.04
N HIS A 68 -2.88 -0.99 -7.34
CA HIS A 68 -2.00 -1.61 -8.32
C HIS A 68 -1.46 -0.58 -9.30
N ARG A 69 -0.28 -0.85 -9.86
CA ARG A 69 0.34 0.05 -10.81
C ARG A 69 1.18 -0.72 -11.83
N LYS A 70 1.25 -0.19 -13.05
CA LYS A 70 2.03 -0.82 -14.11
C LYS A 70 3.51 -0.46 -14.01
N THR A 71 4.33 -1.17 -14.77
CA THR A 71 5.77 -0.92 -14.76
C THR A 71 6.08 0.46 -15.32
N THR A 72 5.08 1.11 -15.91
CA THR A 72 5.26 2.43 -16.49
C THR A 72 4.78 3.52 -15.53
N ARG A 73 4.69 3.17 -14.25
CA ARG A 73 4.24 4.11 -13.23
C ARG A 73 3.05 4.93 -13.73
N ARG A 74 2.11 4.26 -14.39
CA ARG A 74 0.93 4.91 -14.92
C ARG A 74 0.01 5.39 -13.79
N GLY A 75 -1.01 6.15 -14.14
CA GLY A 75 -1.94 6.65 -13.15
C GLY A 75 -2.36 5.59 -12.15
N GLU A 76 -1.81 5.66 -10.95
CA GLU A 76 -2.13 4.69 -9.91
C GLU A 76 -3.63 4.70 -9.59
N MET A 77 -4.25 3.53 -9.70
CA MET A 77 -5.68 3.40 -9.42
C MET A 77 -5.92 2.96 -7.98
N GLU A 78 -7.19 2.87 -7.60
CA GLU A 78 -7.56 2.46 -6.25
C GLU A 78 -8.85 1.64 -6.26
N THR A 79 -8.73 0.37 -5.91
CA THR A 79 -9.89 -0.52 -5.89
C THR A 79 -10.06 -1.17 -4.52
N LEU A 80 -11.30 -1.21 -4.03
CA LEU A 80 -11.60 -1.80 -2.73
C LEU A 80 -12.86 -2.66 -2.80
N GLU A 81 -12.77 -3.89 -2.33
CA GLU A 81 -13.90 -4.80 -2.32
C GLU A 81 -14.06 -5.48 -0.97
N PRO A 82 -15.02 -4.98 -0.17
CA PRO A 82 -15.29 -5.51 1.17
C PRO A 82 -15.92 -6.90 1.11
N ASN A 83 -16.73 -7.15 0.08
CA ASN A 83 -17.39 -8.43 -0.08
C ASN A 83 -16.45 -9.58 0.30
N ASN A 84 -15.44 -9.81 -0.53
CA ASN A 84 -14.47 -10.88 -0.28
C ASN A 84 -13.06 -10.30 -0.12
N LEU A 85 -12.21 -11.05 0.58
CA LEU A 85 -10.84 -10.62 0.81
C LEU A 85 -9.94 -10.98 -0.38
N TRP A 86 -10.50 -10.89 -1.58
CA TRP A 86 -9.76 -11.21 -2.78
C TRP A 86 -10.39 -10.53 -4.01
N TYR A 87 -9.55 -10.16 -4.96
CA TYR A 87 -10.02 -9.50 -6.17
C TYR A 87 -9.35 -10.09 -7.41
N LEU A 88 -10.13 -10.81 -8.21
CA LEU A 88 -9.62 -11.43 -9.43
C LEU A 88 -9.60 -10.43 -10.58
N PHE A 89 -8.40 -10.11 -11.05
CA PHE A 89 -8.25 -9.18 -12.17
C PHE A 89 -8.06 -9.91 -13.49
N THR A 90 -8.61 -9.35 -14.55
CA THR A 90 -8.50 -9.96 -15.88
C THR A 90 -8.30 -8.90 -16.95
N GLY A 91 -7.79 -9.32 -18.10
CA GLY A 91 -7.56 -8.38 -19.20
C GLY A 91 -6.27 -7.60 -19.03
N LEU A 92 -5.18 -8.32 -18.78
CA LEU A 92 -3.88 -7.68 -18.60
C LEU A 92 -2.93 -8.05 -19.73
N GLU A 93 -1.87 -7.26 -19.90
CA GLU A 93 -0.89 -7.51 -20.96
C GLU A 93 -0.05 -8.75 -20.63
N LYS A 94 0.14 -9.59 -21.65
CA LYS A 94 0.92 -10.81 -21.48
C LYS A 94 2.41 -10.49 -21.38
N GLY A 95 3.14 -11.31 -20.62
CA GLY A 95 4.57 -11.10 -20.46
C GLY A 95 4.90 -9.70 -19.98
N SER A 96 4.07 -9.16 -19.10
CA SER A 96 4.27 -7.83 -18.56
C SER A 96 4.35 -7.86 -17.04
N GLN A 97 5.09 -6.91 -16.47
CA GLN A 97 5.25 -6.83 -15.02
C GLN A 97 4.15 -5.97 -14.40
N TYR A 98 3.87 -6.21 -13.13
CA TYR A 98 2.83 -5.46 -12.43
C TYR A 98 3.08 -5.48 -10.92
N SER A 99 2.41 -4.58 -10.20
CA SER A 99 2.57 -4.49 -8.76
C SER A 99 1.20 -4.42 -8.07
N PHE A 100 1.18 -4.77 -6.79
CA PHE A 100 -0.06 -4.76 -6.02
C PHE A 100 0.20 -4.33 -4.58
N GLN A 101 -0.87 -4.06 -3.84
CA GLN A 101 -0.75 -3.65 -2.45
C GLN A 101 -2.03 -3.94 -1.69
N VAL A 102 -1.88 -4.40 -0.44
CA VAL A 102 -3.04 -4.71 0.40
C VAL A 102 -2.95 -4.01 1.75
N SER A 103 -4.05 -3.39 2.16
CA SER A 103 -4.11 -2.67 3.42
C SER A 103 -5.40 -2.98 4.18
N ALA A 104 -5.32 -2.97 5.50
CA ALA A 104 -6.48 -3.25 6.34
C ALA A 104 -7.19 -1.96 6.73
N MET A 105 -8.40 -1.77 6.21
CA MET A 105 -9.19 -0.58 6.50
C MET A 105 -10.01 -0.78 7.77
N THR A 106 -9.88 0.15 8.71
CA THR A 106 -10.61 0.09 9.96
C THR A 106 -11.72 1.13 10.02
N VAL A 107 -12.41 1.21 11.15
CA VAL A 107 -13.48 2.16 11.33
C VAL A 107 -12.97 3.61 11.25
N ASN A 108 -11.65 3.75 11.39
CA ASN A 108 -11.02 5.08 11.34
C ASN A 108 -10.64 5.43 9.90
N GLY A 109 -9.63 4.73 9.39
CA GLY A 109 -9.18 4.99 8.03
C GLY A 109 -8.43 3.82 7.44
N THR A 110 -7.56 4.10 6.47
CA THR A 110 -6.78 3.05 5.81
C THR A 110 -5.51 2.74 6.60
N GLY A 111 -5.34 1.46 6.94
CA GLY A 111 -4.16 1.05 7.69
C GLY A 111 -2.88 1.23 6.90
N PRO A 112 -1.79 0.64 7.40
CA PRO A 112 -0.47 0.72 6.75
C PRO A 112 -0.42 -0.07 5.45
N PRO A 113 0.12 0.57 4.39
CA PRO A 113 0.24 -0.05 3.08
C PRO A 113 1.28 -1.17 3.05
N SER A 114 0.81 -2.41 2.91
CA SER A 114 1.70 -3.57 2.87
C SER A 114 2.78 -3.38 1.83
N ASN A 115 3.95 -3.98 2.08
CA ASN A 115 5.07 -3.88 1.15
C ASN A 115 4.60 -4.06 -0.29
N TRP A 116 4.96 -3.10 -1.14
CA TRP A 116 4.58 -3.15 -2.55
C TRP A 116 5.17 -4.37 -3.24
N TYR A 117 4.35 -5.39 -3.45
CA TYR A 117 4.80 -6.61 -4.10
C TYR A 117 4.76 -6.47 -5.62
N THR A 118 5.45 -7.38 -6.30
CA THR A 118 5.50 -7.36 -7.76
C THR A 118 5.23 -8.75 -8.34
N ALA A 119 4.24 -8.83 -9.23
CA ALA A 119 3.87 -10.09 -9.85
C ALA A 119 4.10 -10.04 -11.35
N GLU A 120 4.74 -11.08 -11.88
CA GLU A 120 5.02 -11.15 -13.32
C GLU A 120 4.14 -12.21 -14.00
N THR A 121 3.61 -11.86 -15.16
CA THR A 121 2.76 -12.77 -15.91
C THR A 121 3.58 -13.66 -16.84
N PRO A 122 3.14 -14.92 -16.98
CA PRO A 122 3.82 -15.89 -17.84
C PRO A 122 3.67 -15.57 -19.32
N GLU A 123 4.77 -15.16 -19.95
CA GLU A 123 4.76 -14.82 -21.36
C GLU A 123 3.82 -15.73 -22.14
N ASN A 124 3.84 -17.02 -21.80
CA ASN A 124 2.98 -17.99 -22.47
C ASN A 124 1.88 -18.49 -21.53
N GLY A 1 71.16 22.84 19.63
CA GLY A 1 69.75 22.57 19.87
C GLY A 1 68.84 23.46 19.06
N SER A 2 67.54 23.18 19.09
CA SER A 2 66.56 23.97 18.36
C SER A 2 65.17 23.82 18.97
N SER A 3 64.21 24.57 18.43
CA SER A 3 62.84 24.52 18.92
C SER A 3 61.88 25.14 17.92
N GLY A 4 60.59 25.10 18.23
CA GLY A 4 59.59 25.66 17.34
C GLY A 4 58.39 24.75 17.18
N SER A 5 57.21 25.34 17.03
CA SER A 5 55.98 24.57 16.87
C SER A 5 54.81 25.50 16.54
N SER A 6 53.70 24.90 16.10
CA SER A 6 52.51 25.67 15.74
C SER A 6 51.33 24.74 15.48
N GLY A 7 50.19 25.33 15.15
CA GLY A 7 49.00 24.54 14.88
C GLY A 7 47.78 25.41 14.61
N ASN A 8 46.67 24.77 14.24
CA ASN A 8 45.43 25.48 13.95
C ASN A 8 44.23 24.69 14.41
N ARG A 9 43.51 25.23 15.40
CA ARG A 9 42.32 24.58 15.93
C ARG A 9 41.09 24.91 15.10
N TYR A 10 40.26 23.90 14.86
CA TYR A 10 39.05 24.08 14.07
C TYR A 10 38.20 22.82 14.09
N GLY A 11 36.88 23.00 14.13
CA GLY A 11 35.98 21.87 14.15
C GLY A 11 34.65 22.19 14.81
N PRO A 12 33.72 22.77 14.04
CA PRO A 12 32.40 23.13 14.56
C PRO A 12 31.53 21.91 14.86
N GLY A 13 30.30 22.16 15.30
CA GLY A 13 29.40 21.08 15.62
C GLY A 13 28.10 21.15 14.83
N VAL A 14 27.38 20.03 14.78
CA VAL A 14 26.13 19.96 14.05
C VAL A 14 25.12 19.08 14.77
N SER A 15 23.84 19.32 14.51
CA SER A 15 22.77 18.55 15.14
C SER A 15 21.72 18.13 14.11
N THR A 16 20.98 17.08 14.43
CA THR A 16 19.95 16.57 13.54
C THR A 16 18.99 15.63 14.27
N ASP A 17 17.70 15.91 14.16
CA ASP A 17 16.68 15.09 14.83
C ASP A 17 15.43 15.00 13.96
N ASP A 18 14.67 13.93 14.15
CA ASP A 18 13.44 13.72 13.39
C ASP A 18 12.22 13.82 14.30
N ILE A 19 11.04 13.63 13.72
CA ILE A 19 9.80 13.70 14.48
C ILE A 19 8.94 12.48 14.23
N THR A 20 8.10 12.14 15.21
CA THR A 20 7.22 10.99 15.10
C THR A 20 5.75 11.39 15.31
N VAL A 21 4.85 10.45 15.06
CA VAL A 21 3.42 10.69 15.22
C VAL A 21 2.85 9.86 16.36
N VAL A 22 2.83 10.44 17.56
CA VAL A 22 2.31 9.76 18.73
C VAL A 22 1.01 10.40 19.22
N THR A 23 0.06 10.56 18.30
CA THR A 23 -1.22 11.16 18.62
C THR A 23 -2.25 10.10 18.99
N LEU A 24 -1.76 8.95 19.44
CA LEU A 24 -2.64 7.86 19.84
C LEU A 24 -3.78 7.68 18.84
N SER A 25 -3.45 7.73 17.56
CA SER A 25 -4.45 7.58 16.50
C SER A 25 -5.06 6.19 16.53
N ASP A 26 -6.34 6.11 16.16
CA ASP A 26 -7.05 4.82 16.14
C ASP A 26 -6.47 3.90 15.09
N VAL A 27 -6.24 4.44 13.89
CA VAL A 27 -5.68 3.66 12.79
C VAL A 27 -4.70 2.62 13.31
N PRO A 28 -4.58 1.50 12.57
CA PRO A 28 -3.67 0.40 12.92
C PRO A 28 -2.20 0.79 12.75
N SER A 29 -1.31 0.00 13.34
CA SER A 29 0.12 0.25 13.26
C SER A 29 0.86 -0.98 12.74
N ALA A 30 0.16 -1.79 11.96
CA ALA A 30 0.76 -2.99 11.39
C ALA A 30 0.03 -3.43 10.13
N PRO A 31 0.78 -3.93 9.14
CA PRO A 31 0.22 -4.39 7.87
C PRO A 31 -0.60 -5.67 8.02
N PRO A 32 -1.32 -6.04 6.96
CA PRO A 32 -2.16 -7.24 6.94
C PRO A 32 -1.33 -8.53 6.96
N GLN A 33 -1.97 -9.64 6.62
CA GLN A 33 -1.29 -10.93 6.60
C GLN A 33 -1.63 -11.69 5.33
N ASN A 34 -0.79 -12.68 4.99
CA ASN A 34 -1.00 -13.48 3.79
C ASN A 34 -1.11 -12.61 2.56
N VAL A 35 -0.17 -11.68 2.41
CA VAL A 35 -0.16 -10.77 1.27
C VAL A 35 0.66 -11.34 0.12
N SER A 36 0.02 -12.17 -0.71
CA SER A 36 0.69 -12.78 -1.84
C SER A 36 -0.12 -12.61 -3.12
N LEU A 37 0.51 -12.86 -4.26
CA LEU A 37 -0.15 -12.72 -5.56
C LEU A 37 -0.02 -14.01 -6.37
N GLU A 38 -1.15 -14.51 -6.87
CA GLU A 38 -1.16 -15.73 -7.66
C GLU A 38 -1.49 -15.43 -9.12
N VAL A 39 -0.68 -15.96 -10.03
CA VAL A 39 -0.90 -15.75 -11.46
C VAL A 39 -2.01 -16.65 -11.99
N VAL A 40 -3.14 -16.06 -12.31
CA VAL A 40 -4.29 -16.80 -12.82
C VAL A 40 -4.11 -17.11 -14.31
N ASN A 41 -3.63 -16.12 -15.07
CA ASN A 41 -3.41 -16.28 -16.50
C ASN A 41 -2.57 -15.14 -17.06
N SER A 42 -2.33 -15.17 -18.36
CA SER A 42 -1.54 -14.14 -19.01
C SER A 42 -2.15 -12.76 -18.79
N ARG A 43 -3.48 -12.72 -18.64
CA ARG A 43 -4.18 -11.46 -18.42
C ARG A 43 -5.09 -11.56 -17.21
N SER A 44 -4.66 -12.30 -16.20
CA SER A 44 -5.43 -12.48 -14.97
C SER A 44 -4.52 -12.78 -13.78
N ILE A 45 -4.85 -12.19 -12.64
CA ILE A 45 -4.06 -12.39 -11.43
C ILE A 45 -4.95 -12.42 -10.19
N LYS A 46 -4.82 -13.48 -9.40
CA LYS A 46 -5.61 -13.62 -8.18
C LYS A 46 -4.90 -13.00 -6.98
N VAL A 47 -5.57 -12.06 -6.33
CA VAL A 47 -5.00 -11.39 -5.16
C VAL A 47 -5.68 -11.84 -3.88
N SER A 48 -4.89 -12.19 -2.88
CA SER A 48 -5.42 -12.64 -1.60
C SER A 48 -4.80 -11.86 -0.45
N TRP A 49 -5.48 -11.86 0.69
CA TRP A 49 -5.00 -11.15 1.87
C TRP A 49 -5.80 -11.55 3.11
N LEU A 50 -5.21 -11.32 4.28
CA LEU A 50 -5.87 -11.66 5.54
C LEU A 50 -5.81 -10.48 6.51
N PRO A 51 -6.73 -10.47 7.48
CA PRO A 51 -6.81 -9.41 8.49
C PRO A 51 -5.64 -9.47 9.47
N PRO A 52 -5.33 -8.30 10.07
CA PRO A 52 -4.23 -8.19 11.03
C PRO A 52 -4.53 -8.90 12.35
N PRO A 53 -3.51 -9.05 13.19
CA PRO A 53 -3.63 -9.71 14.50
C PRO A 53 -4.45 -8.89 15.48
N SER A 54 -5.29 -9.56 16.26
CA SER A 54 -6.13 -8.90 17.25
C SER A 54 -5.32 -7.90 18.06
N GLY A 55 -4.14 -8.31 18.50
CA GLY A 55 -3.29 -7.45 19.29
C GLY A 55 -3.20 -6.05 18.71
N THR A 56 -2.67 -5.93 17.50
CA THR A 56 -2.53 -4.64 16.83
C THR A 56 -3.90 -4.03 16.53
N GLN A 57 -4.83 -4.87 16.08
CA GLN A 57 -6.17 -4.40 15.76
C GLN A 57 -6.72 -3.49 16.86
N ASN A 58 -7.09 -2.27 16.47
CA ASN A 58 -7.63 -1.30 17.42
C ASN A 58 -9.06 -0.91 17.05
N GLY A 59 -9.40 -1.07 15.78
CA GLY A 59 -10.74 -0.73 15.32
C GLY A 59 -11.39 -1.87 14.57
N PHE A 60 -12.70 -1.74 14.33
CA PHE A 60 -13.44 -2.76 13.61
C PHE A 60 -13.16 -2.70 12.11
N ILE A 61 -12.66 -3.80 11.56
CA ILE A 61 -12.33 -3.86 10.14
C ILE A 61 -13.58 -3.66 9.29
N THR A 62 -13.43 -2.96 8.18
CA THR A 62 -14.54 -2.69 7.27
C THR A 62 -14.27 -3.26 5.88
N GLY A 63 -13.04 -3.10 5.42
CA GLY A 63 -12.67 -3.60 4.11
C GLY A 63 -11.18 -3.52 3.84
N TYR A 64 -10.79 -3.75 2.60
CA TYR A 64 -9.38 -3.71 2.22
C TYR A 64 -9.18 -2.86 0.97
N LYS A 65 -8.05 -2.16 0.91
CA LYS A 65 -7.73 -1.31 -0.23
C LYS A 65 -6.73 -1.99 -1.15
N ILE A 66 -7.10 -2.18 -2.41
CA ILE A 66 -6.24 -2.81 -3.39
C ILE A 66 -5.82 -1.83 -4.48
N ARG A 67 -4.54 -1.48 -4.50
CA ARG A 67 -4.02 -0.54 -5.50
C ARG A 67 -2.94 -1.20 -6.34
N HIS A 68 -2.96 -0.94 -7.64
CA HIS A 68 -1.98 -1.50 -8.55
C HIS A 68 -1.29 -0.40 -9.36
N ARG A 69 -0.13 -0.72 -9.91
CA ARG A 69 0.63 0.24 -10.70
C ARG A 69 1.49 -0.48 -11.74
N LYS A 70 1.83 0.25 -12.81
CA LYS A 70 2.65 -0.31 -13.88
C LYS A 70 4.07 0.27 -13.84
N THR A 71 5.07 -0.62 -13.89
CA THR A 71 6.46 -0.19 -13.86
C THR A 71 6.76 0.78 -15.00
N THR A 72 6.10 0.59 -16.13
CA THR A 72 6.30 1.44 -17.29
C THR A 72 5.46 2.72 -17.19
N ARG A 73 4.16 2.58 -17.37
CA ARG A 73 3.26 3.72 -17.29
C ARG A 73 3.13 4.22 -15.85
N ARG A 74 3.02 5.54 -15.69
CA ARG A 74 2.90 6.14 -14.38
C ARG A 74 1.44 6.35 -14.01
N GLY A 75 0.67 5.25 -13.97
CA GLY A 75 -0.73 5.33 -13.63
C GLY A 75 -1.11 4.40 -12.51
N GLU A 76 -1.83 4.92 -11.52
CA GLU A 76 -2.26 4.12 -10.38
C GLU A 76 -3.78 3.97 -10.36
N MET A 77 -4.25 3.02 -9.56
CA MET A 77 -5.69 2.78 -9.46
C MET A 77 -6.00 1.92 -8.22
N GLU A 78 -6.78 2.48 -7.30
CA GLU A 78 -7.15 1.76 -6.08
C GLU A 78 -8.52 1.13 -6.22
N THR A 79 -8.73 0.03 -5.49
CA THR A 79 -10.01 -0.67 -5.54
C THR A 79 -10.19 -1.55 -4.31
N LEU A 80 -11.33 -1.40 -3.63
CA LEU A 80 -11.62 -2.18 -2.44
C LEU A 80 -12.78 -3.14 -2.69
N GLU A 81 -12.73 -4.31 -2.06
CA GLU A 81 -13.78 -5.31 -2.21
C GLU A 81 -14.19 -5.88 -0.85
N PRO A 82 -15.33 -5.39 -0.33
CA PRO A 82 -15.85 -5.85 0.97
C PRO A 82 -16.36 -7.29 0.92
N ASN A 83 -16.73 -7.74 -0.27
CA ASN A 83 -17.24 -9.09 -0.46
C ASN A 83 -16.33 -10.11 0.23
N ASN A 84 -15.17 -10.35 -0.36
CA ASN A 84 -14.22 -11.30 0.20
C ASN A 84 -12.86 -10.64 0.41
N LEU A 85 -11.89 -11.43 0.86
CA LEU A 85 -10.54 -10.92 1.10
C LEU A 85 -9.64 -11.18 -0.09
N TRP A 86 -10.25 -11.44 -1.25
CA TRP A 86 -9.49 -11.69 -2.47
C TRP A 86 -10.07 -10.89 -3.63
N TYR A 87 -9.25 -10.67 -4.66
CA TYR A 87 -9.68 -9.91 -5.83
C TYR A 87 -9.06 -10.49 -7.09
N LEU A 88 -9.90 -10.94 -8.01
CA LEU A 88 -9.43 -11.51 -9.28
C LEU A 88 -9.51 -10.48 -10.40
N PHE A 89 -8.34 -10.04 -10.85
CA PHE A 89 -8.28 -9.05 -11.93
C PHE A 89 -8.20 -9.73 -13.29
N THR A 90 -8.77 -9.08 -14.30
CA THR A 90 -8.77 -9.63 -15.65
C THR A 90 -8.67 -8.51 -16.69
N GLY A 91 -7.85 -8.74 -17.71
CA GLY A 91 -7.69 -7.74 -18.76
C GLY A 91 -6.32 -7.09 -18.72
N LEU A 92 -5.33 -7.81 -18.21
CA LEU A 92 -3.97 -7.29 -18.12
C LEU A 92 -3.17 -7.62 -19.38
N GLU A 93 -1.93 -7.14 -19.43
CA GLU A 93 -1.07 -7.39 -20.58
C GLU A 93 -0.25 -8.66 -20.38
N LYS A 94 0.04 -9.35 -21.48
CA LYS A 94 0.82 -10.58 -21.43
C LYS A 94 2.32 -10.28 -21.37
N GLY A 95 3.08 -11.17 -20.74
CA GLY A 95 4.51 -10.98 -20.63
C GLY A 95 4.88 -9.61 -20.15
N SER A 96 4.52 -9.31 -18.90
CA SER A 96 4.81 -8.00 -18.31
C SER A 96 4.88 -8.10 -16.79
N GLN A 97 5.31 -7.02 -16.16
CA GLN A 97 5.42 -6.97 -14.70
C GLN A 97 4.37 -6.05 -14.09
N TYR A 98 3.72 -6.51 -13.04
CA TYR A 98 2.69 -5.73 -12.37
C TYR A 98 2.91 -5.71 -10.87
N SER A 99 2.38 -4.68 -10.21
CA SER A 99 2.52 -4.55 -8.76
C SER A 99 1.16 -4.34 -8.10
N PHE A 100 1.05 -4.79 -6.85
CA PHE A 100 -0.21 -4.65 -6.11
C PHE A 100 0.07 -4.31 -4.65
N GLN A 101 -0.98 -3.93 -3.93
CA GLN A 101 -0.85 -3.56 -2.53
C GLN A 101 -2.18 -3.76 -1.79
N VAL A 102 -2.11 -4.37 -0.61
CA VAL A 102 -3.30 -4.62 0.20
C VAL A 102 -3.20 -3.94 1.56
N SER A 103 -4.25 -3.22 1.94
CA SER A 103 -4.28 -2.52 3.22
C SER A 103 -5.50 -2.93 4.04
N ALA A 104 -5.52 -2.54 5.31
CA ALA A 104 -6.63 -2.87 6.20
C ALA A 104 -7.24 -1.61 6.79
N MET A 105 -8.47 -1.30 6.40
CA MET A 105 -9.17 -0.12 6.89
C MET A 105 -10.06 -0.47 8.08
N THR A 106 -10.10 0.41 9.07
CA THR A 106 -10.91 0.19 10.26
C THR A 106 -12.00 1.24 10.38
N VAL A 107 -12.81 1.14 11.43
CA VAL A 107 -13.90 2.08 11.66
C VAL A 107 -13.37 3.51 11.77
N ASN A 108 -12.07 3.64 11.98
CA ASN A 108 -11.44 4.95 12.09
C ASN A 108 -10.94 5.44 10.73
N GLY A 109 -9.90 4.78 10.23
CA GLY A 109 -9.34 5.16 8.95
C GLY A 109 -8.59 4.02 8.28
N THR A 110 -7.87 4.32 7.21
CA THR A 110 -7.12 3.32 6.48
C THR A 110 -5.79 3.01 7.18
N GLY A 111 -5.44 1.73 7.23
CA GLY A 111 -4.21 1.32 7.87
C GLY A 111 -3.00 1.54 6.99
N PRO A 112 -1.82 1.13 7.48
CA PRO A 112 -0.56 1.26 6.73
C PRO A 112 -0.49 0.32 5.53
N PRO A 113 0.17 0.78 4.46
CA PRO A 113 0.32 0.00 3.23
C PRO A 113 1.25 -1.19 3.41
N SER A 114 0.90 -2.30 2.78
CA SER A 114 1.70 -3.52 2.88
C SER A 114 2.75 -3.56 1.77
N ASN A 115 3.84 -4.29 2.02
CA ASN A 115 4.92 -4.42 1.05
C ASN A 115 4.37 -4.51 -0.37
N TRP A 116 5.05 -3.86 -1.30
CA TRP A 116 4.63 -3.87 -2.70
C TRP A 116 5.09 -5.14 -3.41
N TYR A 117 4.21 -6.12 -3.46
CA TYR A 117 4.53 -7.40 -4.10
C TYR A 117 4.42 -7.28 -5.62
N THR A 118 5.49 -7.65 -6.31
CA THR A 118 5.52 -7.59 -7.77
C THR A 118 5.34 -8.97 -8.38
N ALA A 119 4.40 -9.09 -9.31
CA ALA A 119 4.14 -10.36 -9.97
C ALA A 119 4.21 -10.21 -11.49
N GLU A 120 4.74 -11.23 -12.17
CA GLU A 120 4.85 -11.21 -13.62
C GLU A 120 3.84 -12.15 -14.26
N THR A 121 3.44 -11.83 -15.48
CA THR A 121 2.47 -12.65 -16.20
C THR A 121 3.16 -13.51 -17.26
N PRO A 122 2.64 -14.74 -17.44
CA PRO A 122 3.20 -15.68 -18.42
C PRO A 122 2.94 -15.24 -19.86
N GLU A 123 3.98 -15.30 -20.69
CA GLU A 123 3.87 -14.91 -22.09
C GLU A 123 2.76 -15.70 -22.79
N ASN A 124 2.52 -16.92 -22.31
CA ASN A 124 1.49 -17.78 -22.89
C ASN A 124 0.11 -17.20 -22.64
N GLY A 1 28.51 -1.53 -30.24
CA GLY A 1 28.98 -0.92 -31.47
C GLY A 1 28.98 0.60 -31.39
N SER A 2 30.04 1.16 -30.81
CA SER A 2 30.17 2.61 -30.67
C SER A 2 31.63 3.03 -30.74
N SER A 3 31.86 4.34 -30.66
CA SER A 3 33.21 4.88 -30.73
C SER A 3 33.62 5.49 -29.39
N GLY A 4 32.74 6.34 -28.85
CA GLY A 4 33.02 6.99 -27.58
C GLY A 4 33.37 8.45 -27.73
N SER A 5 32.56 9.32 -27.12
CA SER A 5 32.78 10.76 -27.20
C SER A 5 31.81 11.51 -26.32
N SER A 6 32.32 12.46 -25.54
CA SER A 6 31.49 13.25 -24.64
C SER A 6 32.31 14.35 -23.97
N GLY A 7 31.61 15.29 -23.33
CA GLY A 7 32.30 16.38 -22.65
C GLY A 7 31.34 17.49 -22.25
N ASN A 8 30.91 17.48 -21.00
CA ASN A 8 29.99 18.49 -20.51
C ASN A 8 29.77 18.33 -19.00
N ARG A 9 29.27 19.38 -18.36
CA ARG A 9 29.01 19.36 -16.93
C ARG A 9 27.91 20.35 -16.56
N TYR A 10 27.13 20.00 -15.54
CA TYR A 10 26.04 20.86 -15.08
C TYR A 10 25.64 20.51 -13.65
N GLY A 11 24.88 21.40 -13.02
CA GLY A 11 24.42 21.17 -11.67
C GLY A 11 22.97 21.53 -11.46
N PRO A 12 22.08 20.58 -11.75
CA PRO A 12 20.63 20.77 -11.62
C PRO A 12 20.20 20.87 -10.15
N GLY A 13 20.79 20.03 -9.31
CA GLY A 13 20.45 20.03 -7.90
C GLY A 13 18.99 19.72 -7.64
N VAL A 14 18.68 19.26 -6.44
CA VAL A 14 17.32 18.92 -6.08
C VAL A 14 17.21 18.60 -4.59
N SER A 15 16.44 19.42 -3.87
CA SER A 15 16.25 19.21 -2.44
C SER A 15 15.47 17.94 -2.16
N THR A 16 15.31 17.62 -0.88
CA THR A 16 14.57 16.42 -0.47
C THR A 16 14.09 16.52 0.97
N ASP A 17 12.86 16.09 1.21
CA ASP A 17 12.28 16.14 2.54
C ASP A 17 11.07 15.22 2.65
N ASP A 18 10.72 14.85 3.87
CA ASP A 18 9.58 13.97 4.11
C ASP A 18 8.47 14.70 4.85
N ILE A 19 7.39 13.98 5.13
CA ILE A 19 6.25 14.57 5.84
C ILE A 19 5.88 13.74 7.06
N THR A 20 6.89 13.25 7.77
CA THR A 20 6.66 12.43 8.96
C THR A 20 6.04 13.26 10.08
N VAL A 21 5.45 12.58 11.05
CA VAL A 21 4.82 13.25 12.18
C VAL A 21 4.60 12.29 13.35
N VAL A 22 4.78 12.79 14.56
CA VAL A 22 4.60 11.97 15.76
C VAL A 22 3.32 12.36 16.50
N THR A 23 2.24 12.50 15.75
CA THR A 23 0.95 12.87 16.34
C THR A 23 0.02 11.67 16.44
N LEU A 24 -0.61 11.51 17.59
CA LEU A 24 -1.53 10.39 17.81
C LEU A 24 -2.71 10.47 16.85
N SER A 25 -3.25 9.31 16.49
CA SER A 25 -4.39 9.24 15.58
C SER A 25 -5.24 8.00 15.85
N ASP A 26 -6.32 7.85 15.10
CA ASP A 26 -7.21 6.71 15.26
C ASP A 26 -7.22 5.84 14.00
N VAL A 27 -6.11 5.15 13.76
CA VAL A 27 -5.99 4.28 12.60
C VAL A 27 -5.11 3.07 12.89
N PRO A 28 -5.28 2.01 12.10
CA PRO A 28 -4.50 0.77 12.26
C PRO A 28 -3.04 0.95 11.88
N SER A 29 -2.16 0.24 12.58
CA SER A 29 -0.73 0.33 12.32
C SER A 29 -0.19 -1.00 11.80
N ALA A 30 -0.82 -2.09 12.22
CA ALA A 30 -0.41 -3.43 11.80
C ALA A 30 -1.00 -3.79 10.44
N PRO A 31 -0.12 -4.07 9.47
CA PRO A 31 -0.54 -4.43 8.10
C PRO A 31 -1.20 -5.80 8.04
N PRO A 32 -1.86 -6.09 6.92
CA PRO A 32 -2.55 -7.37 6.71
C PRO A 32 -1.58 -8.52 6.54
N GLN A 33 -2.10 -9.75 6.59
CA GLN A 33 -1.27 -10.94 6.43
C GLN A 33 -1.61 -11.68 5.15
N ASN A 34 -0.85 -12.73 4.86
CA ASN A 34 -1.07 -13.52 3.65
C ASN A 34 -1.14 -12.64 2.41
N VAL A 35 -0.30 -11.61 2.39
CA VAL A 35 -0.26 -10.68 1.26
C VAL A 35 0.69 -11.17 0.18
N SER A 36 0.16 -11.99 -0.73
CA SER A 36 0.95 -12.54 -1.83
C SER A 36 0.18 -12.49 -3.14
N LEU A 37 0.91 -12.62 -4.25
CA LEU A 37 0.28 -12.60 -5.57
C LEU A 37 0.43 -13.95 -6.26
N GLU A 38 -0.66 -14.40 -6.88
CA GLU A 38 -0.66 -15.68 -7.58
C GLU A 38 -1.02 -15.49 -9.06
N VAL A 39 -0.41 -16.30 -9.91
CA VAL A 39 -0.66 -16.22 -11.34
C VAL A 39 -1.56 -17.37 -11.80
N VAL A 40 -2.64 -17.02 -12.50
CA VAL A 40 -3.58 -18.01 -12.99
C VAL A 40 -3.59 -18.04 -14.51
N ASN A 41 -3.46 -16.87 -15.13
CA ASN A 41 -3.45 -16.76 -16.59
C ASN A 41 -2.49 -15.68 -17.05
N SER A 42 -2.41 -15.48 -18.36
CA SER A 42 -1.52 -14.48 -18.93
C SER A 42 -2.10 -13.07 -18.75
N ARG A 43 -3.40 -13.00 -18.52
CA ARG A 43 -4.08 -11.72 -18.34
C ARG A 43 -4.97 -11.75 -17.09
N SER A 44 -4.93 -12.87 -16.37
CA SER A 44 -5.73 -13.03 -15.16
C SER A 44 -4.85 -13.27 -13.95
N ILE A 45 -5.05 -12.47 -12.91
CA ILE A 45 -4.27 -12.60 -11.68
C ILE A 45 -5.16 -12.45 -10.45
N LYS A 46 -5.01 -13.38 -9.50
CA LYS A 46 -5.79 -13.34 -8.28
C LYS A 46 -4.99 -12.72 -7.13
N VAL A 47 -5.69 -12.04 -6.23
CA VAL A 47 -5.05 -11.41 -5.09
C VAL A 47 -5.82 -11.67 -3.80
N SER A 48 -5.11 -12.18 -2.80
CA SER A 48 -5.73 -12.48 -1.51
C SER A 48 -5.05 -11.71 -0.38
N TRP A 49 -5.73 -11.61 0.75
CA TRP A 49 -5.20 -10.89 1.91
C TRP A 49 -5.92 -11.31 3.19
N LEU A 50 -5.26 -11.10 4.32
CA LEU A 50 -5.83 -11.46 5.61
C LEU A 50 -5.70 -10.30 6.60
N PRO A 51 -6.59 -10.28 7.61
CA PRO A 51 -6.59 -9.24 8.64
C PRO A 51 -5.40 -9.34 9.57
N PRO A 52 -5.03 -8.21 10.20
CA PRO A 52 -3.90 -8.16 11.14
C PRO A 52 -4.18 -8.90 12.43
N PRO A 53 -3.12 -9.18 13.20
CA PRO A 53 -3.22 -9.89 14.48
C PRO A 53 -3.90 -9.06 15.55
N SER A 54 -4.59 -9.73 16.47
CA SER A 54 -5.29 -9.05 17.55
C SER A 54 -4.33 -8.17 18.34
N GLY A 55 -4.89 -7.32 19.20
CA GLY A 55 -4.08 -6.44 20.02
C GLY A 55 -3.65 -5.19 19.26
N THR A 56 -3.18 -5.38 18.03
CA THR A 56 -2.73 -4.26 17.21
C THR A 56 -3.89 -3.65 16.44
N GLN A 57 -4.92 -4.44 16.19
CA GLN A 57 -6.10 -3.97 15.47
C GLN A 57 -6.69 -2.74 16.15
N ASN A 58 -6.84 -1.66 15.39
CA ASN A 58 -7.39 -0.42 15.92
C ASN A 58 -8.74 -0.11 15.28
N GLY A 59 -9.68 -1.04 15.41
CA GLY A 59 -11.00 -0.85 14.83
C GLY A 59 -11.54 -2.11 14.19
N PHE A 60 -12.78 -2.05 13.70
CA PHE A 60 -13.41 -3.19 13.06
C PHE A 60 -13.19 -3.16 11.55
N ILE A 61 -12.26 -4.00 11.08
CA ILE A 61 -11.96 -4.07 9.66
C ILE A 61 -13.22 -4.32 8.84
N THR A 62 -13.67 -3.29 8.14
CA THR A 62 -14.86 -3.40 7.31
C THR A 62 -14.52 -3.90 5.90
N GLY A 63 -13.53 -3.26 5.28
CA GLY A 63 -13.12 -3.65 3.95
C GLY A 63 -11.61 -3.67 3.79
N TYR A 64 -11.14 -3.48 2.56
CA TYR A 64 -9.71 -3.48 2.28
C TYR A 64 -9.40 -2.61 1.06
N LYS A 65 -8.22 -1.99 1.08
CA LYS A 65 -7.80 -1.13 -0.02
C LYS A 65 -6.69 -1.79 -0.83
N ILE A 66 -7.01 -2.18 -2.06
CA ILE A 66 -6.02 -2.82 -2.93
C ILE A 66 -5.43 -1.83 -3.92
N ARG A 67 -4.19 -1.43 -3.67
CA ARG A 67 -3.50 -0.49 -4.54
C ARG A 67 -2.59 -1.22 -5.54
N HIS A 68 -2.79 -0.93 -6.82
CA HIS A 68 -1.98 -1.55 -7.87
C HIS A 68 -1.55 -0.52 -8.91
N ARG A 69 -0.67 -0.93 -9.82
CA ARG A 69 -0.18 -0.05 -10.87
C ARG A 69 0.65 -0.82 -11.89
N LYS A 70 0.86 -0.21 -13.05
CA LYS A 70 1.63 -0.84 -14.11
C LYS A 70 2.90 -0.04 -14.41
N THR A 71 3.89 -0.72 -14.97
CA THR A 71 5.16 -0.08 -15.30
C THR A 71 5.06 0.66 -16.63
N THR A 72 6.19 1.21 -17.08
CA THR A 72 6.24 1.94 -18.34
C THR A 72 4.97 2.78 -18.54
N ARG A 73 4.49 3.36 -17.44
CA ARG A 73 3.29 4.18 -17.49
C ARG A 73 3.08 4.92 -16.17
N ARG A 74 2.38 6.06 -16.24
CA ARG A 74 2.11 6.85 -15.05
C ARG A 74 0.61 6.98 -14.81
N GLY A 75 0.21 6.83 -13.54
CA GLY A 75 -1.20 6.93 -13.20
C GLY A 75 -1.66 5.81 -12.31
N GLU A 76 -1.00 5.65 -11.15
CA GLU A 76 -1.34 4.61 -10.20
C GLU A 76 -2.85 4.55 -9.98
N MET A 77 -3.34 3.40 -9.55
CA MET A 77 -4.76 3.22 -9.28
C MET A 77 -4.99 2.28 -8.10
N GLU A 78 -6.19 2.32 -7.55
CA GLU A 78 -6.53 1.48 -6.40
C GLU A 78 -7.99 1.05 -6.46
N THR A 79 -8.33 0.00 -5.71
CA THR A 79 -9.69 -0.51 -5.68
C THR A 79 -9.95 -1.28 -4.38
N LEU A 80 -11.22 -1.31 -3.97
CA LEU A 80 -11.61 -2.01 -2.75
C LEU A 80 -12.77 -2.95 -3.01
N GLU A 81 -12.73 -4.12 -2.40
CA GLU A 81 -13.79 -5.12 -2.57
C GLU A 81 -14.20 -5.71 -1.22
N PRO A 82 -15.33 -5.24 -0.68
CA PRO A 82 -15.85 -5.72 0.61
C PRO A 82 -16.37 -7.15 0.54
N ASN A 83 -16.85 -7.53 -0.65
CA ASN A 83 -17.38 -8.87 -0.86
C ASN A 83 -16.57 -9.91 -0.06
N ASN A 84 -15.30 -10.06 -0.42
CA ASN A 84 -14.42 -11.00 0.25
C ASN A 84 -12.98 -10.49 0.29
N LEU A 85 -12.11 -11.22 0.98
CA LEU A 85 -10.72 -10.83 1.09
C LEU A 85 -9.92 -11.33 -0.12
N TRP A 86 -10.56 -11.33 -1.28
CA TRP A 86 -9.90 -11.76 -2.51
C TRP A 86 -10.46 -11.03 -3.72
N TYR A 87 -9.58 -10.68 -4.65
CA TYR A 87 -9.98 -9.97 -5.86
C TYR A 87 -9.29 -10.54 -7.08
N LEU A 88 -10.08 -11.04 -8.04
CA LEU A 88 -9.53 -11.61 -9.26
C LEU A 88 -9.49 -10.57 -10.37
N PHE A 89 -8.30 -10.04 -10.64
CA PHE A 89 -8.13 -9.04 -11.69
C PHE A 89 -8.02 -9.70 -13.06
N THR A 90 -8.52 -9.01 -14.09
CA THR A 90 -8.48 -9.53 -15.44
C THR A 90 -8.26 -8.41 -16.45
N GLY A 91 -7.65 -8.75 -17.59
CA GLY A 91 -7.38 -7.75 -18.62
C GLY A 91 -6.01 -7.14 -18.49
N LEU A 92 -4.99 -7.99 -18.32
CA LEU A 92 -3.62 -7.53 -18.18
C LEU A 92 -2.81 -7.86 -19.43
N GLU A 93 -1.97 -6.93 -19.86
CA GLU A 93 -1.13 -7.12 -21.04
C GLU A 93 -0.19 -8.30 -20.84
N LYS A 94 0.09 -9.02 -21.93
CA LYS A 94 0.98 -10.18 -21.88
C LYS A 94 2.43 -9.74 -21.72
N GLY A 95 3.22 -10.56 -21.04
CA GLY A 95 4.62 -10.25 -20.85
C GLY A 95 4.83 -8.82 -20.35
N SER A 96 4.48 -8.57 -19.09
CA SER A 96 4.62 -7.25 -18.50
C SER A 96 4.65 -7.33 -16.98
N GLN A 97 5.27 -6.34 -16.36
CA GLN A 97 5.37 -6.30 -14.90
C GLN A 97 4.14 -5.63 -14.28
N TYR A 98 3.68 -6.17 -13.17
CA TYR A 98 2.51 -5.63 -12.48
C TYR A 98 2.71 -5.64 -10.97
N SER A 99 2.42 -4.51 -10.34
CA SER A 99 2.57 -4.40 -8.89
C SER A 99 1.21 -4.43 -8.19
N PHE A 100 1.21 -4.82 -6.93
CA PHE A 100 -0.02 -4.90 -6.15
C PHE A 100 0.24 -4.53 -4.69
N GLN A 101 -0.84 -4.48 -3.90
CA GLN A 101 -0.74 -4.14 -2.49
C GLN A 101 -2.05 -4.41 -1.77
N VAL A 102 -1.99 -4.42 -0.44
CA VAL A 102 -3.18 -4.67 0.37
C VAL A 102 -3.09 -3.94 1.71
N SER A 103 -4.19 -3.30 2.10
CA SER A 103 -4.24 -2.57 3.36
C SER A 103 -5.53 -2.86 4.11
N ALA A 104 -5.44 -2.94 5.43
CA ALA A 104 -6.61 -3.21 6.26
C ALA A 104 -7.33 -1.92 6.62
N MET A 105 -8.53 -1.75 6.08
CA MET A 105 -9.33 -0.56 6.35
C MET A 105 -10.20 -0.75 7.58
N THR A 106 -10.21 0.24 8.47
CA THR A 106 -11.01 0.18 9.68
C THR A 106 -12.11 1.23 9.68
N VAL A 107 -13.07 1.09 10.59
CA VAL A 107 -14.18 2.03 10.69
C VAL A 107 -13.67 3.47 10.73
N ASN A 108 -12.39 3.63 11.05
CA ASN A 108 -11.79 4.96 11.13
C ASN A 108 -11.18 5.35 9.79
N GLY A 109 -10.04 4.77 9.45
CA GLY A 109 -9.38 5.08 8.20
C GLY A 109 -8.56 3.91 7.68
N THR A 110 -7.65 4.20 6.75
CA THR A 110 -6.79 3.19 6.17
C THR A 110 -5.44 3.13 6.88
N GLY A 111 -4.92 1.92 7.07
CA GLY A 111 -3.65 1.75 7.74
C GLY A 111 -2.48 1.92 6.79
N PRO A 112 -1.28 1.49 7.24
CA PRO A 112 -0.05 1.59 6.44
C PRO A 112 -0.06 0.63 5.26
N PRO A 113 0.60 1.04 4.16
CA PRO A 113 0.69 0.23 2.94
C PRO A 113 1.56 -1.01 3.12
N SER A 114 1.01 -2.16 2.79
CA SER A 114 1.74 -3.42 2.92
C SER A 114 2.87 -3.50 1.91
N ASN A 115 3.90 -4.28 2.22
CA ASN A 115 5.03 -4.45 1.34
C ASN A 115 4.58 -4.49 -0.12
N TRP A 116 5.25 -3.70 -0.96
CA TRP A 116 4.91 -3.65 -2.38
C TRP A 116 5.39 -4.91 -3.10
N TYR A 117 4.45 -5.76 -3.48
CA TYR A 117 4.77 -7.00 -4.17
C TYR A 117 4.65 -6.83 -5.68
N THR A 118 5.31 -7.71 -6.43
CA THR A 118 5.27 -7.65 -7.89
C THR A 118 5.14 -9.05 -8.48
N ALA A 119 4.34 -9.17 -9.53
CA ALA A 119 4.13 -10.45 -10.19
C ALA A 119 4.32 -10.33 -11.70
N GLU A 120 4.91 -11.36 -12.30
CA GLU A 120 5.16 -11.36 -13.74
C GLU A 120 4.17 -12.29 -14.46
N THR A 121 3.52 -11.75 -15.48
CA THR A 121 2.55 -12.53 -16.25
C THR A 121 3.25 -13.45 -17.25
N PRO A 122 2.72 -14.67 -17.40
CA PRO A 122 3.27 -15.67 -18.31
C PRO A 122 3.05 -15.30 -19.77
N GLU A 123 4.14 -14.94 -20.46
CA GLU A 123 4.06 -14.56 -21.86
C GLU A 123 3.02 -15.40 -22.60
N ASN A 124 2.98 -16.69 -22.27
CA ASN A 124 2.04 -17.60 -22.91
C ASN A 124 0.86 -17.90 -21.97
N GLY A 1 19.48 72.02 -1.89
CA GLY A 1 20.01 70.86 -1.21
C GLY A 1 19.00 69.74 -1.10
N SER A 2 19.46 68.51 -1.27
CA SER A 2 18.58 67.35 -1.19
C SER A 2 19.39 66.06 -1.01
N SER A 3 18.74 65.04 -0.48
CA SER A 3 19.40 63.75 -0.24
C SER A 3 18.40 62.71 0.27
N GLY A 4 18.84 61.46 0.31
CA GLY A 4 17.98 60.39 0.78
C GLY A 4 18.60 59.03 0.61
N SER A 5 18.05 58.02 1.29
CA SER A 5 18.56 56.67 1.22
C SER A 5 17.67 55.70 2.00
N SER A 6 17.79 54.41 1.69
CA SER A 6 17.00 53.39 2.36
C SER A 6 17.50 51.99 2.00
N GLY A 7 16.86 50.98 2.57
CA GLY A 7 17.24 49.61 2.31
C GLY A 7 16.08 48.64 2.40
N ASN A 8 16.38 47.40 2.76
CA ASN A 8 15.35 46.37 2.90
C ASN A 8 15.77 45.29 3.89
N ARG A 9 14.86 44.39 4.20
CA ARG A 9 15.13 43.31 5.13
C ARG A 9 14.03 42.26 5.10
N TYR A 10 14.42 41.00 5.26
CA TYR A 10 13.46 39.89 5.24
C TYR A 10 13.61 39.03 6.49
N GLY A 11 12.68 38.09 6.66
CA GLY A 11 12.72 37.20 7.80
C GLY A 11 11.88 35.96 7.60
N PRO A 12 12.37 34.82 8.13
CA PRO A 12 11.66 33.54 8.02
C PRO A 12 10.39 33.50 8.86
N GLY A 13 9.81 32.30 8.99
CA GLY A 13 8.59 32.16 9.76
C GLY A 13 8.59 30.89 10.60
N VAL A 14 8.27 31.04 11.88
CA VAL A 14 8.23 29.89 12.78
C VAL A 14 6.83 29.28 12.84
N SER A 15 6.73 28.12 13.47
CA SER A 15 5.45 27.42 13.59
C SER A 15 5.09 27.21 15.06
N THR A 16 3.97 26.53 15.29
CA THR A 16 3.51 26.25 16.65
C THR A 16 2.78 24.91 16.71
N ASP A 17 2.53 24.45 17.94
CA ASP A 17 1.83 23.18 18.14
C ASP A 17 0.53 23.40 18.92
N ASP A 18 -0.27 22.34 19.03
CA ASP A 18 -1.53 22.41 19.75
C ASP A 18 -1.77 21.14 20.55
N ILE A 19 -2.56 21.26 21.61
CA ILE A 19 -2.87 20.11 22.47
C ILE A 19 -3.27 18.90 21.64
N THR A 20 -2.83 17.73 22.08
CA THR A 20 -3.14 16.48 21.37
C THR A 20 -3.55 15.39 22.35
N VAL A 21 -4.81 14.95 22.25
CA VAL A 21 -5.32 13.92 23.13
C VAL A 21 -4.99 12.53 22.59
N VAL A 22 -5.02 11.53 23.47
CA VAL A 22 -4.72 10.16 23.09
C VAL A 22 -5.84 9.56 22.24
N THR A 23 -6.86 10.37 21.98
CA THR A 23 -7.99 9.92 21.18
C THR A 23 -7.88 10.39 19.73
N LEU A 24 -6.64 10.59 19.29
CA LEU A 24 -6.38 11.03 17.92
C LEU A 24 -5.64 9.96 17.13
N SER A 25 -5.86 9.95 15.82
CA SER A 25 -5.21 8.97 14.94
C SER A 25 -5.62 7.55 15.32
N ASP A 26 -6.93 7.32 15.36
CA ASP A 26 -7.46 6.01 15.71
C ASP A 26 -7.42 5.07 14.52
N VAL A 27 -6.25 4.98 13.89
CA VAL A 27 -6.07 4.12 12.72
C VAL A 27 -4.97 3.09 12.96
N PRO A 28 -5.02 1.98 12.19
CA PRO A 28 -4.04 0.90 12.31
C PRO A 28 -2.66 1.32 11.80
N SER A 29 -1.62 0.81 12.46
CA SER A 29 -0.25 1.12 12.07
C SER A 29 0.56 -0.15 11.80
N ALA A 30 -0.12 -1.16 11.26
CA ALA A 30 0.53 -2.43 10.96
C ALA A 30 -0.01 -3.01 9.65
N PRO A 31 0.89 -3.58 8.84
CA PRO A 31 0.53 -4.18 7.55
C PRO A 31 -0.26 -5.47 7.71
N PRO A 32 -0.93 -5.90 6.64
CA PRO A 32 -1.74 -7.12 6.63
C PRO A 32 -0.88 -8.38 6.73
N GLN A 33 -1.54 -9.54 6.76
CA GLN A 33 -0.84 -10.82 6.83
C GLN A 33 -1.20 -11.71 5.66
N ASN A 34 -0.34 -12.68 5.38
CA ASN A 34 -0.57 -13.61 4.28
C ASN A 34 -0.71 -12.86 2.95
N VAL A 35 0.11 -11.83 2.77
CA VAL A 35 0.08 -11.04 1.55
C VAL A 35 0.90 -11.69 0.45
N SER A 36 0.23 -12.37 -0.47
CA SER A 36 0.90 -13.04 -1.58
C SER A 36 0.11 -12.88 -2.87
N LEU A 37 0.80 -13.03 -3.99
CA LEU A 37 0.16 -12.90 -5.30
C LEU A 37 0.30 -14.19 -6.11
N GLU A 38 -0.81 -14.65 -6.68
CA GLU A 38 -0.82 -15.86 -7.48
C GLU A 38 -0.99 -15.54 -8.96
N VAL A 39 -0.65 -16.51 -9.81
CA VAL A 39 -0.75 -16.33 -11.25
C VAL A 39 -1.83 -17.25 -11.84
N VAL A 40 -3.03 -16.72 -11.99
CA VAL A 40 -4.15 -17.48 -12.54
C VAL A 40 -3.92 -17.79 -14.01
N ASN A 41 -3.54 -16.77 -14.78
CA ASN A 41 -3.30 -16.93 -16.21
C ASN A 41 -2.45 -15.79 -16.74
N SER A 42 -2.24 -15.78 -18.05
CA SER A 42 -1.44 -14.74 -18.70
C SER A 42 -2.13 -13.38 -18.58
N ARG A 43 -3.45 -13.38 -18.74
CA ARG A 43 -4.23 -12.16 -18.66
C ARG A 43 -5.15 -12.17 -17.45
N SER A 44 -4.74 -12.88 -16.40
CA SER A 44 -5.53 -12.98 -15.19
C SER A 44 -4.63 -13.18 -13.97
N ILE A 45 -5.04 -12.62 -12.84
CA ILE A 45 -4.28 -12.74 -11.60
C ILE A 45 -5.20 -12.71 -10.38
N LYS A 46 -4.85 -13.52 -9.38
CA LYS A 46 -5.64 -13.59 -8.16
C LYS A 46 -4.91 -12.94 -7.00
N VAL A 47 -5.58 -12.03 -6.30
CA VAL A 47 -4.99 -11.33 -5.16
C VAL A 47 -5.81 -11.56 -3.89
N SER A 48 -5.14 -12.02 -2.84
CA SER A 48 -5.81 -12.27 -1.57
C SER A 48 -5.09 -11.58 -0.42
N TRP A 49 -5.68 -11.63 0.77
CA TRP A 49 -5.08 -11.01 1.94
C TRP A 49 -5.82 -11.43 3.21
N LEU A 50 -5.12 -11.38 4.34
CA LEU A 50 -5.71 -11.75 5.62
C LEU A 50 -5.73 -10.56 6.58
N PRO A 51 -6.61 -10.63 7.59
CA PRO A 51 -6.74 -9.57 8.60
C PRO A 51 -5.53 -9.50 9.52
N PRO A 52 -5.24 -8.28 10.01
CA PRO A 52 -4.11 -8.05 10.91
C PRO A 52 -4.33 -8.65 12.29
N PRO A 53 -3.28 -8.66 13.12
CA PRO A 53 -3.33 -9.22 14.47
C PRO A 53 -4.17 -8.35 15.41
N SER A 54 -5.01 -9.00 16.22
CA SER A 54 -5.87 -8.29 17.16
C SER A 54 -5.13 -7.11 17.78
N GLY A 55 -3.96 -7.39 18.36
CA GLY A 55 -3.18 -6.34 18.98
C GLY A 55 -3.18 -5.05 18.17
N THR A 56 -2.46 -5.06 17.05
CA THR A 56 -2.38 -3.89 16.19
C THR A 56 -3.76 -3.50 15.65
N GLN A 57 -4.68 -4.46 15.69
CA GLN A 57 -6.04 -4.21 15.20
C GLN A 57 -6.94 -3.70 16.32
N ASN A 58 -7.09 -2.38 16.38
CA ASN A 58 -7.92 -1.75 17.41
C ASN A 58 -9.13 -1.08 16.78
N GLY A 59 -9.63 -1.65 15.69
CA GLY A 59 -10.79 -1.08 15.02
C GLY A 59 -11.53 -2.12 14.18
N PHE A 60 -12.84 -1.93 14.06
CA PHE A 60 -13.67 -2.85 13.29
C PHE A 60 -13.38 -2.71 11.80
N ILE A 61 -12.74 -3.73 11.23
CA ILE A 61 -12.39 -3.73 9.81
C ILE A 61 -13.65 -3.89 8.95
N THR A 62 -13.91 -2.88 8.11
CA THR A 62 -15.08 -2.92 7.24
C THR A 62 -14.72 -3.50 5.88
N GLY A 63 -13.54 -3.15 5.38
CA GLY A 63 -13.10 -3.66 4.09
C GLY A 63 -11.60 -3.57 3.91
N TYR A 64 -11.15 -3.59 2.67
CA TYR A 64 -9.72 -3.52 2.37
C TYR A 64 -9.48 -2.83 1.03
N LYS A 65 -8.38 -2.07 0.96
CA LYS A 65 -8.02 -1.36 -0.26
C LYS A 65 -6.97 -2.11 -1.06
N ILE A 66 -6.99 -1.93 -2.38
CA ILE A 66 -6.03 -2.60 -3.24
C ILE A 66 -5.45 -1.63 -4.26
N ARG A 67 -4.17 -1.29 -4.09
CA ARG A 67 -3.50 -0.37 -5.01
C ARG A 67 -2.65 -1.14 -6.01
N HIS A 68 -2.93 -0.93 -7.30
CA HIS A 68 -2.19 -1.60 -8.36
C HIS A 68 -1.57 -0.58 -9.31
N ARG A 69 -0.27 -0.71 -9.54
CA ARG A 69 0.44 0.20 -10.43
C ARG A 69 1.41 -0.57 -11.33
N LYS A 70 1.69 -0.02 -12.50
CA LYS A 70 2.59 -0.64 -13.46
C LYS A 70 3.97 0.01 -13.42
N THR A 71 4.99 -0.75 -13.77
CA THR A 71 6.36 -0.26 -13.76
C THR A 71 6.66 0.52 -15.05
N THR A 72 6.16 0.01 -16.17
CA THR A 72 6.38 0.65 -17.46
C THR A 72 6.05 2.13 -17.40
N ARG A 73 4.92 2.46 -16.77
CA ARG A 73 4.49 3.84 -16.64
C ARG A 73 4.16 4.19 -15.19
N ARG A 74 4.12 5.47 -14.89
CA ARG A 74 3.81 5.93 -13.54
C ARG A 74 2.33 6.25 -13.38
N GLY A 75 1.71 5.65 -12.38
CA GLY A 75 0.30 5.86 -12.13
C GLY A 75 -0.25 5.00 -11.02
N GLU A 76 -1.21 5.52 -10.27
CA GLU A 76 -1.81 4.78 -9.17
C GLU A 76 -3.32 4.63 -9.38
N MET A 77 -3.85 3.48 -8.99
CA MET A 77 -5.28 3.21 -9.12
C MET A 77 -5.83 2.56 -7.86
N GLU A 78 -6.87 3.18 -7.30
CA GLU A 78 -7.49 2.66 -6.09
C GLU A 78 -8.63 1.71 -6.43
N THR A 79 -8.71 0.60 -5.68
CA THR A 79 -9.76 -0.39 -5.91
C THR A 79 -9.96 -1.26 -4.67
N LEU A 80 -11.13 -1.14 -4.05
CA LEU A 80 -11.45 -1.92 -2.86
C LEU A 80 -12.65 -2.83 -3.11
N GLU A 81 -12.56 -4.07 -2.63
CA GLU A 81 -13.64 -5.03 -2.79
C GLU A 81 -14.20 -5.46 -1.44
N PRO A 82 -15.36 -4.88 -1.07
CA PRO A 82 -16.03 -5.19 0.20
C PRO A 82 -16.60 -6.60 0.23
N ASN A 83 -16.99 -7.10 -0.95
CA ASN A 83 -17.55 -8.45 -1.06
C ASN A 83 -16.76 -9.44 -0.22
N ASN A 84 -15.52 -9.68 -0.61
CA ASN A 84 -14.65 -10.62 0.10
C ASN A 84 -13.22 -10.11 0.13
N LEU A 85 -12.33 -10.89 0.74
CA LEU A 85 -10.93 -10.52 0.85
C LEU A 85 -10.13 -11.08 -0.32
N TRP A 86 -10.69 -10.96 -1.52
CA TRP A 86 -10.02 -11.46 -2.73
C TRP A 86 -10.50 -10.71 -3.96
N TYR A 87 -9.60 -10.53 -4.92
CA TYR A 87 -9.93 -9.82 -6.15
C TYR A 87 -9.29 -10.49 -7.35
N LEU A 88 -10.12 -10.89 -8.32
CA LEU A 88 -9.64 -11.55 -9.53
C LEU A 88 -9.60 -10.57 -10.69
N PHE A 89 -8.38 -10.18 -11.09
CA PHE A 89 -8.20 -9.26 -12.20
C PHE A 89 -8.09 -10.01 -13.52
N THR A 90 -8.51 -9.36 -14.60
CA THR A 90 -8.46 -9.96 -15.92
C THR A 90 -8.33 -8.89 -17.01
N GLY A 91 -7.66 -9.24 -18.10
CA GLY A 91 -7.49 -8.31 -19.20
C GLY A 91 -6.07 -7.77 -19.28
N LEU A 92 -5.13 -8.49 -18.68
CA LEU A 92 -3.73 -8.09 -18.69
C LEU A 92 -3.02 -8.59 -19.95
N GLU A 93 -1.78 -8.16 -20.12
CA GLU A 93 -0.99 -8.58 -21.29
C GLU A 93 0.13 -9.52 -20.88
N LYS A 94 0.56 -10.36 -21.82
CA LYS A 94 1.63 -11.32 -21.56
C LYS A 94 2.98 -10.61 -21.44
N GLY A 95 3.97 -11.32 -20.92
CA GLY A 95 5.30 -10.75 -20.76
C GLY A 95 5.25 -9.32 -20.26
N SER A 96 4.88 -9.15 -19.00
CA SER A 96 4.79 -7.83 -18.39
C SER A 96 5.00 -7.91 -16.89
N GLN A 97 4.95 -6.75 -16.22
CA GLN A 97 5.13 -6.69 -14.77
C GLN A 97 4.08 -5.79 -14.13
N TYR A 98 3.30 -6.36 -13.23
CA TYR A 98 2.26 -5.59 -12.55
C TYR A 98 2.47 -5.62 -11.04
N SER A 99 2.26 -4.47 -10.40
CA SER A 99 2.43 -4.35 -8.95
C SER A 99 1.08 -4.28 -8.25
N PHE A 100 1.09 -4.57 -6.96
CA PHE A 100 -0.14 -4.54 -6.16
C PHE A 100 0.15 -4.12 -4.72
N GLN A 101 -0.90 -3.94 -3.94
CA GLN A 101 -0.75 -3.53 -2.54
C GLN A 101 -2.05 -3.79 -1.76
N VAL A 102 -1.89 -4.26 -0.53
CA VAL A 102 -3.05 -4.55 0.32
C VAL A 102 -2.92 -3.86 1.67
N SER A 103 -4.04 -3.30 2.15
CA SER A 103 -4.04 -2.59 3.43
C SER A 103 -5.37 -2.81 4.14
N ALA A 104 -5.30 -3.10 5.44
CA ALA A 104 -6.50 -3.32 6.23
C ALA A 104 -7.17 -1.99 6.60
N MET A 105 -8.45 -1.88 6.25
CA MET A 105 -9.20 -0.66 6.54
C MET A 105 -10.11 -0.86 7.76
N THR A 106 -10.28 0.20 8.54
CA THR A 106 -11.11 0.14 9.74
C THR A 106 -12.14 1.27 9.74
N VAL A 107 -13.12 1.18 10.64
CA VAL A 107 -14.16 2.19 10.74
C VAL A 107 -13.55 3.58 10.93
N ASN A 108 -12.27 3.62 11.28
CA ASN A 108 -11.57 4.88 11.50
C ASN A 108 -10.97 5.40 10.19
N GLY A 109 -10.06 4.61 9.62
CA GLY A 109 -9.42 4.99 8.38
C GLY A 109 -8.66 3.85 7.72
N THR A 110 -7.61 4.18 7.00
CA THR A 110 -6.80 3.17 6.32
C THR A 110 -5.37 3.19 6.85
N GLY A 111 -4.87 2.02 7.23
CA GLY A 111 -3.52 1.91 7.74
C GLY A 111 -2.47 2.05 6.65
N PRO A 112 -1.21 1.78 7.01
CA PRO A 112 -0.09 1.88 6.06
C PRO A 112 -0.13 0.78 5.01
N PRO A 113 0.31 1.12 3.78
CA PRO A 113 0.34 0.18 2.66
C PRO A 113 1.40 -0.91 2.85
N SER A 114 0.97 -2.17 2.71
CA SER A 114 1.88 -3.30 2.86
C SER A 114 3.00 -3.24 1.83
N ASN A 115 3.91 -4.21 1.89
CA ASN A 115 5.03 -4.28 0.96
C ASN A 115 4.54 -4.25 -0.48
N TRP A 116 5.28 -3.56 -1.34
CA TRP A 116 4.92 -3.46 -2.75
C TRP A 116 5.33 -4.72 -3.50
N TYR A 117 4.41 -5.67 -3.60
CA TYR A 117 4.68 -6.93 -4.31
C TYR A 117 4.53 -6.75 -5.82
N THR A 118 5.08 -7.70 -6.56
CA THR A 118 5.02 -7.65 -8.02
C THR A 118 4.90 -9.05 -8.61
N ALA A 119 4.09 -9.19 -9.65
CA ALA A 119 3.89 -10.47 -10.31
C ALA A 119 4.05 -10.35 -11.82
N GLU A 120 4.84 -11.24 -12.40
CA GLU A 120 5.08 -11.23 -13.84
C GLU A 120 4.30 -12.35 -14.53
N THR A 121 3.50 -11.97 -15.54
CA THR A 121 2.70 -12.95 -16.27
C THR A 121 3.60 -13.93 -17.02
N PRO A 122 3.14 -15.20 -17.10
CA PRO A 122 3.88 -16.26 -17.79
C PRO A 122 3.90 -16.07 -19.30
N GLU A 123 5.05 -15.71 -19.84
CA GLU A 123 5.19 -15.50 -21.27
C GLU A 123 4.36 -16.52 -22.06
N ASN A 124 4.38 -17.76 -21.61
CA ASN A 124 3.64 -18.83 -22.26
C ASN A 124 2.61 -19.44 -21.30
N GLY A 1 45.11 11.05 11.24
CA GLY A 1 45.12 12.12 12.22
C GLY A 1 45.28 13.48 11.60
N SER A 2 45.60 14.48 12.42
CA SER A 2 45.78 15.84 11.94
C SER A 2 46.35 16.73 13.04
N SER A 3 46.61 17.99 12.70
CA SER A 3 47.15 18.94 13.66
C SER A 3 46.67 20.36 13.36
N GLY A 4 46.88 21.26 14.31
CA GLY A 4 46.46 22.64 14.13
C GLY A 4 46.35 23.38 15.44
N SER A 5 46.51 24.71 15.38
CA SER A 5 46.43 25.54 16.58
C SER A 5 46.52 27.02 16.22
N SER A 6 45.47 27.77 16.57
CA SER A 6 45.41 29.19 16.28
C SER A 6 45.16 30.00 17.54
N GLY A 7 44.01 29.75 18.17
CA GLY A 7 43.67 30.46 19.39
C GLY A 7 42.37 29.97 20.00
N ASN A 8 41.53 30.92 20.42
CA ASN A 8 40.25 30.58 21.02
C ASN A 8 39.39 31.83 21.23
N ARG A 9 38.25 31.88 20.56
CA ARG A 9 37.35 33.02 20.67
C ARG A 9 35.95 32.57 21.09
N TYR A 10 35.02 33.51 21.12
CA TYR A 10 33.65 33.21 21.51
C TYR A 10 32.79 32.90 20.29
N GLY A 11 32.68 33.87 19.39
CA GLY A 11 31.89 33.68 18.19
C GLY A 11 30.63 32.86 18.44
N PRO A 12 29.57 33.54 18.92
CA PRO A 12 28.29 32.89 19.22
C PRO A 12 27.57 32.44 17.95
N GLY A 13 26.33 31.99 18.11
CA GLY A 13 25.55 31.54 16.98
C GLY A 13 24.07 31.39 17.31
N VAL A 14 23.37 30.59 16.52
CA VAL A 14 21.94 30.37 16.73
C VAL A 14 21.57 28.91 16.48
N SER A 15 20.55 28.44 17.18
CA SER A 15 20.08 27.07 17.03
C SER A 15 18.58 27.01 16.77
N THR A 16 18.15 25.96 16.07
CA THR A 16 16.74 25.79 15.75
C THR A 16 16.31 24.34 15.89
N ASP A 17 15.31 24.09 16.71
CA ASP A 17 14.81 22.74 16.94
C ASP A 17 13.42 22.56 16.31
N ASP A 18 12.98 21.31 16.21
CA ASP A 18 11.68 21.02 15.63
C ASP A 18 10.72 20.51 16.70
N ILE A 19 9.45 20.35 16.33
CA ILE A 19 8.43 19.87 17.26
C ILE A 19 8.07 18.42 16.97
N THR A 20 7.98 17.62 18.03
CA THR A 20 7.63 16.21 17.89
C THR A 20 6.15 15.97 18.20
N VAL A 21 5.74 14.71 18.12
CA VAL A 21 4.35 14.35 18.40
C VAL A 21 4.28 13.11 19.29
N VAL A 22 3.72 13.29 20.48
CA VAL A 22 3.59 12.18 21.42
C VAL A 22 2.14 11.73 21.53
N THR A 23 1.44 11.70 20.39
CA THR A 23 0.04 11.28 20.36
C THR A 23 -0.11 9.93 19.68
N LEU A 24 -1.00 9.10 20.20
CA LEU A 24 -1.24 7.78 19.64
C LEU A 24 -2.47 7.79 18.72
N SER A 25 -2.22 7.71 17.42
CA SER A 25 -3.30 7.72 16.44
C SER A 25 -4.29 6.59 16.71
N ASP A 26 -5.45 6.66 16.06
CA ASP A 26 -6.47 5.65 16.23
C ASP A 26 -6.37 4.57 15.15
N VAL A 27 -5.93 4.97 13.97
CA VAL A 27 -5.78 4.04 12.85
C VAL A 27 -4.96 2.82 13.26
N PRO A 28 -5.14 1.71 12.53
CA PRO A 28 -4.43 0.46 12.80
C PRO A 28 -2.94 0.56 12.46
N SER A 29 -2.11 -0.03 13.30
CA SER A 29 -0.66 -0.01 13.09
C SER A 29 -0.13 -1.40 12.81
N ALA A 30 -0.85 -2.15 11.97
CA ALA A 30 -0.45 -3.50 11.61
C ALA A 30 -0.91 -3.85 10.19
N PRO A 31 0.06 -4.21 9.33
CA PRO A 31 -0.22 -4.56 7.93
C PRO A 31 -0.95 -5.90 7.82
N PRO A 32 -1.59 -6.13 6.67
CA PRO A 32 -2.34 -7.36 6.40
C PRO A 32 -1.42 -8.57 6.24
N GLN A 33 -1.87 -9.72 6.73
CA GLN A 33 -1.09 -10.94 6.64
C GLN A 33 -1.50 -11.77 5.43
N ASN A 34 -0.64 -12.68 5.02
CA ASN A 34 -0.91 -13.54 3.86
C ASN A 34 -1.10 -12.70 2.60
N VAL A 35 -0.12 -11.85 2.30
CA VAL A 35 -0.18 -11.00 1.11
C VAL A 35 0.74 -11.51 0.02
N SER A 36 0.28 -12.49 -0.74
CA SER A 36 1.07 -13.07 -1.82
C SER A 36 0.32 -12.99 -3.14
N LEU A 37 1.06 -13.02 -4.24
CA LEU A 37 0.48 -12.95 -5.57
C LEU A 37 0.49 -14.31 -6.25
N GLU A 38 -0.63 -14.68 -6.87
CA GLU A 38 -0.73 -15.96 -7.55
C GLU A 38 -1.16 -15.76 -9.01
N VAL A 39 -0.20 -15.94 -9.92
CA VAL A 39 -0.47 -15.79 -11.34
C VAL A 39 -1.43 -16.87 -11.85
N VAL A 40 -2.71 -16.52 -11.95
CA VAL A 40 -3.71 -17.46 -12.42
C VAL A 40 -3.53 -17.78 -13.90
N ASN A 41 -3.39 -16.74 -14.71
CA ASN A 41 -3.19 -16.92 -16.14
C ASN A 41 -2.49 -15.71 -16.76
N SER A 42 -2.35 -15.72 -18.07
CA SER A 42 -1.68 -14.62 -18.77
C SER A 42 -2.49 -13.32 -18.63
N ARG A 43 -3.81 -13.45 -18.60
CA ARG A 43 -4.68 -12.29 -18.47
C ARG A 43 -5.52 -12.38 -17.21
N SER A 44 -4.96 -13.01 -16.17
CA SER A 44 -5.66 -13.17 -14.90
C SER A 44 -4.67 -13.33 -13.76
N ILE A 45 -4.98 -12.69 -12.63
CA ILE A 45 -4.11 -12.76 -11.45
C ILE A 45 -4.94 -12.82 -10.17
N LYS A 46 -4.69 -13.83 -9.36
CA LYS A 46 -5.40 -13.99 -8.09
C LYS A 46 -4.66 -13.30 -6.96
N VAL A 47 -5.38 -12.52 -6.16
CA VAL A 47 -4.79 -11.80 -5.03
C VAL A 47 -5.67 -11.93 -3.79
N SER A 48 -5.12 -12.53 -2.75
CA SER A 48 -5.84 -12.70 -1.49
C SER A 48 -5.09 -12.07 -0.33
N TRP A 49 -5.76 -11.97 0.82
CA TRP A 49 -5.15 -11.38 2.00
C TRP A 49 -5.95 -11.73 3.26
N LEU A 50 -5.34 -11.54 4.42
CA LEU A 50 -6.01 -11.83 5.69
C LEU A 50 -5.90 -10.64 6.64
N PRO A 51 -6.84 -10.56 7.60
CA PRO A 51 -6.86 -9.49 8.59
C PRO A 51 -5.71 -9.59 9.59
N PRO A 52 -5.41 -8.47 10.27
CA PRO A 52 -4.33 -8.42 11.26
C PRO A 52 -4.67 -9.21 12.52
N PRO A 53 -3.65 -9.44 13.36
CA PRO A 53 -3.81 -10.19 14.61
C PRO A 53 -4.61 -9.41 15.65
N SER A 54 -4.93 -10.06 16.76
CA SER A 54 -5.70 -9.44 17.83
C SER A 54 -4.88 -8.36 18.52
N GLY A 55 -5.55 -7.31 18.99
CA GLY A 55 -4.86 -6.23 19.67
C GLY A 55 -4.69 -5.02 18.78
N THR A 56 -3.93 -5.18 17.70
CA THR A 56 -3.68 -4.08 16.78
C THR A 56 -4.98 -3.56 16.17
N GLN A 57 -6.00 -4.41 16.16
CA GLN A 57 -7.30 -4.03 15.61
C GLN A 57 -7.96 -2.97 16.48
N ASN A 58 -8.27 -1.83 15.88
CA ASN A 58 -8.91 -0.73 16.60
C ASN A 58 -10.35 -0.53 16.13
N GLY A 59 -10.52 -0.43 14.81
CA GLY A 59 -11.85 -0.24 14.26
C GLY A 59 -12.33 -1.45 13.48
N PHE A 60 -13.63 -1.56 13.31
CA PHE A 60 -14.22 -2.68 12.58
C PHE A 60 -13.92 -2.57 11.08
N ILE A 61 -13.00 -3.41 10.61
CA ILE A 61 -12.61 -3.40 9.20
C ILE A 61 -13.85 -3.48 8.30
N THR A 62 -14.03 -2.47 7.45
CA THR A 62 -15.16 -2.43 6.54
C THR A 62 -14.74 -2.85 5.13
N GLY A 63 -13.44 -3.03 4.93
CA GLY A 63 -12.94 -3.41 3.63
C GLY A 63 -11.43 -3.36 3.55
N TYR A 64 -10.89 -3.40 2.33
CA TYR A 64 -9.45 -3.36 2.13
C TYR A 64 -9.11 -2.59 0.85
N LYS A 65 -8.04 -1.79 0.93
CA LYS A 65 -7.61 -1.00 -0.21
C LYS A 65 -6.62 -1.77 -1.07
N ILE A 66 -6.87 -1.79 -2.37
CA ILE A 66 -6.00 -2.50 -3.30
C ILE A 66 -5.47 -1.56 -4.39
N ARG A 67 -4.21 -1.18 -4.26
CA ARG A 67 -3.59 -0.28 -5.23
C ARG A 67 -2.70 -1.06 -6.20
N HIS A 68 -3.01 -0.96 -7.49
CA HIS A 68 -2.24 -1.65 -8.51
C HIS A 68 -1.51 -0.66 -9.41
N ARG A 69 -0.18 -0.74 -9.41
CA ARG A 69 0.63 0.15 -10.22
C ARG A 69 1.47 -0.64 -11.24
N LYS A 70 1.73 -0.02 -12.38
CA LYS A 70 2.51 -0.66 -13.43
C LYS A 70 3.90 -0.05 -13.53
N THR A 71 4.84 -0.80 -14.10
CA THR A 71 6.20 -0.33 -14.26
C THR A 71 6.34 0.56 -15.50
N THR A 72 5.21 0.88 -16.11
CA THR A 72 5.21 1.72 -17.30
C THR A 72 4.36 2.97 -17.09
N ARG A 73 3.09 2.78 -16.75
CA ARG A 73 2.18 3.89 -16.52
C ARG A 73 2.56 4.65 -15.25
N ARG A 74 2.42 5.96 -15.29
CA ARG A 74 2.75 6.81 -14.15
C ARG A 74 1.49 7.25 -13.42
N GLY A 75 1.03 6.42 -12.48
CA GLY A 75 -0.16 6.74 -11.72
C GLY A 75 -0.47 5.71 -10.65
N GLU A 76 -1.34 6.08 -9.72
CA GLU A 76 -1.71 5.18 -8.62
C GLU A 76 -3.22 5.04 -8.53
N MET A 77 -3.74 3.90 -9.02
CA MET A 77 -5.17 3.64 -8.99
C MET A 77 -5.53 2.69 -7.85
N GLU A 78 -6.77 2.78 -7.38
CA GLU A 78 -7.23 1.92 -6.29
C GLU A 78 -8.60 1.36 -6.60
N THR A 79 -9.01 0.34 -5.84
CA THR A 79 -10.30 -0.30 -6.02
C THR A 79 -10.72 -1.07 -4.78
N LEU A 80 -11.80 -0.61 -4.14
CA LEU A 80 -12.30 -1.26 -2.94
C LEU A 80 -13.30 -2.36 -3.28
N GLU A 81 -13.21 -3.49 -2.58
CA GLU A 81 -14.11 -4.61 -2.82
C GLU A 81 -14.66 -5.15 -1.50
N PRO A 82 -15.91 -4.79 -1.19
CA PRO A 82 -16.58 -5.23 0.03
C PRO A 82 -16.92 -6.71 0.01
N ASN A 83 -16.98 -7.28 -1.19
CA ASN A 83 -17.30 -8.70 -1.34
C ASN A 83 -16.51 -9.54 -0.35
N ASN A 84 -15.22 -9.72 -0.62
CA ASN A 84 -14.35 -10.50 0.26
C ASN A 84 -12.93 -9.95 0.24
N LEU A 85 -12.04 -10.62 0.98
CA LEU A 85 -10.64 -10.20 1.06
C LEU A 85 -9.85 -10.74 -0.13
N TRP A 86 -10.50 -10.83 -1.28
CA TRP A 86 -9.85 -11.32 -2.49
C TRP A 86 -10.39 -10.63 -3.73
N TYR A 87 -9.52 -10.38 -4.69
CA TYR A 87 -9.92 -9.71 -5.93
C TYR A 87 -9.29 -10.39 -7.14
N LEU A 88 -10.13 -10.93 -8.02
CA LEU A 88 -9.65 -11.61 -9.22
C LEU A 88 -9.65 -10.66 -10.42
N PHE A 89 -8.46 -10.24 -10.84
CA PHE A 89 -8.33 -9.34 -11.98
C PHE A 89 -8.23 -10.12 -13.28
N THR A 90 -8.79 -9.55 -14.34
CA THR A 90 -8.77 -10.19 -15.66
C THR A 90 -8.57 -9.16 -16.76
N GLY A 91 -8.13 -9.64 -17.93
CA GLY A 91 -7.92 -8.75 -19.06
C GLY A 91 -6.56 -8.07 -19.01
N LEU A 92 -5.61 -8.70 -18.33
CA LEU A 92 -4.26 -8.16 -18.21
C LEU A 92 -3.43 -8.48 -19.45
N GLU A 93 -2.48 -7.60 -19.76
CA GLU A 93 -1.61 -7.78 -20.92
C GLU A 93 -0.54 -8.83 -20.63
N LYS A 94 -0.31 -9.72 -21.59
CA LYS A 94 0.69 -10.76 -21.45
C LYS A 94 2.09 -10.18 -21.50
N GLY A 95 3.03 -10.83 -20.81
CA GLY A 95 4.40 -10.36 -20.78
C GLY A 95 4.52 -8.94 -20.27
N SER A 96 4.12 -8.73 -19.02
CA SER A 96 4.17 -7.41 -18.40
C SER A 96 4.36 -7.51 -16.89
N GLN A 97 4.77 -6.41 -16.28
CA GLN A 97 4.99 -6.37 -14.84
C GLN A 97 3.93 -5.53 -14.15
N TYR A 98 3.37 -6.06 -13.07
CA TYR A 98 2.34 -5.35 -12.32
C TYR A 98 2.62 -5.41 -10.82
N SER A 99 2.27 -4.34 -10.11
CA SER A 99 2.49 -4.28 -8.67
C SER A 99 1.16 -4.22 -7.92
N PHE A 100 1.19 -4.58 -6.64
CA PHE A 100 -0.01 -4.57 -5.82
C PHE A 100 0.34 -4.40 -4.34
N GLN A 101 -0.60 -3.87 -3.57
CA GLN A 101 -0.40 -3.64 -2.15
C GLN A 101 -1.71 -3.76 -1.38
N VAL A 102 -1.73 -4.65 -0.40
CA VAL A 102 -2.92 -4.87 0.42
C VAL A 102 -2.83 -4.11 1.74
N SER A 103 -3.96 -3.59 2.20
CA SER A 103 -4.01 -2.84 3.45
C SER A 103 -5.38 -2.96 4.10
N ALA A 104 -5.39 -3.14 5.41
CA ALA A 104 -6.63 -3.27 6.17
C ALA A 104 -7.15 -1.90 6.61
N MET A 105 -8.34 -1.55 6.13
CA MET A 105 -8.96 -0.27 6.47
C MET A 105 -9.97 -0.44 7.60
N THR A 106 -10.06 0.56 8.47
CA THR A 106 -10.98 0.53 9.59
C THR A 106 -11.88 1.76 9.60
N VAL A 107 -12.81 1.81 10.56
CA VAL A 107 -13.72 2.93 10.68
C VAL A 107 -12.96 4.24 10.87
N ASN A 108 -11.67 4.13 11.18
CA ASN A 108 -10.84 5.31 11.41
C ASN A 108 -10.13 5.72 10.12
N GLY A 109 -9.20 4.87 9.67
CA GLY A 109 -8.46 5.16 8.46
C GLY A 109 -7.80 3.93 7.88
N THR A 110 -6.68 4.14 7.19
CA THR A 110 -5.94 3.03 6.58
C THR A 110 -4.64 2.76 7.32
N GLY A 111 -4.45 1.51 7.74
CA GLY A 111 -3.24 1.15 8.46
C GLY A 111 -2.00 1.28 7.60
N PRO A 112 -0.90 0.67 8.06
CA PRO A 112 0.38 0.71 7.33
C PRO A 112 0.35 -0.10 6.05
N PRO A 113 1.00 0.42 4.99
CA PRO A 113 1.05 -0.25 3.69
C PRO A 113 1.92 -1.50 3.72
N SER A 114 1.43 -2.57 3.10
CA SER A 114 2.15 -3.83 3.05
C SER A 114 3.22 -3.81 1.97
N ASN A 115 4.23 -4.65 2.12
CA ASN A 115 5.32 -4.74 1.15
C ASN A 115 4.78 -4.69 -0.27
N TRP A 116 5.44 -3.91 -1.12
CA TRP A 116 5.02 -3.77 -2.51
C TRP A 116 5.45 -4.99 -3.32
N TYR A 117 4.54 -5.96 -3.45
CA TYR A 117 4.83 -7.17 -4.20
C TYR A 117 4.55 -6.98 -5.69
N THR A 118 5.28 -7.70 -6.51
CA THR A 118 5.12 -7.61 -7.96
C THR A 118 4.92 -8.99 -8.58
N ALA A 119 4.13 -9.05 -9.64
CA ALA A 119 3.87 -10.30 -10.33
C ALA A 119 3.90 -10.12 -11.85
N GLU A 120 4.64 -10.99 -12.53
CA GLU A 120 4.77 -10.92 -13.98
C GLU A 120 3.89 -11.97 -14.64
N THR A 121 3.18 -11.57 -15.70
CA THR A 121 2.31 -12.49 -16.42
C THR A 121 3.08 -13.29 -17.47
N PRO A 122 2.71 -14.56 -17.63
CA PRO A 122 3.37 -15.45 -18.60
C PRO A 122 3.05 -15.08 -20.04
N GLU A 123 4.07 -14.61 -20.75
CA GLU A 123 3.90 -14.21 -22.15
C GLU A 123 2.99 -15.18 -22.89
N ASN A 124 3.14 -16.47 -22.59
CA ASN A 124 2.32 -17.50 -23.23
C ASN A 124 0.93 -17.54 -22.63
N GLY A 1 50.52 65.10 17.62
CA GLY A 1 49.32 64.44 18.09
C GLY A 1 48.94 63.24 17.24
N SER A 2 48.21 62.30 17.84
CA SER A 2 47.78 61.10 17.12
C SER A 2 46.67 60.39 17.88
N SER A 3 45.78 59.74 17.13
CA SER A 3 44.66 59.02 17.74
C SER A 3 44.00 58.09 16.72
N GLY A 4 43.07 57.26 17.19
CA GLY A 4 42.39 56.34 16.31
C GLY A 4 41.02 55.94 16.84
N SER A 5 40.32 55.12 16.07
CA SER A 5 38.98 54.67 16.47
C SER A 5 38.50 53.53 15.57
N SER A 6 37.91 52.51 16.18
CA SER A 6 37.41 51.36 15.42
C SER A 6 36.39 50.58 16.24
N GLY A 7 35.77 49.59 15.62
CA GLY A 7 34.79 48.78 16.30
C GLY A 7 33.94 47.97 15.34
N ASN A 8 33.82 46.67 15.62
CA ASN A 8 33.03 45.78 14.77
C ASN A 8 32.92 44.40 15.39
N ARG A 9 31.69 43.91 15.53
CA ARG A 9 31.45 42.60 16.11
C ARG A 9 29.97 42.21 15.99
N TYR A 10 29.70 41.13 15.26
CA TYR A 10 28.34 40.66 15.07
C TYR A 10 28.31 39.17 14.80
N GLY A 11 27.10 38.61 14.69
CA GLY A 11 26.96 37.20 14.42
C GLY A 11 25.55 36.70 14.63
N PRO A 12 24.64 37.09 13.72
CA PRO A 12 23.23 36.70 13.80
C PRO A 12 23.02 35.22 13.50
N GLY A 13 22.96 34.42 14.56
CA GLY A 13 22.77 32.98 14.40
C GLY A 13 21.68 32.45 15.30
N VAL A 14 20.48 32.29 14.75
CA VAL A 14 19.35 31.78 15.52
C VAL A 14 18.68 30.62 14.78
N SER A 15 18.39 29.55 15.52
CA SER A 15 17.75 28.37 14.95
C SER A 15 17.06 27.54 16.03
N THR A 16 15.74 27.49 15.98
CA THR A 16 14.96 26.73 16.95
C THR A 16 14.13 25.64 16.28
N ASP A 17 14.33 24.40 16.72
CA ASP A 17 13.61 23.27 16.15
C ASP A 17 12.79 22.56 17.23
N ASP A 18 11.48 22.75 17.20
CA ASP A 18 10.59 22.13 18.17
C ASP A 18 9.81 20.98 17.54
N ILE A 19 9.75 19.86 18.23
CA ILE A 19 9.02 18.69 17.73
C ILE A 19 8.16 18.07 18.82
N THR A 20 7.36 17.07 18.45
CA THR A 20 6.48 16.40 19.40
C THR A 20 6.28 14.94 19.00
N VAL A 21 5.74 14.16 19.93
CA VAL A 21 5.49 12.73 19.69
C VAL A 21 4.03 12.48 19.36
N VAL A 22 3.80 11.90 18.18
CA VAL A 22 2.45 11.60 17.73
C VAL A 22 2.13 10.10 17.88
N THR A 23 1.72 9.71 19.07
CA THR A 23 1.38 8.31 19.34
C THR A 23 -0.12 8.14 19.56
N LEU A 24 -0.86 9.23 19.48
CA LEU A 24 -2.31 9.19 19.66
C LEU A 24 -3.03 9.07 18.32
N SER A 25 -3.65 7.92 18.09
CA SER A 25 -4.37 7.67 16.85
C SER A 25 -5.35 6.51 17.01
N ASP A 26 -6.13 6.26 15.97
CA ASP A 26 -7.11 5.17 15.99
C ASP A 26 -7.03 4.35 14.71
N VAL A 27 -5.82 4.16 14.20
CA VAL A 27 -5.61 3.39 12.98
C VAL A 27 -4.59 2.29 13.19
N PRO A 28 -4.64 1.26 12.33
CA PRO A 28 -3.72 0.12 12.41
C PRO A 28 -2.30 0.49 12.01
N SER A 29 -1.37 0.35 12.96
CA SER A 29 0.02 0.68 12.71
C SER A 29 0.79 -0.53 12.19
N ALA A 30 0.04 -1.58 11.83
CA ALA A 30 0.66 -2.80 11.32
C ALA A 30 -0.06 -3.29 10.06
N PRO A 31 0.72 -3.77 9.09
CA PRO A 31 0.18 -4.26 7.81
C PRO A 31 -0.59 -5.58 7.98
N PRO A 32 -1.30 -5.99 6.92
CA PRO A 32 -2.09 -7.21 6.93
C PRO A 32 -1.22 -8.46 6.95
N GLN A 33 -1.84 -9.62 6.70
CA GLN A 33 -1.11 -10.88 6.70
C GLN A 33 -1.48 -11.71 5.48
N ASN A 34 -0.54 -12.52 5.01
CA ASN A 34 -0.77 -13.37 3.85
C ASN A 34 -0.91 -12.53 2.57
N VAL A 35 0.05 -11.63 2.37
CA VAL A 35 0.02 -10.76 1.19
C VAL A 35 0.92 -11.31 0.08
N SER A 36 0.33 -12.12 -0.79
CA SER A 36 1.07 -12.71 -1.90
C SER A 36 0.29 -12.58 -3.20
N LEU A 37 0.97 -12.89 -4.31
CA LEU A 37 0.33 -12.81 -5.62
C LEU A 37 0.34 -14.16 -6.31
N GLU A 38 -0.83 -14.58 -6.80
CA GLU A 38 -0.96 -15.86 -7.49
C GLU A 38 -1.27 -15.65 -8.97
N VAL A 39 -0.48 -16.29 -9.82
CA VAL A 39 -0.68 -16.17 -11.26
C VAL A 39 -1.71 -17.19 -11.76
N VAL A 40 -2.85 -16.69 -12.20
CA VAL A 40 -3.93 -17.55 -12.70
C VAL A 40 -3.81 -17.75 -14.21
N ASN A 41 -3.40 -16.68 -14.91
CA ASN A 41 -3.24 -16.74 -16.35
C ASN A 41 -2.38 -15.58 -16.85
N SER A 42 -2.11 -15.57 -18.16
CA SER A 42 -1.30 -14.53 -18.76
C SER A 42 -2.06 -13.19 -18.80
N ARG A 43 -3.35 -13.26 -18.53
CA ARG A 43 -4.20 -12.07 -18.55
C ARG A 43 -5.05 -11.98 -17.29
N SER A 44 -4.88 -12.97 -16.40
CA SER A 44 -5.63 -13.01 -15.15
C SER A 44 -4.71 -13.26 -13.97
N ILE A 45 -5.09 -12.74 -12.81
CA ILE A 45 -4.29 -12.92 -11.60
C ILE A 45 -5.17 -12.85 -10.35
N LYS A 46 -4.92 -13.76 -9.42
CA LYS A 46 -5.69 -13.81 -8.18
C LYS A 46 -4.94 -13.11 -7.05
N VAL A 47 -5.66 -12.29 -6.28
CA VAL A 47 -5.06 -11.56 -5.17
C VAL A 47 -5.82 -11.83 -3.87
N SER A 48 -5.13 -12.41 -2.89
CA SER A 48 -5.73 -12.72 -1.61
C SER A 48 -5.03 -11.95 -0.49
N TRP A 49 -5.67 -11.93 0.69
CA TRP A 49 -5.11 -11.23 1.84
C TRP A 49 -5.88 -11.58 3.11
N LEU A 50 -5.17 -11.60 4.24
CA LEU A 50 -5.79 -11.91 5.52
C LEU A 50 -5.77 -10.71 6.44
N PRO A 51 -6.68 -10.71 7.43
CA PRO A 51 -6.79 -9.61 8.40
C PRO A 51 -5.61 -9.57 9.37
N PRO A 52 -5.38 -8.41 9.98
CA PRO A 52 -4.28 -8.22 10.93
C PRO A 52 -4.52 -8.97 12.25
N PRO A 53 -3.48 -9.02 13.09
CA PRO A 53 -3.54 -9.70 14.38
C PRO A 53 -4.43 -8.98 15.37
N SER A 54 -5.34 -9.73 16.01
CA SER A 54 -6.26 -9.16 16.98
C SER A 54 -5.57 -8.07 17.82
N GLY A 55 -4.28 -8.27 18.07
CA GLY A 55 -3.52 -7.31 18.86
C GLY A 55 -3.54 -5.92 18.24
N THR A 56 -2.71 -5.72 17.22
CA THR A 56 -2.63 -4.43 16.55
C THR A 56 -3.98 -4.01 15.98
N GLN A 57 -4.83 -5.00 15.71
CA GLN A 57 -6.16 -4.73 15.17
C GLN A 57 -6.75 -3.47 15.77
N ASN A 58 -6.56 -2.34 15.08
CA ASN A 58 -7.07 -1.06 15.54
C ASN A 58 -8.58 -1.13 15.76
N GLY A 59 -9.28 -1.73 14.82
CA GLY A 59 -10.73 -1.85 14.93
C GLY A 59 -11.28 -2.95 14.04
N PHE A 60 -12.61 -3.00 13.93
CA PHE A 60 -13.27 -4.01 13.12
C PHE A 60 -13.08 -3.71 11.63
N ILE A 61 -12.10 -4.35 11.02
CA ILE A 61 -11.81 -4.16 9.61
C ILE A 61 -13.09 -4.11 8.79
N THR A 62 -13.40 -2.94 8.24
CA THR A 62 -14.61 -2.77 7.44
C THR A 62 -14.37 -3.19 5.99
N GLY A 63 -13.26 -2.73 5.42
CA GLY A 63 -12.94 -3.07 4.05
C GLY A 63 -11.44 -3.11 3.80
N TYR A 64 -11.06 -3.42 2.57
CA TYR A 64 -9.65 -3.50 2.20
C TYR A 64 -9.36 -2.63 0.97
N LYS A 65 -8.16 -2.06 0.94
CA LYS A 65 -7.75 -1.21 -0.18
C LYS A 65 -6.73 -1.92 -1.05
N ILE A 66 -7.03 -2.05 -2.34
CA ILE A 66 -6.12 -2.71 -3.28
C ILE A 66 -5.63 -1.73 -4.34
N ARG A 67 -4.36 -1.33 -4.23
CA ARG A 67 -3.76 -0.41 -5.18
C ARG A 67 -2.80 -1.13 -6.12
N HIS A 68 -3.08 -1.07 -7.42
CA HIS A 68 -2.24 -1.71 -8.41
C HIS A 68 -1.70 -0.70 -9.42
N ARG A 69 -0.38 -0.66 -9.58
CA ARG A 69 0.26 0.26 -10.50
C ARG A 69 0.95 -0.49 -11.64
N LYS A 70 1.37 0.25 -12.65
CA LYS A 70 2.04 -0.34 -13.80
C LYS A 70 3.45 0.23 -13.96
N THR A 71 4.42 -0.66 -14.13
CA THR A 71 5.81 -0.24 -14.31
C THR A 71 5.99 0.59 -15.57
N THR A 72 5.52 0.04 -16.69
CA THR A 72 5.63 0.73 -17.98
C THR A 72 4.86 2.05 -17.97
N ARG A 73 3.53 1.95 -17.86
CA ARG A 73 2.69 3.14 -17.83
C ARG A 73 2.72 3.80 -16.46
N ARG A 74 2.95 5.11 -16.44
CA ARG A 74 3.01 5.86 -15.20
C ARG A 74 1.60 6.23 -14.72
N GLY A 75 1.01 5.35 -13.90
CA GLY A 75 -0.32 5.60 -13.40
C GLY A 75 -0.68 4.67 -12.25
N GLU A 76 -1.61 5.12 -11.40
CA GLU A 76 -2.05 4.31 -10.26
C GLU A 76 -3.57 4.27 -10.18
N MET A 77 -4.09 3.17 -9.66
CA MET A 77 -5.53 3.01 -9.53
C MET A 77 -5.87 2.15 -8.31
N GLU A 78 -6.59 2.73 -7.35
CA GLU A 78 -6.98 2.02 -6.14
C GLU A 78 -8.36 1.38 -6.30
N THR A 79 -8.59 0.31 -5.56
CA THR A 79 -9.87 -0.40 -5.62
C THR A 79 -10.11 -1.22 -4.35
N LEU A 80 -11.31 -1.11 -3.79
CA LEU A 80 -11.66 -1.85 -2.59
C LEU A 80 -12.94 -2.64 -2.79
N GLU A 81 -12.96 -3.88 -2.30
CA GLU A 81 -14.13 -4.73 -2.42
C GLU A 81 -14.45 -5.40 -1.09
N PRO A 82 -15.47 -4.87 -0.39
CA PRO A 82 -15.90 -5.39 0.90
C PRO A 82 -16.58 -6.75 0.78
N ASN A 83 -16.88 -7.15 -0.45
CA ASN A 83 -17.54 -8.42 -0.70
C ASN A 83 -16.74 -9.57 -0.10
N ASN A 84 -15.50 -9.73 -0.55
CA ASN A 84 -14.63 -10.78 -0.04
C ASN A 84 -13.19 -10.28 0.12
N LEU A 85 -12.31 -11.17 0.57
CA LEU A 85 -10.90 -10.82 0.77
C LEU A 85 -10.08 -11.21 -0.44
N TRP A 86 -10.72 -11.31 -1.60
CA TRP A 86 -10.04 -11.68 -2.83
C TRP A 86 -10.51 -10.82 -3.99
N TYR A 87 -9.58 -10.48 -4.89
CA TYR A 87 -9.90 -9.65 -6.05
C TYR A 87 -9.16 -10.14 -7.28
N LEU A 88 -9.92 -10.63 -8.27
CA LEU A 88 -9.33 -11.13 -9.51
C LEU A 88 -9.28 -10.03 -10.57
N PHE A 89 -8.13 -9.89 -11.21
CA PHE A 89 -7.95 -8.88 -12.24
C PHE A 89 -7.72 -9.54 -13.60
N THR A 90 -8.62 -9.27 -14.54
CA THR A 90 -8.52 -9.83 -15.88
C THR A 90 -8.38 -8.74 -16.93
N GLY A 91 -7.73 -9.07 -18.04
CA GLY A 91 -7.54 -8.09 -19.10
C GLY A 91 -6.19 -7.41 -19.02
N LEU A 92 -5.15 -8.18 -18.74
CA LEU A 92 -3.80 -7.63 -18.63
C LEU A 92 -2.96 -7.99 -19.85
N GLU A 93 -1.79 -7.38 -19.96
CA GLU A 93 -0.90 -7.63 -21.08
C GLU A 93 0.06 -8.78 -20.76
N LYS A 94 0.37 -9.59 -21.77
CA LYS A 94 1.27 -10.72 -21.60
C LYS A 94 2.72 -10.26 -21.61
N GLY A 95 3.54 -10.87 -20.75
CA GLY A 95 4.94 -10.51 -20.68
C GLY A 95 5.16 -9.13 -20.10
N SER A 96 4.39 -8.80 -19.06
CA SER A 96 4.50 -7.48 -18.42
C SER A 96 4.57 -7.63 -16.91
N GLN A 97 4.90 -6.54 -16.24
CA GLN A 97 5.01 -6.54 -14.78
C GLN A 97 3.80 -5.86 -14.14
N TYR A 98 3.49 -6.24 -12.91
CA TYR A 98 2.35 -5.66 -12.20
C TYR A 98 2.56 -5.74 -10.68
N SER A 99 2.31 -4.64 -10.00
CA SER A 99 2.47 -4.59 -8.55
C SER A 99 1.12 -4.45 -7.86
N PHE A 100 1.01 -5.02 -6.66
CA PHE A 100 -0.22 -4.97 -5.89
C PHE A 100 0.05 -4.61 -4.43
N GLN A 101 -0.96 -4.10 -3.75
CA GLN A 101 -0.83 -3.71 -2.35
C GLN A 101 -2.14 -3.94 -1.60
N VAL A 102 -2.02 -4.39 -0.35
CA VAL A 102 -3.20 -4.65 0.47
C VAL A 102 -3.06 -3.97 1.84
N SER A 103 -4.09 -3.21 2.21
CA SER A 103 -4.09 -2.51 3.49
C SER A 103 -5.41 -2.71 4.23
N ALA A 104 -5.32 -3.03 5.51
CA ALA A 104 -6.52 -3.25 6.32
C ALA A 104 -7.09 -1.92 6.82
N MET A 105 -8.32 -1.64 6.40
CA MET A 105 -8.99 -0.39 6.80
C MET A 105 -9.98 -0.66 7.94
N THR A 106 -10.17 0.35 8.78
CA THR A 106 -11.10 0.23 9.90
C THR A 106 -12.12 1.36 9.90
N VAL A 107 -12.99 1.37 10.91
CA VAL A 107 -14.02 2.40 11.02
C VAL A 107 -13.39 3.77 11.27
N ASN A 108 -12.08 3.80 11.44
CA ASN A 108 -11.37 5.05 11.68
C ASN A 108 -10.62 5.50 10.44
N GLY A 109 -9.52 4.83 10.13
CA GLY A 109 -8.73 5.18 8.97
C GLY A 109 -8.09 3.98 8.31
N THR A 110 -6.93 4.17 7.70
CA THR A 110 -6.22 3.09 7.04
C THR A 110 -4.79 2.97 7.56
N GLY A 111 -4.28 1.74 7.59
CA GLY A 111 -2.93 1.50 8.08
C GLY A 111 -1.89 1.76 7.01
N PRO A 112 -0.61 1.59 7.38
CA PRO A 112 0.52 1.80 6.46
C PRO A 112 0.58 0.74 5.37
N PRO A 113 1.01 1.15 4.17
CA PRO A 113 1.13 0.25 3.02
C PRO A 113 2.26 -0.76 3.19
N SER A 114 1.92 -2.05 3.16
CA SER A 114 2.91 -3.11 3.31
C SER A 114 3.91 -3.08 2.16
N ASN A 115 4.88 -3.99 2.22
CA ASN A 115 5.91 -4.07 1.19
C ASN A 115 5.28 -4.28 -0.19
N TRP A 116 5.70 -3.48 -1.16
CA TRP A 116 5.17 -3.57 -2.52
C TRP A 116 5.56 -4.90 -3.15
N TYR A 117 4.55 -5.70 -3.51
CA TYR A 117 4.78 -7.00 -4.12
C TYR A 117 4.55 -6.94 -5.64
N THR A 118 5.45 -7.56 -6.39
CA THR A 118 5.34 -7.57 -7.84
C THR A 118 5.26 -9.00 -8.37
N ALA A 119 4.41 -9.21 -9.38
CA ALA A 119 4.26 -10.53 -9.98
C ALA A 119 4.23 -10.44 -11.50
N GLU A 120 5.02 -11.30 -12.14
CA GLU A 120 5.10 -11.32 -13.60
C GLU A 120 4.12 -12.34 -14.18
N THR A 121 3.61 -12.05 -15.38
CA THR A 121 2.67 -12.94 -16.05
C THR A 121 3.38 -13.84 -17.04
N PRO A 122 2.88 -15.08 -17.17
CA PRO A 122 3.45 -16.08 -18.09
C PRO A 122 3.21 -15.71 -19.55
N GLU A 123 4.30 -15.49 -20.28
CA GLU A 123 4.22 -15.14 -21.69
C GLU A 123 3.19 -16.01 -22.42
N ASN A 124 3.13 -17.28 -22.02
CA ASN A 124 2.19 -18.22 -22.63
C ASN A 124 0.95 -18.40 -21.75
N GLY A 1 -19.51 -11.96 -44.84
CA GLY A 1 -18.23 -11.60 -44.26
C GLY A 1 -18.38 -10.95 -42.90
N SER A 2 -17.25 -10.67 -42.25
CA SER A 2 -17.25 -10.04 -40.94
C SER A 2 -15.91 -9.37 -40.65
N SER A 3 -15.97 -8.21 -40.02
CA SER A 3 -14.76 -7.45 -39.68
C SER A 3 -15.07 -6.34 -38.70
N GLY A 4 -14.04 -5.85 -38.03
CA GLY A 4 -14.22 -4.78 -37.06
C GLY A 4 -12.95 -3.98 -36.83
N SER A 5 -13.05 -2.94 -36.02
CA SER A 5 -11.89 -2.09 -35.72
C SER A 5 -11.69 -1.93 -34.22
N SER A 6 -10.92 -2.83 -33.63
CA SER A 6 -10.65 -2.81 -32.20
C SER A 6 -10.56 -1.37 -31.70
N GLY A 7 -9.57 -0.64 -32.20
CA GLY A 7 -9.38 0.74 -31.80
C GLY A 7 -9.17 0.88 -30.30
N ASN A 8 -8.61 2.01 -29.88
CA ASN A 8 -8.35 2.26 -28.48
C ASN A 8 -7.87 3.70 -28.25
N ARG A 9 -8.72 4.50 -27.62
CA ARG A 9 -8.37 5.89 -27.35
C ARG A 9 -7.65 6.03 -26.01
N TYR A 10 -7.37 7.27 -25.62
CA TYR A 10 -6.69 7.53 -24.37
C TYR A 10 -7.40 8.62 -23.57
N GLY A 11 -6.85 8.96 -22.41
CA GLY A 11 -7.45 9.99 -21.57
C GLY A 11 -7.05 9.85 -20.11
N PRO A 12 -5.84 10.32 -19.78
CA PRO A 12 -5.32 10.26 -18.41
C PRO A 12 -6.06 11.21 -17.47
N GLY A 13 -5.51 11.37 -16.26
CA GLY A 13 -6.13 12.24 -15.28
C GLY A 13 -5.13 13.17 -14.62
N VAL A 14 -5.55 14.41 -14.37
CA VAL A 14 -4.68 15.39 -13.73
C VAL A 14 -4.99 15.51 -12.25
N SER A 15 -4.05 16.09 -11.50
CA SER A 15 -4.22 16.25 -10.06
C SER A 15 -3.07 17.06 -9.48
N THR A 16 -3.40 18.04 -8.64
CA THR A 16 -2.39 18.88 -8.01
C THR A 16 -1.85 18.24 -6.74
N ASP A 17 -2.70 18.10 -5.73
CA ASP A 17 -2.31 17.51 -4.46
C ASP A 17 -3.52 17.22 -3.59
N ASP A 18 -3.29 16.64 -2.43
CA ASP A 18 -4.37 16.31 -1.49
C ASP A 18 -3.90 16.44 -0.05
N ILE A 19 -4.54 17.34 0.69
CA ILE A 19 -4.18 17.56 2.09
C ILE A 19 -5.10 16.77 3.02
N THR A 20 -4.52 16.20 4.07
CA THR A 20 -5.29 15.42 5.04
C THR A 20 -4.96 15.83 6.46
N VAL A 21 -5.97 15.86 7.32
CA VAL A 21 -5.78 16.24 8.72
C VAL A 21 -5.55 15.01 9.59
N VAL A 22 -4.28 14.72 9.86
CA VAL A 22 -3.91 13.56 10.68
C VAL A 22 -3.43 14.01 12.05
N THR A 23 -4.37 14.36 12.92
CA THR A 23 -4.04 14.80 14.27
C THR A 23 -4.54 13.80 15.32
N LEU A 24 -4.91 12.62 14.87
CA LEU A 24 -5.41 11.57 15.76
C LEU A 24 -4.76 10.23 15.45
N SER A 25 -5.03 9.24 16.30
CA SER A 25 -4.47 7.91 16.11
C SER A 25 -5.59 6.86 16.02
N ASP A 26 -6.44 7.00 15.02
CA ASP A 26 -7.56 6.08 14.82
C ASP A 26 -7.22 5.06 13.72
N VAL A 27 -5.94 4.75 13.58
CA VAL A 27 -5.48 3.80 12.58
C VAL A 27 -4.65 2.69 13.21
N PRO A 28 -4.52 1.57 12.49
CA PRO A 28 -3.74 0.42 12.96
C PRO A 28 -2.24 0.69 12.97
N SER A 29 -1.47 -0.27 13.46
CA SER A 29 -0.02 -0.12 13.53
C SER A 29 0.68 -1.39 13.01
N ALA A 30 -0.04 -2.15 12.20
CA ALA A 30 0.50 -3.38 11.64
C ALA A 30 -0.18 -3.73 10.32
N PRO A 31 0.61 -4.22 9.35
CA PRO A 31 0.10 -4.59 8.03
C PRO A 31 -0.76 -5.84 8.08
N PRO A 32 -1.44 -6.14 6.96
CA PRO A 32 -2.32 -7.32 6.86
C PRO A 32 -1.54 -8.62 6.84
N GLN A 33 -2.24 -9.73 6.63
CA GLN A 33 -1.61 -11.04 6.59
C GLN A 33 -1.92 -11.76 5.28
N ASN A 34 -1.06 -12.71 4.91
CA ASN A 34 -1.25 -13.47 3.68
C ASN A 34 -1.21 -12.55 2.47
N VAL A 35 -0.21 -11.69 2.42
CA VAL A 35 -0.04 -10.75 1.31
C VAL A 35 0.86 -11.32 0.22
N SER A 36 0.27 -12.03 -0.72
CA SER A 36 1.03 -12.64 -1.82
C SER A 36 0.25 -12.56 -3.13
N LEU A 37 0.97 -12.60 -4.24
CA LEU A 37 0.36 -12.54 -5.55
C LEU A 37 0.28 -13.92 -6.20
N GLU A 38 -0.85 -14.21 -6.84
CA GLU A 38 -1.05 -15.50 -7.49
C GLU A 38 -1.49 -15.31 -8.93
N VAL A 39 -0.57 -15.59 -9.86
CA VAL A 39 -0.86 -15.45 -11.29
C VAL A 39 -1.63 -16.67 -11.81
N VAL A 40 -2.76 -16.41 -12.43
CA VAL A 40 -3.59 -17.47 -12.98
C VAL A 40 -3.53 -17.49 -14.50
N ASN A 41 -3.55 -16.31 -15.10
CA ASN A 41 -3.49 -16.19 -16.55
C ASN A 41 -2.63 -15.00 -16.97
N SER A 42 -2.23 -14.99 -18.23
CA SER A 42 -1.40 -13.90 -18.76
C SER A 42 -2.15 -12.57 -18.71
N ARG A 43 -3.46 -12.65 -18.56
CA ARG A 43 -4.29 -11.45 -18.50
C ARG A 43 -5.20 -11.48 -17.28
N SER A 44 -4.88 -12.34 -16.33
CA SER A 44 -5.68 -12.48 -15.11
C SER A 44 -4.79 -12.78 -13.91
N ILE A 45 -5.08 -12.13 -12.78
CA ILE A 45 -4.32 -12.33 -11.57
C ILE A 45 -5.20 -12.24 -10.34
N LYS A 46 -4.95 -13.12 -9.37
CA LYS A 46 -5.73 -13.13 -8.13
C LYS A 46 -4.92 -12.57 -6.97
N VAL A 47 -5.59 -11.79 -6.12
CA VAL A 47 -4.93 -11.18 -4.97
C VAL A 47 -5.76 -11.37 -3.70
N SER A 48 -5.19 -12.09 -2.74
CA SER A 48 -5.89 -12.36 -1.47
C SER A 48 -5.16 -11.67 -0.31
N TRP A 49 -5.76 -11.77 0.88
CA TRP A 49 -5.17 -11.16 2.06
C TRP A 49 -5.92 -11.59 3.32
N LEU A 50 -5.45 -11.13 4.47
CA LEU A 50 -6.09 -11.47 5.75
C LEU A 50 -5.91 -10.33 6.75
N PRO A 51 -6.81 -10.29 7.75
CA PRO A 51 -6.78 -9.28 8.81
C PRO A 51 -5.58 -9.44 9.74
N PRO A 52 -5.15 -8.33 10.35
CA PRO A 52 -4.02 -8.33 11.28
C PRO A 52 -4.34 -9.04 12.59
N PRO A 53 -3.31 -9.28 13.41
CA PRO A 53 -3.45 -9.95 14.70
C PRO A 53 -4.19 -9.08 15.73
N SER A 54 -5.27 -9.63 16.28
CA SER A 54 -6.06 -8.90 17.27
C SER A 54 -5.16 -8.03 18.16
N GLY A 55 -5.63 -6.83 18.46
CA GLY A 55 -4.86 -5.92 19.30
C GLY A 55 -4.43 -4.67 18.55
N THR A 56 -4.04 -4.84 17.29
CA THR A 56 -3.61 -3.71 16.47
C THR A 56 -4.78 -3.09 15.72
N GLN A 57 -5.83 -3.89 15.52
CA GLN A 57 -7.01 -3.41 14.82
C GLN A 57 -8.06 -2.91 15.80
N ASN A 58 -7.68 -1.95 16.62
CA ASN A 58 -8.59 -1.38 17.61
C ASN A 58 -9.81 -0.78 16.93
N GLY A 59 -9.75 -0.62 15.61
CA GLY A 59 -10.85 -0.06 14.87
C GLY A 59 -11.56 -1.09 14.01
N PHE A 60 -12.86 -1.24 14.22
CA PHE A 60 -13.65 -2.20 13.47
C PHE A 60 -13.18 -2.27 12.01
N ILE A 61 -13.07 -3.48 11.48
CA ILE A 61 -12.63 -3.68 10.11
C ILE A 61 -13.77 -3.41 9.12
N THR A 62 -13.47 -2.64 8.09
CA THR A 62 -14.48 -2.31 7.08
C THR A 62 -14.16 -3.00 5.75
N GLY A 63 -12.89 -3.00 5.38
CA GLY A 63 -12.47 -3.63 4.14
C GLY A 63 -10.97 -3.58 3.94
N TYR A 64 -10.55 -3.64 2.67
CA TYR A 64 -9.13 -3.59 2.34
C TYR A 64 -8.89 -2.81 1.06
N LYS A 65 -7.85 -1.97 1.07
CA LYS A 65 -7.52 -1.16 -0.10
C LYS A 65 -6.48 -1.86 -0.95
N ILE A 66 -6.83 -2.15 -2.21
CA ILE A 66 -5.92 -2.82 -3.12
C ILE A 66 -5.44 -1.86 -4.20
N ARG A 67 -4.16 -1.49 -4.13
CA ARG A 67 -3.57 -0.58 -5.10
C ARG A 67 -2.67 -1.33 -6.08
N HIS A 68 -3.07 -1.34 -7.35
CA HIS A 68 -2.31 -2.03 -8.39
C HIS A 68 -1.77 -1.03 -9.42
N ARG A 69 -0.61 -1.34 -9.97
CA ARG A 69 0.02 -0.47 -10.96
C ARG A 69 1.20 -1.17 -11.63
N LYS A 70 1.63 -0.64 -12.77
CA LYS A 70 2.75 -1.21 -13.51
C LYS A 70 4.04 -0.45 -13.21
N THR A 71 5.13 -1.19 -13.09
CA THR A 71 6.44 -0.60 -12.80
C THR A 71 6.75 0.53 -13.78
N THR A 72 6.51 0.27 -15.06
CA THR A 72 6.77 1.26 -16.10
C THR A 72 5.56 2.17 -16.31
N ARG A 73 4.52 1.62 -16.90
CA ARG A 73 3.30 2.38 -17.16
C ARG A 73 2.57 2.70 -15.86
N ARG A 74 3.06 3.71 -15.16
CA ARG A 74 2.45 4.12 -13.89
C ARG A 74 0.95 4.39 -14.06
N GLY A 75 0.21 4.29 -12.96
CA GLY A 75 -1.22 4.53 -13.02
C GLY A 75 -1.95 3.95 -11.82
N GLU A 76 -1.54 4.37 -10.62
CA GLU A 76 -2.16 3.87 -9.39
C GLU A 76 -3.66 3.72 -9.56
N MET A 77 -4.18 2.55 -9.22
CA MET A 77 -5.60 2.27 -9.34
C MET A 77 -6.16 1.69 -8.04
N GLU A 78 -7.11 2.38 -7.44
CA GLU A 78 -7.72 1.93 -6.20
C GLU A 78 -8.95 1.06 -6.47
N THR A 79 -9.03 -0.06 -5.77
CA THR A 79 -10.15 -0.98 -5.94
C THR A 79 -10.30 -1.90 -4.72
N LEU A 80 -11.36 -1.68 -3.96
CA LEU A 80 -11.61 -2.48 -2.77
C LEU A 80 -12.91 -3.28 -2.92
N GLU A 81 -12.90 -4.52 -2.43
CA GLU A 81 -14.07 -5.38 -2.51
C GLU A 81 -14.45 -5.92 -1.13
N PRO A 82 -15.62 -5.48 -0.63
CA PRO A 82 -16.12 -5.90 0.68
C PRO A 82 -16.55 -7.37 0.70
N ASN A 83 -17.15 -7.82 -0.39
CA ASN A 83 -17.60 -9.20 -0.50
C ASN A 83 -16.62 -10.14 0.19
N ASN A 84 -15.43 -10.25 -0.37
CA ASN A 84 -14.39 -11.11 0.18
C ASN A 84 -13.04 -10.40 0.22
N LEU A 85 -12.02 -11.12 0.66
CA LEU A 85 -10.67 -10.56 0.74
C LEU A 85 -9.84 -10.92 -0.48
N TRP A 86 -10.52 -11.33 -1.54
CA TRP A 86 -9.85 -11.71 -2.78
C TRP A 86 -10.44 -10.97 -3.97
N TYR A 87 -9.58 -10.61 -4.92
CA TYR A 87 -10.02 -9.89 -6.11
C TYR A 87 -9.32 -10.42 -7.36
N LEU A 88 -10.10 -10.97 -8.28
CA LEU A 88 -9.56 -11.52 -9.52
C LEU A 88 -9.60 -10.48 -10.63
N PHE A 89 -8.43 -9.96 -10.99
CA PHE A 89 -8.33 -8.96 -12.04
C PHE A 89 -8.25 -9.62 -13.41
N THR A 90 -8.79 -8.94 -14.42
CA THR A 90 -8.78 -9.46 -15.78
C THR A 90 -8.64 -8.34 -16.81
N GLY A 91 -7.77 -8.54 -17.79
CA GLY A 91 -7.55 -7.54 -18.82
C GLY A 91 -6.15 -6.97 -18.79
N LEU A 92 -5.19 -7.81 -18.40
CA LEU A 92 -3.79 -7.39 -18.33
C LEU A 92 -3.04 -7.78 -19.59
N GLU A 93 -1.75 -7.44 -19.64
CA GLU A 93 -0.92 -7.77 -20.80
C GLU A 93 -0.09 -9.02 -20.54
N LYS A 94 0.60 -9.48 -21.56
CA LYS A 94 1.45 -10.67 -21.46
C LYS A 94 2.91 -10.28 -21.27
N GLY A 95 3.71 -11.24 -20.82
CA GLY A 95 5.13 -10.99 -20.61
C GLY A 95 5.40 -9.57 -20.12
N SER A 96 4.81 -9.23 -18.98
CA SER A 96 4.98 -7.90 -18.40
C SER A 96 5.12 -7.98 -16.88
N GLN A 97 5.42 -6.85 -16.27
CA GLN A 97 5.58 -6.79 -14.82
C GLN A 97 4.51 -5.91 -14.18
N TYR A 98 3.91 -6.40 -13.10
CA TYR A 98 2.87 -5.66 -12.40
C TYR A 98 3.15 -5.61 -10.90
N SER A 99 2.46 -4.72 -10.20
CA SER A 99 2.63 -4.55 -8.77
C SER A 99 1.29 -4.37 -8.08
N PHE A 100 1.25 -4.66 -6.77
CA PHE A 100 0.02 -4.52 -6.00
C PHE A 100 0.34 -4.25 -4.53
N GLN A 101 -0.70 -4.04 -3.73
CA GLN A 101 -0.53 -3.78 -2.31
C GLN A 101 -1.86 -3.93 -1.56
N VAL A 102 -1.79 -4.49 -0.37
CA VAL A 102 -2.99 -4.69 0.45
C VAL A 102 -2.88 -3.94 1.77
N SER A 103 -3.94 -3.22 2.12
CA SER A 103 -3.97 -2.46 3.36
C SER A 103 -5.29 -2.66 4.10
N ALA A 104 -5.19 -2.94 5.40
CA ALA A 104 -6.38 -3.17 6.22
C ALA A 104 -7.05 -1.84 6.58
N MET A 105 -8.30 -1.69 6.16
CA MET A 105 -9.06 -0.47 6.44
C MET A 105 -9.90 -0.64 7.69
N THR A 106 -9.85 0.34 8.58
CA THR A 106 -10.62 0.30 9.82
C THR A 106 -11.79 1.29 9.78
N VAL A 107 -12.50 1.39 10.89
CA VAL A 107 -13.65 2.30 10.98
C VAL A 107 -13.22 3.75 10.78
N ASN A 108 -11.90 3.98 10.78
CA ASN A 108 -11.36 5.31 10.60
C ASN A 108 -10.91 5.53 9.16
N GLY A 109 -9.85 4.81 8.76
CA GLY A 109 -9.34 4.93 7.42
C GLY A 109 -8.45 3.76 7.02
N THR A 110 -7.57 3.99 6.06
CA THR A 110 -6.67 2.95 5.58
C THR A 110 -5.39 2.92 6.42
N GLY A 111 -5.04 1.75 6.93
CA GLY A 111 -3.85 1.60 7.74
C GLY A 111 -2.58 1.75 6.93
N PRO A 112 -1.46 1.25 7.47
CA PRO A 112 -0.15 1.32 6.80
C PRO A 112 -0.08 0.42 5.57
N PRO A 113 0.44 0.97 4.47
CA PRO A 113 0.58 0.22 3.21
C PRO A 113 1.65 -0.86 3.29
N SER A 114 1.24 -2.10 3.04
CA SER A 114 2.16 -3.23 3.09
C SER A 114 3.21 -3.13 1.99
N ASN A 115 4.12 -4.10 1.94
CA ASN A 115 5.17 -4.12 0.94
C ASN A 115 4.59 -4.22 -0.46
N TRP A 116 5.11 -3.43 -1.39
CA TRP A 116 4.63 -3.44 -2.76
C TRP A 116 5.10 -4.69 -3.49
N TYR A 117 4.24 -5.71 -3.53
CA TYR A 117 4.57 -6.96 -4.19
C TYR A 117 4.47 -6.82 -5.70
N THR A 118 5.34 -7.53 -6.42
CA THR A 118 5.36 -7.48 -7.87
C THR A 118 5.11 -8.86 -8.46
N ALA A 119 4.25 -8.91 -9.48
CA ALA A 119 3.93 -10.18 -10.14
C ALA A 119 4.17 -10.09 -11.65
N GLU A 120 4.87 -11.08 -12.19
CA GLU A 120 5.17 -11.11 -13.61
C GLU A 120 4.27 -12.12 -14.33
N THR A 121 3.50 -11.64 -15.30
CA THR A 121 2.61 -12.49 -16.07
C THR A 121 3.38 -13.42 -16.99
N PRO A 122 2.88 -14.65 -17.16
CA PRO A 122 3.51 -15.65 -18.02
C PRO A 122 3.40 -15.30 -19.49
N GLU A 123 4.55 -15.17 -20.16
CA GLU A 123 4.58 -14.83 -21.59
C GLU A 123 3.63 -15.73 -22.37
N ASN A 124 3.44 -16.95 -21.89
CA ASN A 124 2.57 -17.91 -22.55
C ASN A 124 1.30 -18.16 -21.71
N GLY A 1 54.00 23.41 -36.54
CA GLY A 1 53.30 22.67 -35.50
C GLY A 1 52.63 23.59 -34.51
N SER A 2 51.60 23.07 -33.83
CA SER A 2 50.86 23.85 -32.85
C SER A 2 49.90 22.97 -32.06
N SER A 3 50.20 22.74 -30.79
CA SER A 3 49.37 21.91 -29.94
C SER A 3 48.85 22.71 -28.73
N GLY A 4 47.85 22.17 -28.06
CA GLY A 4 47.28 22.83 -26.91
C GLY A 4 46.81 21.86 -25.84
N SER A 5 45.94 22.34 -24.96
CA SER A 5 45.42 21.50 -23.88
C SER A 5 44.35 22.24 -23.08
N SER A 6 43.74 21.54 -22.12
CA SER A 6 42.70 22.13 -21.30
C SER A 6 42.31 21.19 -20.17
N GLY A 7 41.39 21.65 -19.32
CA GLY A 7 40.93 20.84 -18.20
C GLY A 7 39.73 21.43 -17.50
N ASN A 8 39.28 20.76 -16.44
CA ASN A 8 38.13 21.23 -15.68
C ASN A 8 37.97 20.43 -14.39
N ARG A 9 36.94 20.76 -13.62
CA ARG A 9 36.67 20.07 -12.36
C ARG A 9 35.33 20.52 -11.77
N TYR A 10 34.54 19.55 -11.34
CA TYR A 10 33.23 19.85 -10.75
C TYR A 10 32.91 18.87 -9.62
N GLY A 11 31.89 19.21 -8.83
CA GLY A 11 31.51 18.36 -7.72
C GLY A 11 30.28 18.87 -7.00
N PRO A 12 29.09 18.53 -7.53
CA PRO A 12 27.81 18.95 -6.95
C PRO A 12 27.53 18.27 -5.62
N GLY A 13 26.36 18.56 -5.04
CA GLY A 13 26.00 17.97 -3.76
C GLY A 13 24.60 17.39 -3.78
N VAL A 14 24.41 16.28 -3.07
CA VAL A 14 23.11 15.62 -3.01
C VAL A 14 22.80 15.17 -1.58
N SER A 15 21.54 15.36 -1.18
CA SER A 15 21.11 14.98 0.16
C SER A 15 19.64 14.60 0.18
N THR A 16 19.21 13.95 1.24
CA THR A 16 17.81 13.53 1.37
C THR A 16 17.03 14.52 2.22
N ASP A 17 17.57 14.87 3.38
CA ASP A 17 16.92 15.82 4.28
C ASP A 17 15.44 15.45 4.47
N ASP A 18 15.16 14.16 4.56
CA ASP A 18 13.80 13.69 4.74
C ASP A 18 13.57 13.21 6.18
N ILE A 19 12.69 13.90 6.89
CA ILE A 19 12.37 13.54 8.27
C ILE A 19 10.88 13.35 8.47
N THR A 20 10.52 12.46 9.39
CA THR A 20 9.13 12.17 9.67
C THR A 20 8.87 12.11 11.17
N VAL A 21 7.92 12.92 11.64
CA VAL A 21 7.57 12.96 13.05
C VAL A 21 7.12 11.59 13.56
N VAL A 22 7.07 11.45 14.87
CA VAL A 22 6.65 10.19 15.48
C VAL A 22 5.30 10.34 16.17
N THR A 23 4.23 10.08 15.42
CA THR A 23 2.88 10.18 15.96
C THR A 23 2.01 9.01 15.51
N LEU A 24 1.08 8.60 16.36
CA LEU A 24 0.20 7.49 16.04
C LEU A 24 -1.25 7.85 16.36
N SER A 25 -2.16 7.52 15.44
CA SER A 25 -3.57 7.80 15.62
C SER A 25 -4.38 6.52 15.73
N ASP A 26 -5.70 6.66 15.79
CA ASP A 26 -6.59 5.51 15.89
C ASP A 26 -6.22 4.45 14.86
N VAL A 27 -5.93 4.88 13.65
CA VAL A 27 -5.55 3.96 12.57
C VAL A 27 -4.54 2.95 13.05
N PRO A 28 -4.53 1.77 12.41
CA PRO A 28 -3.61 0.69 12.76
C PRO A 28 -2.16 1.00 12.36
N SER A 29 -1.22 0.35 13.02
CA SER A 29 0.19 0.57 12.74
C SER A 29 0.86 -0.72 12.27
N ALA A 30 0.05 -1.74 12.01
CA ALA A 30 0.56 -3.03 11.55
C ALA A 30 -0.06 -3.41 10.21
N PRO A 31 0.80 -3.84 9.27
CA PRO A 31 0.36 -4.25 7.93
C PRO A 31 -0.42 -5.56 7.95
N PRO A 32 -1.07 -5.88 6.82
CA PRO A 32 -1.85 -7.11 6.68
C PRO A 32 -0.99 -8.36 6.67
N GLN A 33 -1.64 -9.52 6.59
CA GLN A 33 -0.92 -10.79 6.56
C GLN A 33 -1.32 -11.62 5.34
N ASN A 34 -0.63 -12.73 5.14
CA ASN A 34 -0.90 -13.60 4.00
C ASN A 34 -0.96 -12.82 2.70
N VAL A 35 -0.09 -11.82 2.58
CA VAL A 35 -0.05 -10.98 1.39
C VAL A 35 0.80 -11.63 0.30
N SER A 36 0.15 -12.42 -0.56
CA SER A 36 0.85 -13.11 -1.63
C SER A 36 0.06 -13.00 -2.93
N LEU A 37 0.70 -13.37 -4.04
CA LEU A 37 0.06 -13.32 -5.35
C LEU A 37 0.10 -14.68 -6.03
N GLU A 38 -0.93 -14.99 -6.81
CA GLU A 38 -1.01 -16.26 -7.52
C GLU A 38 -1.37 -16.04 -8.98
N VAL A 39 -0.39 -16.23 -9.86
CA VAL A 39 -0.60 -16.05 -11.29
C VAL A 39 -1.54 -17.13 -11.84
N VAL A 40 -2.75 -16.72 -12.22
CA VAL A 40 -3.73 -17.65 -12.76
C VAL A 40 -3.59 -17.77 -14.27
N ASN A 41 -3.47 -16.63 -14.94
CA ASN A 41 -3.34 -16.60 -16.39
C ASN A 41 -2.46 -15.43 -16.84
N SER A 42 -2.28 -15.30 -18.15
CA SER A 42 -1.47 -14.23 -18.71
C SER A 42 -2.25 -12.91 -18.73
N ARG A 43 -3.56 -13.00 -18.51
CA ARG A 43 -4.41 -11.82 -18.50
C ARG A 43 -5.28 -11.79 -17.25
N SER A 44 -5.06 -12.75 -16.36
CA SER A 44 -5.82 -12.83 -15.12
C SER A 44 -4.92 -13.21 -13.95
N ILE A 45 -5.06 -12.48 -12.84
CA ILE A 45 -4.26 -12.73 -11.66
C ILE A 45 -5.12 -12.65 -10.39
N LYS A 46 -4.92 -13.60 -9.49
CA LYS A 46 -5.66 -13.64 -8.24
C LYS A 46 -4.85 -13.01 -7.10
N VAL A 47 -5.51 -12.20 -6.28
CA VAL A 47 -4.86 -11.54 -5.17
C VAL A 47 -5.66 -11.72 -3.88
N SER A 48 -5.05 -12.37 -2.89
CA SER A 48 -5.71 -12.60 -1.61
C SER A 48 -4.92 -11.97 -0.47
N TRP A 49 -5.58 -11.82 0.68
CA TRP A 49 -4.94 -11.21 1.85
C TRP A 49 -5.64 -11.66 3.13
N LEU A 50 -5.16 -11.15 4.26
CA LEU A 50 -5.75 -11.50 5.56
C LEU A 50 -5.59 -10.33 6.54
N PRO A 51 -6.45 -10.33 7.57
CA PRO A 51 -6.43 -9.27 8.60
C PRO A 51 -5.21 -9.38 9.50
N PRO A 52 -4.89 -8.27 10.19
CA PRO A 52 -3.74 -8.21 11.10
C PRO A 52 -3.94 -9.06 12.36
N PRO A 53 -2.86 -9.28 13.10
CA PRO A 53 -2.90 -10.06 14.34
C PRO A 53 -3.65 -9.35 15.46
N SER A 54 -4.07 -10.11 16.46
CA SER A 54 -4.79 -9.56 17.60
C SER A 54 -4.02 -8.40 18.22
N GLY A 55 -4.71 -7.63 19.07
CA GLY A 55 -4.07 -6.50 19.71
C GLY A 55 -3.92 -5.31 18.80
N THR A 56 -2.88 -5.34 17.96
CA THR A 56 -2.62 -4.26 17.02
C THR A 56 -3.92 -3.66 16.50
N GLN A 57 -4.92 -4.52 16.28
CA GLN A 57 -6.21 -4.08 15.78
C GLN A 57 -6.82 -3.02 16.70
N ASN A 58 -6.97 -1.81 16.18
CA ASN A 58 -7.54 -0.71 16.95
C ASN A 58 -9.03 -0.57 16.67
N GLY A 59 -9.38 -0.52 15.39
CA GLY A 59 -10.78 -0.38 15.01
C GLY A 59 -11.34 -1.64 14.38
N PHE A 60 -12.65 -1.66 14.15
CA PHE A 60 -13.30 -2.82 13.55
C PHE A 60 -13.13 -2.82 12.04
N ILE A 61 -12.30 -3.71 11.53
CA ILE A 61 -12.05 -3.82 10.10
C ILE A 61 -13.35 -4.04 9.33
N THR A 62 -13.58 -3.22 8.31
CA THR A 62 -14.79 -3.32 7.50
C THR A 62 -14.47 -3.89 6.13
N GLY A 63 -13.39 -3.41 5.52
CA GLY A 63 -13.00 -3.89 4.21
C GLY A 63 -11.50 -3.81 3.99
N TYR A 64 -11.09 -3.60 2.74
CA TYR A 64 -9.69 -3.50 2.40
C TYR A 64 -9.48 -2.65 1.15
N LYS A 65 -8.23 -2.25 0.91
CA LYS A 65 -7.90 -1.43 -0.26
C LYS A 65 -6.79 -2.08 -1.08
N ILE A 66 -7.02 -2.19 -2.38
CA ILE A 66 -6.04 -2.79 -3.28
C ILE A 66 -5.46 -1.76 -4.24
N ARG A 67 -4.18 -1.46 -4.07
CA ARG A 67 -3.50 -0.48 -4.92
C ARG A 67 -2.65 -1.18 -5.98
N HIS A 68 -3.06 -1.04 -7.24
CA HIS A 68 -2.35 -1.66 -8.35
C HIS A 68 -1.95 -0.61 -9.38
N ARG A 69 -0.72 -0.71 -9.87
CA ARG A 69 -0.20 0.23 -10.85
C ARG A 69 0.76 -0.46 -11.82
N LYS A 70 0.77 0.00 -13.07
CA LYS A 70 1.65 -0.57 -14.09
C LYS A 70 2.99 0.14 -14.11
N THR A 71 4.07 -0.63 -14.13
CA THR A 71 5.41 -0.07 -14.16
C THR A 71 5.50 1.09 -15.13
N THR A 72 5.30 2.31 -14.60
CA THR A 72 5.36 3.50 -15.42
C THR A 72 5.56 4.75 -14.57
N ARG A 73 6.04 5.83 -15.18
CA ARG A 73 6.28 7.07 -14.47
C ARG A 73 5.09 7.43 -13.59
N ARG A 74 3.94 7.68 -14.21
CA ARG A 74 2.73 8.03 -13.48
C ARG A 74 1.52 7.28 -14.04
N GLY A 75 0.76 6.66 -13.14
CA GLY A 75 -0.42 5.92 -13.56
C GLY A 75 -0.91 4.97 -12.50
N GLU A 76 -1.07 5.48 -11.28
CA GLU A 76 -1.54 4.67 -10.16
C GLU A 76 -3.06 4.52 -10.20
N MET A 77 -3.58 3.65 -9.33
CA MET A 77 -5.02 3.42 -9.26
C MET A 77 -5.38 2.55 -8.07
N GLU A 78 -6.41 2.94 -7.33
CA GLU A 78 -6.86 2.20 -6.17
C GLU A 78 -8.22 1.56 -6.41
N THR A 79 -8.48 0.45 -5.72
CA THR A 79 -9.74 -0.26 -5.86
C THR A 79 -10.02 -1.13 -4.63
N LEU A 80 -11.12 -0.83 -3.94
CA LEU A 80 -11.49 -1.59 -2.75
C LEU A 80 -12.71 -2.46 -3.03
N GLU A 81 -12.68 -3.69 -2.54
CA GLU A 81 -13.78 -4.63 -2.73
C GLU A 81 -14.15 -5.31 -1.42
N PRO A 82 -15.24 -4.84 -0.80
CA PRO A 82 -15.73 -5.39 0.47
C PRO A 82 -16.31 -6.79 0.31
N ASN A 83 -16.69 -7.13 -0.91
CA ASN A 83 -17.26 -8.44 -1.20
C ASN A 83 -16.45 -9.54 -0.53
N ASN A 84 -15.25 -9.78 -1.03
CA ASN A 84 -14.37 -10.81 -0.48
C ASN A 84 -12.99 -10.24 -0.19
N LEU A 85 -12.16 -11.03 0.47
CA LEU A 85 -10.80 -10.62 0.82
C LEU A 85 -9.85 -10.85 -0.34
N TRP A 86 -10.41 -11.06 -1.53
CA TRP A 86 -9.60 -11.29 -2.72
C TRP A 86 -10.21 -10.60 -3.94
N TYR A 87 -9.38 -10.29 -4.92
CA TYR A 87 -9.83 -9.62 -6.13
C TYR A 87 -9.25 -10.29 -7.37
N LEU A 88 -10.12 -10.79 -8.24
CA LEU A 88 -9.69 -11.46 -9.47
C LEU A 88 -9.75 -10.49 -10.65
N PHE A 89 -8.57 -10.09 -11.13
CA PHE A 89 -8.48 -9.17 -12.26
C PHE A 89 -8.41 -9.93 -13.57
N THR A 90 -9.01 -9.37 -14.61
CA THR A 90 -9.02 -9.99 -15.93
C THR A 90 -8.76 -8.97 -17.03
N GLY A 91 -7.95 -9.36 -18.01
CA GLY A 91 -7.64 -8.46 -19.11
C GLY A 91 -6.34 -7.70 -18.88
N LEU A 92 -5.29 -8.42 -18.54
CA LEU A 92 -3.98 -7.81 -18.30
C LEU A 92 -3.02 -8.09 -19.45
N GLU A 93 -1.97 -7.29 -19.54
CA GLU A 93 -0.97 -7.45 -20.59
C GLU A 93 -0.06 -8.64 -20.30
N LYS A 94 0.31 -9.37 -21.36
CA LYS A 94 1.18 -10.53 -21.21
C LYS A 94 2.63 -10.10 -21.03
N GLY A 95 3.43 -10.98 -20.44
CA GLY A 95 4.83 -10.67 -20.21
C GLY A 95 5.05 -9.23 -19.80
N SER A 96 4.46 -8.84 -18.68
CA SER A 96 4.59 -7.49 -18.17
C SER A 96 4.68 -7.48 -16.65
N GLN A 97 5.17 -6.38 -16.10
CA GLN A 97 5.31 -6.25 -14.65
C GLN A 97 4.06 -5.64 -14.03
N TYR A 98 3.68 -6.13 -12.86
CA TYR A 98 2.51 -5.64 -12.16
C TYR A 98 2.69 -5.70 -10.65
N SER A 99 2.57 -4.56 -9.99
CA SER A 99 2.73 -4.48 -8.55
C SER A 99 1.37 -4.32 -7.86
N PHE A 100 1.17 -5.07 -6.78
CA PHE A 100 -0.08 -5.01 -6.03
C PHE A 100 0.18 -4.71 -4.56
N GLN A 101 -0.74 -3.99 -3.93
CA GLN A 101 -0.61 -3.64 -2.52
C GLN A 101 -1.95 -3.76 -1.80
N VAL A 102 -1.91 -4.26 -0.57
CA VAL A 102 -3.12 -4.42 0.23
C VAL A 102 -3.01 -3.67 1.55
N SER A 103 -4.13 -3.14 2.02
CA SER A 103 -4.17 -2.39 3.27
C SER A 103 -5.48 -2.63 4.01
N ALA A 104 -5.39 -2.82 5.32
CA ALA A 104 -6.57 -3.06 6.15
C ALA A 104 -7.25 -1.74 6.53
N MET A 105 -8.57 -1.70 6.36
CA MET A 105 -9.34 -0.50 6.69
C MET A 105 -10.20 -0.72 7.93
N THR A 106 -10.14 0.21 8.86
CA THR A 106 -10.91 0.11 10.09
C THR A 106 -11.94 1.24 10.19
N VAL A 107 -12.97 1.04 11.00
CA VAL A 107 -14.01 2.03 11.18
C VAL A 107 -13.42 3.44 11.24
N ASN A 108 -12.19 3.54 11.74
CA ASN A 108 -11.51 4.82 11.85
C ASN A 108 -11.14 5.37 10.48
N GLY A 109 -10.12 4.77 9.87
CA GLY A 109 -9.67 5.21 8.56
C GLY A 109 -9.12 4.07 7.73
N THR A 110 -7.93 4.28 7.16
CA THR A 110 -7.30 3.27 6.33
C THR A 110 -5.92 2.90 6.88
N GLY A 111 -5.75 1.63 7.23
CA GLY A 111 -4.47 1.17 7.76
C GLY A 111 -3.36 1.27 6.74
N PRO A 112 -2.11 1.16 7.22
CA PRO A 112 -0.93 1.23 6.36
C PRO A 112 -0.78 0.01 5.46
N PRO A 113 -0.33 0.23 4.21
CA PRO A 113 -0.15 -0.84 3.24
C PRO A 113 1.02 -1.76 3.60
N SER A 114 1.33 -2.70 2.71
CA SER A 114 2.41 -3.65 2.93
C SER A 114 3.46 -3.53 1.84
N ASN A 115 4.57 -4.24 2.02
CA ASN A 115 5.65 -4.22 1.04
C ASN A 115 5.10 -4.27 -0.38
N TRP A 116 5.66 -3.44 -1.26
CA TRP A 116 5.23 -3.39 -2.65
C TRP A 116 5.58 -4.69 -3.37
N TYR A 117 4.65 -5.64 -3.35
CA TYR A 117 4.86 -6.93 -4.00
C TYR A 117 4.62 -6.82 -5.50
N THR A 118 5.44 -7.51 -6.28
CA THR A 118 5.33 -7.50 -7.74
C THR A 118 5.23 -8.91 -8.29
N ALA A 119 4.46 -9.06 -9.38
CA ALA A 119 4.30 -10.36 -10.01
C ALA A 119 4.41 -10.26 -11.52
N GLU A 120 5.21 -11.14 -12.12
CA GLU A 120 5.41 -11.14 -13.56
C GLU A 120 4.47 -12.13 -14.24
N THR A 121 3.87 -11.71 -15.36
CA THR A 121 2.95 -12.56 -16.09
C THR A 121 3.69 -13.47 -17.07
N PRO A 122 3.14 -14.67 -17.28
CA PRO A 122 3.74 -15.66 -18.19
C PRO A 122 3.65 -15.24 -19.65
N GLU A 123 4.80 -14.97 -20.25
CA GLU A 123 4.85 -14.56 -21.66
C GLU A 123 3.88 -15.39 -22.50
N ASN A 124 3.73 -16.66 -22.15
CA ASN A 124 2.84 -17.55 -22.87
C ASN A 124 1.39 -17.31 -22.47
N GLY A 1 9.09 5.36 28.11
CA GLY A 1 10.01 5.07 27.03
C GLY A 1 9.55 3.92 26.16
N SER A 2 9.34 4.20 24.88
CA SER A 2 8.88 3.17 23.94
C SER A 2 9.81 3.09 22.74
N SER A 3 10.05 1.87 22.27
CA SER A 3 10.93 1.65 21.12
C SER A 3 10.79 0.23 20.59
N GLY A 4 11.28 0.00 19.38
CA GLY A 4 11.21 -1.31 18.78
C GLY A 4 11.97 -2.35 19.56
N SER A 5 11.25 -3.37 20.06
CA SER A 5 11.87 -4.43 20.85
C SER A 5 13.18 -4.88 20.21
N SER A 6 13.10 -5.40 18.99
CA SER A 6 14.27 -5.87 18.28
C SER A 6 13.93 -6.23 16.84
N GLY A 7 14.75 -5.75 15.91
CA GLY A 7 14.51 -6.02 14.50
C GLY A 7 15.73 -6.62 13.81
N ASN A 8 15.51 -7.66 13.01
CA ASN A 8 16.60 -8.31 12.30
C ASN A 8 16.29 -8.41 10.81
N ARG A 9 17.34 -8.40 9.99
CA ARG A 9 17.18 -8.49 8.55
C ARG A 9 18.54 -8.59 7.86
N TYR A 10 18.61 -9.41 6.82
CA TYR A 10 19.84 -9.60 6.07
C TYR A 10 19.74 -8.99 4.68
N GLY A 11 20.82 -8.34 4.23
CA GLY A 11 20.83 -7.74 2.92
C GLY A 11 21.02 -6.23 2.98
N PRO A 12 22.28 -5.79 2.86
CA PRO A 12 22.62 -4.36 2.91
C PRO A 12 22.14 -3.61 1.68
N GLY A 13 22.15 -2.29 1.75
CA GLY A 13 21.72 -1.47 0.64
C GLY A 13 21.44 -0.03 1.03
N VAL A 14 21.18 0.81 0.04
CA VAL A 14 20.91 2.22 0.29
C VAL A 14 19.42 2.53 0.12
N SER A 15 18.87 3.29 1.05
CA SER A 15 17.46 3.66 1.00
C SER A 15 17.21 4.99 1.72
N THR A 16 16.11 5.64 1.37
CA THR A 16 15.76 6.92 1.98
C THR A 16 15.07 6.73 3.32
N ASP A 17 15.15 7.74 4.18
CA ASP A 17 14.53 7.68 5.49
C ASP A 17 13.40 8.68 5.60
N ASP A 18 12.72 8.70 6.75
CA ASP A 18 11.62 9.61 6.99
C ASP A 18 11.64 10.14 8.41
N ILE A 19 10.69 11.01 8.73
CA ILE A 19 10.61 11.60 10.06
C ILE A 19 9.67 10.80 10.95
N THR A 20 9.73 11.06 12.26
CA THR A 20 8.88 10.37 13.22
C THR A 20 7.93 11.33 13.91
N VAL A 21 7.01 10.80 14.71
CA VAL A 21 6.06 11.61 15.44
C VAL A 21 5.65 10.95 16.75
N VAL A 22 5.42 11.77 17.77
CA VAL A 22 5.02 11.25 19.08
C VAL A 22 3.52 11.40 19.29
N THR A 23 2.74 10.95 18.30
CA THR A 23 1.29 11.03 18.37
C THR A 23 0.67 9.65 18.55
N LEU A 24 -0.62 9.61 18.85
CA LEU A 24 -1.32 8.35 19.06
C LEU A 24 -2.67 8.35 18.33
N SER A 25 -2.87 7.36 17.46
CA SER A 25 -4.11 7.26 16.71
C SER A 25 -4.69 5.85 16.81
N ASP A 26 -5.97 5.72 16.46
CA ASP A 26 -6.65 4.43 16.52
C ASP A 26 -6.15 3.50 15.41
N VAL A 27 -6.00 4.06 14.21
CA VAL A 27 -5.53 3.28 13.07
C VAL A 27 -4.48 2.27 13.49
N PRO A 28 -4.40 1.17 12.73
CA PRO A 28 -3.43 0.09 13.01
C PRO A 28 -2.00 0.52 12.72
N SER A 29 -1.04 -0.27 13.22
CA SER A 29 0.38 0.03 13.01
C SER A 29 1.06 -1.11 12.27
N ALA A 30 0.63 -2.34 12.53
CA ALA A 30 1.20 -3.51 11.89
C ALA A 30 0.48 -3.83 10.58
N PRO A 31 1.27 -4.15 9.54
CA PRO A 31 0.73 -4.48 8.22
C PRO A 31 -0.01 -5.81 8.21
N PRO A 32 -0.73 -6.08 7.11
CA PRO A 32 -1.49 -7.33 6.94
C PRO A 32 -0.59 -8.55 6.77
N GLN A 33 -1.19 -9.73 6.85
CA GLN A 33 -0.44 -10.97 6.71
C GLN A 33 -0.93 -11.76 5.50
N ASN A 34 -0.22 -12.84 5.18
CA ASN A 34 -0.59 -13.69 4.05
C ASN A 34 -0.82 -12.86 2.80
N VAL A 35 0.04 -11.87 2.58
CA VAL A 35 -0.07 -10.99 1.41
C VAL A 35 0.75 -11.53 0.25
N SER A 36 0.17 -12.46 -0.50
CA SER A 36 0.85 -13.06 -1.64
C SER A 36 -0.02 -12.97 -2.90
N LEU A 37 0.63 -12.88 -4.05
CA LEU A 37 -0.07 -12.80 -5.32
C LEU A 37 0.08 -14.08 -6.13
N GLU A 38 -1.02 -14.60 -6.64
CA GLU A 38 -1.00 -15.82 -7.42
C GLU A 38 -1.20 -15.51 -8.91
N VAL A 39 -0.59 -16.34 -9.77
CA VAL A 39 -0.69 -16.15 -11.20
C VAL A 39 -1.59 -17.22 -11.83
N VAL A 40 -2.84 -16.85 -12.10
CA VAL A 40 -3.80 -17.77 -12.69
C VAL A 40 -3.61 -17.86 -14.20
N ASN A 41 -3.51 -16.70 -14.84
CA ASN A 41 -3.32 -16.65 -16.29
C ASN A 41 -2.48 -15.45 -16.69
N SER A 42 -2.30 -15.25 -18.00
CA SER A 42 -1.50 -14.14 -18.51
C SER A 42 -2.33 -12.86 -18.56
N ARG A 43 -3.64 -13.01 -18.56
CA ARG A 43 -4.55 -11.87 -18.60
C ARG A 43 -5.26 -11.68 -17.27
N SER A 44 -5.28 -12.74 -16.46
CA SER A 44 -5.95 -12.69 -15.16
C SER A 44 -4.93 -12.92 -14.04
N ILE A 45 -5.26 -12.42 -12.85
CA ILE A 45 -4.40 -12.57 -11.70
C ILE A 45 -5.20 -12.62 -10.40
N LYS A 46 -4.84 -13.55 -9.52
CA LYS A 46 -5.53 -13.70 -8.24
C LYS A 46 -4.75 -13.02 -7.12
N VAL A 47 -5.46 -12.28 -6.28
CA VAL A 47 -4.83 -11.58 -5.17
C VAL A 47 -5.60 -11.81 -3.88
N SER A 48 -4.94 -12.44 -2.90
CA SER A 48 -5.56 -12.72 -1.61
C SER A 48 -4.77 -12.08 -0.48
N TRP A 49 -5.33 -12.14 0.73
CA TRP A 49 -4.69 -11.56 1.90
C TRP A 49 -5.45 -11.92 3.17
N LEU A 50 -4.85 -11.62 4.32
CA LEU A 50 -5.47 -11.91 5.61
C LEU A 50 -5.42 -10.69 6.53
N PRO A 51 -6.37 -10.62 7.46
CA PRO A 51 -6.46 -9.51 8.41
C PRO A 51 -5.33 -9.53 9.44
N PRO A 52 -5.07 -8.37 10.07
CA PRO A 52 -4.02 -8.24 11.07
C PRO A 52 -4.34 -8.99 12.36
N PRO A 53 -3.30 -9.26 13.16
CA PRO A 53 -3.45 -9.98 14.44
C PRO A 53 -4.15 -9.12 15.49
N SER A 54 -4.98 -9.77 16.31
CA SER A 54 -5.71 -9.07 17.36
C SER A 54 -4.89 -7.93 17.93
N GLY A 55 -3.61 -8.18 18.16
CA GLY A 55 -2.73 -7.16 18.70
C GLY A 55 -3.07 -5.78 18.18
N THR A 56 -3.21 -5.65 16.86
CA THR A 56 -3.53 -4.37 16.24
C THR A 56 -4.90 -4.41 15.60
N GLN A 57 -5.91 -4.85 16.35
CA GLN A 57 -7.27 -4.93 15.85
C GLN A 57 -8.21 -4.06 16.67
N ASN A 58 -7.76 -2.86 17.01
CA ASN A 58 -8.55 -1.93 17.80
C ASN A 58 -9.86 -1.59 17.08
N GLY A 59 -9.76 -1.39 15.77
CA GLY A 59 -10.93 -1.06 14.99
C GLY A 59 -11.50 -2.26 14.25
N PHE A 60 -12.83 -2.32 14.16
CA PHE A 60 -13.49 -3.43 13.48
C PHE A 60 -13.30 -3.33 11.97
N ILE A 61 -12.61 -4.32 11.40
CA ILE A 61 -12.36 -4.35 9.97
C ILE A 61 -13.66 -4.36 9.17
N THR A 62 -13.74 -3.52 8.15
CA THR A 62 -14.93 -3.44 7.31
C THR A 62 -14.60 -3.76 5.86
N GLY A 63 -13.46 -3.27 5.38
CA GLY A 63 -13.06 -3.52 4.01
C GLY A 63 -11.56 -3.42 3.82
N TYR A 64 -11.12 -3.47 2.57
CA TYR A 64 -9.70 -3.39 2.25
C TYR A 64 -9.46 -2.53 1.03
N LYS A 65 -8.33 -1.84 1.01
CA LYS A 65 -7.97 -0.98 -0.11
C LYS A 65 -6.82 -1.57 -0.93
N ILE A 66 -7.12 -1.94 -2.17
CA ILE A 66 -6.11 -2.53 -3.05
C ILE A 66 -5.59 -1.49 -4.04
N ARG A 67 -4.26 -1.37 -4.13
CA ARG A 67 -3.64 -0.43 -5.04
C ARG A 67 -2.76 -1.15 -6.06
N HIS A 68 -3.17 -1.10 -7.32
CA HIS A 68 -2.43 -1.75 -8.38
C HIS A 68 -1.82 -0.71 -9.34
N ARG A 69 -0.49 -0.71 -9.44
CA ARG A 69 0.20 0.23 -10.31
C ARG A 69 1.04 -0.51 -11.35
N LYS A 70 1.19 0.09 -12.53
CA LYS A 70 1.97 -0.50 -13.60
C LYS A 70 3.29 0.23 -13.79
N THR A 71 4.31 -0.50 -14.25
CA THR A 71 5.62 0.09 -14.47
C THR A 71 5.72 0.72 -15.85
N THR A 72 4.56 0.97 -16.46
CA THR A 72 4.51 1.58 -17.78
C THR A 72 4.28 3.08 -17.68
N ARG A 73 4.93 3.71 -16.70
CA ARG A 73 4.80 5.15 -16.49
C ARG A 73 3.37 5.62 -16.81
N ARG A 74 2.40 4.98 -16.18
CA ARG A 74 1.00 5.32 -16.39
C ARG A 74 0.37 5.86 -15.11
N GLY A 75 0.98 5.54 -13.97
CA GLY A 75 0.47 6.00 -12.69
C GLY A 75 -0.01 4.86 -11.82
N GLU A 76 -0.91 5.18 -10.88
CA GLU A 76 -1.46 4.17 -9.98
C GLU A 76 -2.97 4.36 -9.80
N MET A 77 -3.71 3.27 -9.94
CA MET A 77 -5.16 3.32 -9.80
C MET A 77 -5.60 2.67 -8.50
N GLU A 78 -6.65 3.22 -7.89
CA GLU A 78 -7.16 2.69 -6.62
C GLU A 78 -8.34 1.75 -6.87
N THR A 79 -8.42 0.68 -6.09
CA THR A 79 -9.50 -0.29 -6.22
C THR A 79 -9.67 -1.10 -4.94
N LEU A 80 -10.91 -1.34 -4.56
CA LEU A 80 -11.22 -2.10 -3.36
C LEU A 80 -12.37 -3.06 -3.60
N GLU A 81 -12.37 -4.17 -2.87
CA GLU A 81 -13.42 -5.17 -2.99
C GLU A 81 -13.91 -5.63 -1.63
N PRO A 82 -15.07 -5.11 -1.20
CA PRO A 82 -15.67 -5.45 0.09
C PRO A 82 -16.19 -6.89 0.12
N ASN A 83 -16.60 -7.39 -1.04
CA ASN A 83 -17.13 -8.75 -1.14
C ASN A 83 -16.35 -9.70 -0.24
N ASN A 84 -15.07 -9.88 -0.57
CA ASN A 84 -14.20 -10.77 0.22
C ASN A 84 -12.77 -10.28 0.19
N LEU A 85 -11.89 -11.02 0.87
CA LEU A 85 -10.47 -10.66 0.93
C LEU A 85 -9.73 -11.17 -0.31
N TRP A 86 -10.37 -11.04 -1.46
CA TRP A 86 -9.77 -11.49 -2.71
C TRP A 86 -10.32 -10.69 -3.90
N TYR A 87 -9.46 -10.41 -4.87
CA TYR A 87 -9.86 -9.65 -6.04
C TYR A 87 -9.34 -10.31 -7.32
N LEU A 88 -10.26 -10.74 -8.18
CA LEU A 88 -9.88 -11.38 -9.43
C LEU A 88 -9.86 -10.37 -10.58
N PHE A 89 -8.69 -10.20 -11.18
CA PHE A 89 -8.54 -9.25 -12.29
C PHE A 89 -8.49 -10.00 -13.62
N THR A 90 -8.97 -9.35 -14.68
CA THR A 90 -8.97 -9.95 -16.00
C THR A 90 -8.67 -8.91 -17.08
N GLY A 91 -8.10 -9.36 -18.19
CA GLY A 91 -7.77 -8.46 -19.28
C GLY A 91 -6.53 -7.64 -18.98
N LEU A 92 -5.39 -8.32 -18.87
CA LEU A 92 -4.12 -7.65 -18.60
C LEU A 92 -3.09 -7.98 -19.66
N GLU A 93 -2.11 -7.09 -19.82
CA GLU A 93 -1.05 -7.28 -20.81
C GLU A 93 -0.21 -8.52 -20.47
N LYS A 94 0.03 -9.34 -21.47
CA LYS A 94 0.83 -10.56 -21.28
C LYS A 94 2.32 -10.24 -21.25
N GLY A 95 3.07 -10.97 -20.43
CA GLY A 95 4.49 -10.76 -20.33
C GLY A 95 4.83 -9.36 -19.84
N SER A 96 4.21 -8.96 -18.73
CA SER A 96 4.44 -7.64 -18.16
C SER A 96 4.51 -7.72 -16.63
N GLN A 97 5.12 -6.70 -16.02
CA GLN A 97 5.25 -6.65 -14.57
C GLN A 97 4.17 -5.76 -13.96
N TYR A 98 3.55 -6.25 -12.89
CA TYR A 98 2.50 -5.50 -12.22
C TYR A 98 2.78 -5.40 -10.72
N SER A 99 2.29 -4.32 -10.10
CA SER A 99 2.50 -4.10 -8.68
C SER A 99 1.17 -4.07 -7.94
N PHE A 100 1.12 -4.69 -6.77
CA PHE A 100 -0.09 -4.73 -5.96
C PHE A 100 0.23 -4.43 -4.49
N GLN A 101 -0.81 -4.11 -3.73
CA GLN A 101 -0.65 -3.79 -2.31
C GLN A 101 -1.98 -3.95 -1.57
N VAL A 102 -1.91 -4.49 -0.36
CA VAL A 102 -3.09 -4.70 0.46
C VAL A 102 -3.04 -3.85 1.72
N SER A 103 -4.21 -3.33 2.13
CA SER A 103 -4.30 -2.50 3.32
C SER A 103 -5.56 -2.82 4.11
N ALA A 104 -5.41 -2.97 5.42
CA ALA A 104 -6.54 -3.27 6.29
C ALA A 104 -7.21 -1.99 6.78
N MET A 105 -8.45 -1.79 6.34
CA MET A 105 -9.21 -0.60 6.73
C MET A 105 -10.04 -0.87 7.98
N THR A 106 -10.02 0.06 8.91
CA THR A 106 -10.77 -0.08 10.16
C THR A 106 -11.71 1.10 10.37
N VAL A 107 -12.68 0.93 11.27
CA VAL A 107 -13.64 1.98 11.56
C VAL A 107 -12.95 3.34 11.69
N ASN A 108 -11.75 3.34 12.26
CA ASN A 108 -10.98 4.57 12.43
C ASN A 108 -10.50 5.10 11.09
N GLY A 109 -9.92 4.22 10.28
CA GLY A 109 -9.43 4.62 8.98
C GLY A 109 -8.54 3.56 8.35
N THR A 110 -8.03 3.85 7.15
CA THR A 110 -7.17 2.91 6.44
C THR A 110 -5.87 2.67 7.19
N GLY A 111 -5.50 1.41 7.32
CA GLY A 111 -4.27 1.06 8.01
C GLY A 111 -3.04 1.32 7.18
N PRO A 112 -1.88 0.85 7.66
CA PRO A 112 -0.60 1.03 6.97
C PRO A 112 -0.52 0.20 5.69
N PRO A 113 0.06 0.80 4.63
CA PRO A 113 0.22 0.14 3.34
C PRO A 113 1.23 -1.00 3.38
N SER A 114 0.77 -2.22 3.19
CA SER A 114 1.65 -3.39 3.21
C SER A 114 2.73 -3.27 2.14
N ASN A 115 3.75 -4.11 2.26
CA ASN A 115 4.86 -4.10 1.31
C ASN A 115 4.33 -4.10 -0.13
N TRP A 116 5.19 -3.68 -1.06
CA TRP A 116 4.81 -3.63 -2.47
C TRP A 116 5.25 -4.89 -3.19
N TYR A 117 4.33 -5.85 -3.31
CA TYR A 117 4.62 -7.11 -3.97
C TYR A 117 4.50 -6.96 -5.48
N THR A 118 5.33 -7.69 -6.22
CA THR A 118 5.32 -7.65 -7.68
C THR A 118 5.05 -9.02 -8.27
N ALA A 119 4.23 -9.05 -9.31
CA ALA A 119 3.89 -10.31 -9.97
C ALA A 119 4.17 -10.24 -11.47
N GLU A 120 4.80 -11.28 -12.00
CA GLU A 120 5.12 -11.32 -13.42
C GLU A 120 4.24 -12.34 -14.15
N THR A 121 3.57 -11.88 -15.20
CA THR A 121 2.69 -12.75 -15.97
C THR A 121 3.48 -13.56 -16.99
N PRO A 122 3.04 -14.81 -17.23
CA PRO A 122 3.69 -15.72 -18.17
C PRO A 122 3.51 -15.27 -19.61
N GLU A 123 4.60 -14.84 -20.24
CA GLU A 123 4.56 -14.39 -21.63
C GLU A 123 3.63 -15.28 -22.46
N ASN A 124 3.70 -16.58 -22.22
CA ASN A 124 2.87 -17.53 -22.96
C ASN A 124 1.39 -17.31 -22.66
N GLY A 1 34.08 62.05 -30.09
CA GLY A 1 33.41 61.32 -29.03
C GLY A 1 34.25 60.19 -28.48
N SER A 2 33.71 59.49 -27.48
CA SER A 2 34.43 58.38 -26.86
C SER A 2 33.45 57.40 -26.21
N SER A 3 34.00 56.40 -25.54
CA SER A 3 33.18 55.38 -24.88
C SER A 3 33.86 54.89 -23.60
N GLY A 4 33.14 54.04 -22.86
CA GLY A 4 33.69 53.51 -21.62
C GLY A 4 33.10 52.16 -21.27
N SER A 5 33.16 51.80 -19.99
CA SER A 5 32.63 50.52 -19.53
C SER A 5 32.21 50.61 -18.07
N SER A 6 31.70 49.50 -17.54
CA SER A 6 31.26 49.45 -16.15
C SER A 6 31.13 48.01 -15.67
N GLY A 7 30.74 47.83 -14.41
CA GLY A 7 30.59 46.50 -13.85
C GLY A 7 29.21 46.27 -13.28
N ASN A 8 29.08 45.26 -12.42
CA ASN A 8 27.81 44.94 -11.80
C ASN A 8 28.00 44.06 -10.57
N ARG A 9 26.91 43.80 -9.85
CA ARG A 9 26.97 42.98 -8.65
C ARG A 9 25.65 42.25 -8.43
N TYR A 10 25.55 41.52 -7.32
CA TYR A 10 24.35 40.76 -7.00
C TYR A 10 24.41 40.23 -5.57
N GLY A 11 23.34 39.55 -5.16
CA GLY A 11 23.29 38.99 -3.82
C GLY A 11 22.04 38.17 -3.58
N PRO A 12 22.12 36.87 -3.89
CA PRO A 12 21.01 35.94 -3.72
C PRO A 12 20.69 35.67 -2.25
N GLY A 13 19.72 34.79 -2.01
CA GLY A 13 19.33 34.47 -0.65
C GLY A 13 18.86 33.03 -0.50
N VAL A 14 18.83 32.55 0.74
CA VAL A 14 18.40 31.19 1.00
C VAL A 14 17.81 31.06 2.41
N SER A 15 16.55 30.68 2.49
CA SER A 15 15.87 30.53 3.77
C SER A 15 14.73 29.52 3.66
N THR A 16 14.68 28.59 4.62
CA THR A 16 13.63 27.56 4.63
C THR A 16 13.16 27.29 6.06
N ASP A 17 12.19 26.40 6.17
CA ASP A 17 11.64 26.05 7.49
C ASP A 17 11.18 24.59 7.51
N ASP A 18 10.85 24.10 8.70
CA ASP A 18 10.39 22.72 8.85
C ASP A 18 9.14 22.66 9.71
N ILE A 19 8.30 21.66 9.46
CA ILE A 19 7.06 21.48 10.22
C ILE A 19 6.86 20.02 10.62
N THR A 20 6.36 19.81 11.83
CA THR A 20 6.12 18.47 12.34
C THR A 20 4.82 18.40 13.12
N VAL A 21 4.32 17.19 13.33
CA VAL A 21 3.08 16.99 14.07
C VAL A 21 2.92 15.54 14.49
N VAL A 22 2.30 15.33 15.66
CA VAL A 22 2.09 13.98 16.17
C VAL A 22 0.60 13.69 16.37
N THR A 23 -0.17 13.88 15.30
CA THR A 23 -1.61 13.64 15.35
C THR A 23 -1.92 12.25 15.88
N LEU A 24 -3.09 12.10 16.48
CA LEU A 24 -3.52 10.82 17.03
C LEU A 24 -4.69 10.24 16.25
N SER A 25 -4.83 8.92 16.29
CA SER A 25 -5.91 8.24 15.58
C SER A 25 -6.05 6.79 16.05
N ASP A 26 -6.98 6.07 15.44
CA ASP A 26 -7.21 4.68 15.79
C ASP A 26 -6.75 3.75 14.67
N VAL A 27 -5.70 4.15 13.96
CA VAL A 27 -5.16 3.35 12.87
C VAL A 27 -4.19 2.29 13.39
N PRO A 28 -4.08 1.18 12.63
CA PRO A 28 -3.19 0.08 12.99
C PRO A 28 -1.71 0.44 12.85
N SER A 29 -0.85 -0.41 13.39
CA SER A 29 0.59 -0.17 13.32
C SER A 29 1.31 -1.35 12.66
N ALA A 30 0.60 -2.46 12.53
CA ALA A 30 1.16 -3.66 11.91
C ALA A 30 0.41 -4.02 10.64
N PRO A 31 1.15 -4.50 9.63
CA PRO A 31 0.58 -4.90 8.34
C PRO A 31 -0.27 -6.16 8.46
N PRO A 32 -1.01 -6.48 7.37
CA PRO A 32 -1.88 -7.65 7.33
C PRO A 32 -1.09 -8.95 7.28
N GLN A 33 -1.77 -10.05 6.98
CA GLN A 33 -1.14 -11.36 6.91
C GLN A 33 -1.52 -12.08 5.62
N ASN A 34 -0.73 -13.09 5.25
CA ASN A 34 -1.00 -13.86 4.04
C ASN A 34 -1.04 -12.95 2.82
N VAL A 35 -0.07 -12.04 2.72
CA VAL A 35 0.01 -11.12 1.60
C VAL A 35 0.86 -11.68 0.47
N SER A 36 0.20 -12.32 -0.50
CA SER A 36 0.90 -12.91 -1.63
C SER A 36 0.06 -12.79 -2.91
N LEU A 37 0.70 -13.02 -4.05
CA LEU A 37 0.03 -12.93 -5.33
C LEU A 37 0.03 -14.28 -6.05
N GLU A 38 -1.13 -14.67 -6.59
CA GLU A 38 -1.26 -15.93 -7.30
C GLU A 38 -1.42 -15.70 -8.79
N VAL A 39 -0.62 -16.41 -9.59
CA VAL A 39 -0.68 -16.29 -11.04
C VAL A 39 -1.56 -17.37 -11.66
N VAL A 40 -2.77 -17.00 -12.04
CA VAL A 40 -3.71 -17.94 -12.65
C VAL A 40 -3.48 -18.06 -14.15
N ASN A 41 -3.36 -16.91 -14.81
CA ASN A 41 -3.13 -16.88 -16.25
C ASN A 41 -2.21 -15.74 -16.65
N SER A 42 -1.95 -15.60 -17.94
CA SER A 42 -1.08 -14.54 -18.45
C SER A 42 -1.79 -13.20 -18.44
N ARG A 43 -3.13 -13.25 -18.46
CA ARG A 43 -3.93 -12.03 -18.46
C ARG A 43 -4.85 -11.98 -17.25
N SER A 44 -4.80 -13.02 -16.44
CA SER A 44 -5.64 -13.11 -15.24
C SER A 44 -4.78 -13.36 -14.00
N ILE A 45 -4.98 -12.54 -12.98
CA ILE A 45 -4.23 -12.68 -11.74
C ILE A 45 -5.17 -12.67 -10.52
N LYS A 46 -4.85 -13.50 -9.54
CA LYS A 46 -5.65 -13.60 -8.33
C LYS A 46 -4.91 -13.01 -7.14
N VAL A 47 -5.54 -12.05 -6.47
CA VAL A 47 -4.94 -11.41 -5.31
C VAL A 47 -5.71 -11.73 -4.03
N SER A 48 -5.05 -12.38 -3.08
CA SER A 48 -5.67 -12.76 -1.82
C SER A 48 -4.90 -12.17 -0.64
N TRP A 49 -5.53 -12.20 0.53
CA TRP A 49 -4.91 -11.68 1.74
C TRP A 49 -5.72 -12.06 2.97
N LEU A 50 -5.19 -11.73 4.15
CA LEU A 50 -5.87 -12.03 5.41
C LEU A 50 -5.76 -10.85 6.37
N PRO A 51 -6.67 -10.82 7.36
CA PRO A 51 -6.71 -9.76 8.37
C PRO A 51 -5.53 -9.85 9.34
N PRO A 52 -5.16 -8.69 9.93
CA PRO A 52 -4.06 -8.62 10.88
C PRO A 52 -4.37 -9.31 12.20
N PRO A 53 -3.33 -9.50 13.03
CA PRO A 53 -3.48 -10.15 14.34
C PRO A 53 -4.25 -9.29 15.34
N SER A 54 -5.24 -9.90 15.99
CA SER A 54 -6.05 -9.20 16.97
C SER A 54 -5.21 -8.19 17.75
N GLY A 55 -3.96 -8.55 18.02
CA GLY A 55 -3.08 -7.67 18.76
C GLY A 55 -3.24 -6.22 18.35
N THR A 56 -2.67 -5.86 17.20
CA THR A 56 -2.75 -4.49 16.71
C THR A 56 -4.15 -4.17 16.21
N GLN A 57 -4.77 -5.12 15.52
CA GLN A 57 -6.11 -4.93 14.99
C GLN A 57 -6.99 -4.19 15.99
N ASN A 58 -7.04 -2.86 15.84
CA ASN A 58 -7.84 -2.03 16.73
C ASN A 58 -8.94 -1.31 15.96
N GLY A 59 -9.96 -2.06 15.55
CA GLY A 59 -11.06 -1.49 14.80
C GLY A 59 -11.70 -2.47 13.85
N PHE A 60 -13.01 -2.63 13.98
CA PHE A 60 -13.75 -3.56 13.11
C PHE A 60 -13.43 -3.30 11.64
N ILE A 61 -12.56 -4.13 11.08
CA ILE A 61 -12.17 -4.01 9.69
C ILE A 61 -13.38 -4.02 8.78
N THR A 62 -13.53 -2.97 7.97
CA THR A 62 -14.65 -2.85 7.05
C THR A 62 -14.31 -3.44 5.68
N GLY A 63 -13.12 -3.08 5.18
CA GLY A 63 -12.69 -3.58 3.89
C GLY A 63 -11.18 -3.52 3.72
N TYR A 64 -10.72 -3.66 2.48
CA TYR A 64 -9.29 -3.63 2.19
C TYR A 64 -9.02 -2.82 0.92
N LYS A 65 -7.89 -2.12 0.91
CA LYS A 65 -7.50 -1.30 -0.23
C LYS A 65 -6.53 -2.06 -1.14
N ILE A 66 -6.70 -1.91 -2.44
CA ILE A 66 -5.84 -2.57 -3.41
C ILE A 66 -5.46 -1.64 -4.55
N ARG A 67 -4.21 -1.18 -4.54
CA ARG A 67 -3.72 -0.28 -5.58
C ARG A 67 -2.81 -1.02 -6.55
N HIS A 68 -2.88 -0.63 -7.82
CA HIS A 68 -2.06 -1.26 -8.86
C HIS A 68 -1.28 -0.20 -9.64
N ARG A 69 -0.21 -0.65 -10.30
CA ARG A 69 0.63 0.26 -11.08
C ARG A 69 1.57 -0.52 -11.98
N LYS A 70 2.00 0.11 -13.07
CA LYS A 70 2.91 -0.53 -14.02
C LYS A 70 4.31 0.07 -13.91
N THR A 71 5.32 -0.79 -14.01
CA THR A 71 6.71 -0.36 -13.92
C THR A 71 6.97 0.83 -14.84
N THR A 72 6.56 0.71 -16.10
CA THR A 72 6.74 1.77 -17.07
C THR A 72 5.50 2.64 -17.19
N ARG A 73 5.09 3.23 -16.08
CA ARG A 73 3.90 4.08 -16.06
C ARG A 73 3.84 4.89 -14.77
N ARG A 74 3.18 6.04 -14.84
CA ARG A 74 3.05 6.92 -13.67
C ARG A 74 1.59 7.00 -13.23
N GLY A 75 1.36 6.90 -11.92
CA GLY A 75 0.01 6.97 -11.39
C GLY A 75 -0.28 5.86 -10.41
N GLU A 76 -1.36 6.01 -9.65
CA GLU A 76 -1.75 5.01 -8.66
C GLU A 76 -3.26 5.00 -8.47
N MET A 77 -3.89 3.88 -8.79
CA MET A 77 -5.33 3.74 -8.65
C MET A 77 -5.68 2.83 -7.47
N GLU A 78 -6.97 2.73 -7.17
CA GLU A 78 -7.43 1.89 -6.07
C GLU A 78 -8.76 1.23 -6.41
N THR A 79 -9.12 0.20 -5.65
CA THR A 79 -10.38 -0.51 -5.87
C THR A 79 -10.79 -1.30 -4.64
N LEU A 80 -11.84 -0.83 -3.97
CA LEU A 80 -12.35 -1.49 -2.78
C LEU A 80 -13.30 -2.62 -3.13
N GLU A 81 -13.15 -3.75 -2.44
CA GLU A 81 -14.01 -4.91 -2.68
C GLU A 81 -14.48 -5.52 -1.36
N PRO A 82 -15.74 -5.21 -1.00
CA PRO A 82 -16.34 -5.72 0.24
C PRO A 82 -16.61 -7.22 0.18
N ASN A 83 -16.89 -7.72 -1.02
CA ASN A 83 -17.18 -9.14 -1.21
C ASN A 83 -16.35 -9.99 -0.27
N ASN A 84 -15.05 -10.06 -0.52
CA ASN A 84 -14.15 -10.85 0.32
C ASN A 84 -12.74 -10.28 0.28
N LEU A 85 -11.81 -10.96 0.95
CA LEU A 85 -10.42 -10.52 0.98
C LEU A 85 -9.66 -11.04 -0.22
N TRP A 86 -10.36 -11.18 -1.35
CA TRP A 86 -9.74 -11.66 -2.58
C TRP A 86 -10.31 -10.91 -3.79
N TYR A 87 -9.45 -10.68 -4.78
CA TYR A 87 -9.86 -9.99 -5.99
C TYR A 87 -9.25 -10.64 -7.23
N LEU A 88 -10.10 -11.03 -8.17
CA LEU A 88 -9.65 -11.67 -9.39
C LEU A 88 -9.78 -10.72 -10.57
N PHE A 89 -8.65 -10.19 -11.03
CA PHE A 89 -8.64 -9.27 -12.16
C PHE A 89 -8.53 -10.03 -13.48
N THR A 90 -9.10 -9.44 -14.54
CA THR A 90 -9.08 -10.07 -15.85
C THR A 90 -8.92 -9.02 -16.96
N GLY A 91 -8.07 -9.32 -17.93
CA GLY A 91 -7.84 -8.39 -19.03
C GLY A 91 -6.53 -7.63 -18.88
N LEU A 92 -5.43 -8.37 -18.79
CA LEU A 92 -4.11 -7.76 -18.65
C LEU A 92 -3.17 -8.20 -19.77
N GLU A 93 -2.02 -7.56 -19.85
CA GLU A 93 -1.04 -7.88 -20.88
C GLU A 93 -0.11 -9.00 -20.41
N LYS A 94 0.45 -9.73 -21.36
CA LYS A 94 1.36 -10.82 -21.05
C LYS A 94 2.80 -10.32 -20.90
N GLY A 95 3.69 -11.21 -20.45
CA GLY A 95 5.08 -10.83 -20.28
C GLY A 95 5.24 -9.41 -19.78
N SER A 96 4.29 -8.96 -18.97
CA SER A 96 4.33 -7.61 -18.43
C SER A 96 4.55 -7.63 -16.91
N GLN A 97 4.89 -6.46 -16.36
CA GLN A 97 5.13 -6.35 -14.92
C GLN A 97 4.01 -5.56 -14.24
N TYR A 98 3.69 -5.94 -13.01
CA TYR A 98 2.65 -5.27 -12.25
C TYR A 98 2.95 -5.31 -10.75
N SER A 99 2.34 -4.39 -10.01
CA SER A 99 2.54 -4.31 -8.57
C SER A 99 1.21 -4.08 -7.85
N PHE A 100 1.03 -4.80 -6.74
CA PHE A 100 -0.20 -4.67 -5.95
C PHE A 100 0.12 -4.51 -4.47
N GLN A 101 -0.86 -4.03 -3.72
CA GLN A 101 -0.68 -3.82 -2.28
C GLN A 101 -2.00 -4.00 -1.54
N VAL A 102 -1.92 -4.14 -0.22
CA VAL A 102 -3.11 -4.31 0.61
C VAL A 102 -3.03 -3.46 1.87
N SER A 103 -4.13 -2.77 2.17
CA SER A 103 -4.19 -1.91 3.34
C SER A 103 -5.42 -2.23 4.19
N ALA A 104 -5.19 -2.66 5.43
CA ALA A 104 -6.27 -3.01 6.33
C ALA A 104 -6.97 -1.75 6.84
N MET A 105 -8.17 -1.49 6.32
CA MET A 105 -8.94 -0.32 6.71
C MET A 105 -9.81 -0.63 7.93
N THR A 106 -9.86 0.32 8.86
CA THR A 106 -10.65 0.14 10.09
C THR A 106 -11.66 1.28 10.25
N VAL A 107 -12.40 1.25 11.36
CA VAL A 107 -13.39 2.27 11.64
C VAL A 107 -12.77 3.67 11.62
N ASN A 108 -11.43 3.71 11.63
CA ASN A 108 -10.71 4.98 11.60
C ASN A 108 -10.32 5.35 10.17
N GLY A 109 -9.35 4.61 9.63
CA GLY A 109 -8.89 4.87 8.28
C GLY A 109 -8.10 3.71 7.70
N THR A 110 -7.10 4.03 6.89
CA THR A 110 -6.27 3.01 6.27
C THR A 110 -5.02 2.74 7.10
N GLY A 111 -4.58 1.48 7.12
CA GLY A 111 -3.40 1.11 7.88
C GLY A 111 -2.13 1.25 7.07
N PRO A 112 -1.03 0.70 7.60
CA PRO A 112 0.28 0.75 6.93
C PRO A 112 0.33 -0.11 5.67
N PRO A 113 0.73 0.51 4.55
CA PRO A 113 0.83 -0.19 3.27
C PRO A 113 1.97 -1.20 3.23
N SER A 114 1.62 -2.48 3.27
CA SER A 114 2.63 -3.55 3.25
C SER A 114 3.62 -3.33 2.12
N ASN A 115 4.71 -4.10 2.14
CA ASN A 115 5.74 -3.99 1.12
C ASN A 115 5.13 -4.03 -0.27
N TRP A 116 5.76 -3.34 -1.22
CA TRP A 116 5.27 -3.30 -2.60
C TRP A 116 5.59 -4.61 -3.32
N TYR A 117 4.60 -5.49 -3.41
CA TYR A 117 4.77 -6.77 -4.07
C TYR A 117 4.63 -6.63 -5.58
N THR A 118 5.27 -7.52 -6.32
CA THR A 118 5.20 -7.49 -7.78
C THR A 118 5.06 -8.89 -8.35
N ALA A 119 4.12 -9.07 -9.26
CA ALA A 119 3.89 -10.37 -9.88
C ALA A 119 4.11 -10.30 -11.40
N GLU A 120 4.94 -11.20 -11.91
CA GLU A 120 5.23 -11.24 -13.33
C GLU A 120 4.31 -12.23 -14.06
N THR A 121 3.61 -11.73 -15.07
CA THR A 121 2.69 -12.56 -15.83
C THR A 121 3.45 -13.54 -16.73
N PRO A 122 2.97 -14.79 -16.76
CA PRO A 122 3.60 -15.84 -17.57
C PRO A 122 3.39 -15.63 -19.06
N GLU A 123 4.48 -15.31 -19.77
CA GLU A 123 4.40 -15.07 -21.21
C GLU A 123 3.45 -16.06 -21.88
N ASN A 124 3.41 -17.28 -21.36
CA ASN A 124 2.55 -18.32 -21.90
C ASN A 124 1.95 -19.16 -20.79
N GLY A 1 3.86 53.44 54.53
CA GLY A 1 4.74 54.14 53.60
C GLY A 1 4.16 54.19 52.20
N SER A 2 4.91 54.78 51.27
CA SER A 2 4.46 54.91 49.89
C SER A 2 5.56 55.51 49.01
N SER A 3 5.91 54.80 47.94
CA SER A 3 6.94 55.26 47.03
C SER A 3 7.05 54.32 45.82
N GLY A 4 7.76 54.79 44.80
CA GLY A 4 7.93 53.98 43.60
C GLY A 4 8.20 54.83 42.36
N SER A 5 9.25 54.48 41.63
CA SER A 5 9.63 55.21 40.43
C SER A 5 10.77 54.52 39.71
N SER A 6 10.52 54.08 38.47
CA SER A 6 11.54 53.40 37.68
C SER A 6 11.03 53.11 36.28
N GLY A 7 11.88 52.52 35.45
CA GLY A 7 11.50 52.20 34.09
C GLY A 7 11.47 50.71 33.84
N ASN A 8 11.64 50.32 32.58
CA ASN A 8 11.63 48.91 32.20
C ASN A 8 12.02 48.73 30.74
N ARG A 9 12.53 47.55 30.40
CA ARG A 9 12.93 47.26 29.03
C ARG A 9 11.93 46.32 28.36
N TYR A 10 12.25 45.91 27.14
CA TYR A 10 11.38 45.02 26.38
C TYR A 10 12.13 43.74 25.97
N GLY A 11 11.41 42.63 25.89
CA GLY A 11 12.02 41.38 25.49
C GLY A 11 11.00 40.26 25.33
N PRO A 12 11.33 39.28 24.49
CA PRO A 12 10.46 38.14 24.23
C PRO A 12 10.34 37.20 25.43
N GLY A 13 9.60 36.11 25.24
CA GLY A 13 9.43 35.15 26.33
C GLY A 13 8.88 33.83 25.84
N VAL A 14 9.66 32.77 25.99
CA VAL A 14 9.25 31.44 25.56
C VAL A 14 8.52 30.70 26.68
N SER A 15 7.84 29.62 26.32
CA SER A 15 7.08 28.83 27.29
C SER A 15 6.57 27.55 26.67
N THR A 16 6.13 26.62 27.52
CA THR A 16 5.61 25.34 27.04
C THR A 16 4.58 24.77 28.02
N ASP A 17 3.97 23.65 27.64
CA ASP A 17 2.97 23.01 28.48
C ASP A 17 2.61 21.63 27.93
N ASP A 18 1.82 20.88 28.70
CA ASP A 18 1.40 19.55 28.29
C ASP A 18 -0.12 19.42 28.33
N ILE A 19 -0.64 18.33 27.78
CA ILE A 19 -2.07 18.08 27.75
C ILE A 19 -2.41 16.71 28.32
N THR A 20 -3.58 16.61 28.95
CA THR A 20 -4.02 15.35 29.53
C THR A 20 -4.08 14.25 28.48
N VAL A 21 -4.58 13.08 28.89
CA VAL A 21 -4.68 11.94 27.98
C VAL A 21 -5.05 12.40 26.58
N VAL A 22 -4.47 11.73 25.58
CA VAL A 22 -4.73 12.07 24.19
C VAL A 22 -5.12 10.83 23.38
N THR A 23 -5.83 9.92 24.03
CA THR A 23 -6.27 8.69 23.38
C THR A 23 -6.68 8.95 21.93
N LEU A 24 -5.78 8.66 21.00
CA LEU A 24 -6.05 8.86 19.58
C LEU A 24 -5.21 7.93 18.73
N SER A 25 -5.41 7.98 17.41
CA SER A 25 -4.67 7.14 16.49
C SER A 25 -5.02 5.67 16.69
N ASP A 26 -6.31 5.37 16.70
CA ASP A 26 -6.79 4.00 16.89
C ASP A 26 -6.79 3.25 15.57
N VAL A 27 -5.81 3.54 14.72
CA VAL A 27 -5.69 2.88 13.43
C VAL A 27 -4.65 1.77 13.47
N PRO A 28 -4.78 0.82 12.53
CA PRO A 28 -3.86 -0.32 12.44
C PRO A 28 -2.47 0.09 11.96
N SER A 29 -1.46 -0.21 12.77
CA SER A 29 -0.08 0.12 12.43
C SER A 29 0.60 -1.02 11.70
N ALA A 30 0.32 -2.25 12.13
CA ALA A 30 0.90 -3.43 11.51
C ALA A 30 0.22 -3.75 10.18
N PRO A 31 1.02 -4.19 9.20
CA PRO A 31 0.52 -4.54 7.87
C PRO A 31 -0.33 -5.80 7.88
N PRO A 32 -1.08 -6.02 6.79
CA PRO A 32 -1.95 -7.20 6.65
C PRO A 32 -1.15 -8.49 6.48
N GLN A 33 -1.73 -9.60 6.92
CA GLN A 33 -1.07 -10.90 6.80
C GLN A 33 -1.56 -11.66 5.57
N ASN A 34 -0.78 -12.64 5.14
CA ASN A 34 -1.12 -13.43 3.97
C ASN A 34 -1.13 -12.57 2.71
N VAL A 35 -0.15 -11.68 2.60
CA VAL A 35 -0.03 -10.80 1.45
C VAL A 35 0.85 -11.42 0.37
N SER A 36 0.22 -11.92 -0.69
CA SER A 36 0.95 -12.53 -1.79
C SER A 36 0.15 -12.46 -3.08
N LEU A 37 0.83 -12.66 -4.20
CA LEU A 37 0.19 -12.61 -5.52
C LEU A 37 0.23 -13.98 -6.18
N GLU A 38 -0.94 -14.44 -6.65
CA GLU A 38 -1.04 -15.74 -7.31
C GLU A 38 -1.38 -15.57 -8.78
N VAL A 39 -0.54 -16.13 -9.66
CA VAL A 39 -0.76 -16.04 -11.09
C VAL A 39 -1.69 -17.15 -11.58
N VAL A 40 -2.85 -16.76 -12.09
CA VAL A 40 -3.83 -17.72 -12.59
C VAL A 40 -3.67 -17.93 -14.09
N ASN A 41 -3.53 -16.82 -14.82
CA ASN A 41 -3.39 -16.88 -16.27
C ASN A 41 -2.56 -15.70 -16.78
N SER A 42 -2.36 -15.65 -18.09
CA SER A 42 -1.59 -14.58 -18.70
C SER A 42 -2.35 -13.27 -18.69
N ARG A 43 -3.69 -13.37 -18.61
CA ARG A 43 -4.54 -12.19 -18.59
C ARG A 43 -5.43 -12.18 -17.36
N SER A 44 -5.04 -12.96 -16.35
CA SER A 44 -5.81 -13.05 -15.11
C SER A 44 -4.89 -13.29 -13.92
N ILE A 45 -5.11 -12.53 -12.85
CA ILE A 45 -4.30 -12.65 -11.64
C ILE A 45 -5.16 -12.53 -10.38
N LYS A 46 -5.03 -13.50 -9.49
CA LYS A 46 -5.80 -13.50 -8.25
C LYS A 46 -4.97 -12.91 -7.11
N VAL A 47 -5.64 -12.15 -6.24
CA VAL A 47 -4.97 -11.53 -5.10
C VAL A 47 -5.70 -11.83 -3.80
N SER A 48 -5.02 -12.49 -2.88
CA SER A 48 -5.61 -12.84 -1.59
C SER A 48 -4.86 -12.16 -0.45
N TRP A 49 -5.56 -11.98 0.68
CA TRP A 49 -4.96 -11.35 1.84
C TRP A 49 -5.68 -11.77 3.13
N LEU A 50 -5.10 -11.41 4.26
CA LEU A 50 -5.68 -11.76 5.56
C LEU A 50 -5.56 -10.59 6.53
N PRO A 51 -6.46 -10.56 7.53
CA PRO A 51 -6.47 -9.51 8.56
C PRO A 51 -5.28 -9.61 9.50
N PRO A 52 -4.95 -8.50 10.17
CA PRO A 52 -3.83 -8.44 11.11
C PRO A 52 -4.10 -9.24 12.39
N PRO A 53 -3.06 -9.42 13.21
CA PRO A 53 -3.16 -10.17 14.46
C PRO A 53 -3.97 -9.44 15.51
N SER A 54 -4.59 -10.20 16.42
CA SER A 54 -5.41 -9.61 17.47
C SER A 54 -4.63 -8.55 18.25
N GLY A 55 -3.30 -8.67 18.22
CA GLY A 55 -2.45 -7.72 18.92
C GLY A 55 -2.79 -6.28 18.58
N THR A 56 -2.61 -5.92 17.31
CA THR A 56 -2.90 -4.57 16.86
C THR A 56 -4.37 -4.40 16.50
N GLN A 57 -5.05 -5.52 16.27
CA GLN A 57 -6.47 -5.49 15.92
C GLN A 57 -7.25 -4.63 16.91
N ASN A 58 -7.39 -3.36 16.60
CA ASN A 58 -8.11 -2.43 17.46
C ASN A 58 -9.27 -1.77 16.70
N GLY A 59 -9.97 -2.57 15.90
CA GLY A 59 -11.09 -2.04 15.15
C GLY A 59 -11.70 -3.08 14.23
N PHE A 60 -13.03 -3.11 14.17
CA PHE A 60 -13.74 -4.06 13.33
C PHE A 60 -13.55 -3.74 11.85
N ILE A 61 -12.71 -4.52 11.17
CA ILE A 61 -12.45 -4.31 9.76
C ILE A 61 -13.75 -4.15 8.97
N THR A 62 -13.73 -3.29 7.96
CA THR A 62 -14.90 -3.06 7.12
C THR A 62 -14.60 -3.34 5.66
N GLY A 63 -13.32 -3.30 5.30
CA GLY A 63 -12.93 -3.55 3.93
C GLY A 63 -11.43 -3.66 3.77
N TYR A 64 -10.95 -3.55 2.53
CA TYR A 64 -9.53 -3.64 2.24
C TYR A 64 -9.16 -2.77 1.04
N LYS A 65 -7.97 -2.18 1.10
CA LYS A 65 -7.49 -1.32 0.02
C LYS A 65 -6.51 -2.08 -0.87
N ILE A 66 -6.80 -2.10 -2.17
CA ILE A 66 -5.94 -2.79 -3.13
C ILE A 66 -5.44 -1.82 -4.20
N ARG A 67 -4.17 -1.48 -4.13
CA ARG A 67 -3.56 -0.57 -5.09
C ARG A 67 -2.77 -1.33 -6.15
N HIS A 68 -2.99 -1.00 -7.42
CA HIS A 68 -2.29 -1.67 -8.51
C HIS A 68 -1.79 -0.64 -9.53
N ARG A 69 -0.74 -1.01 -10.26
CA ARG A 69 -0.16 -0.12 -11.27
C ARG A 69 0.86 -0.87 -12.12
N LYS A 70 1.44 -0.16 -13.09
CA LYS A 70 2.44 -0.75 -13.97
C LYS A 70 3.83 -0.20 -13.66
N THR A 71 4.86 -0.99 -13.94
CA THR A 71 6.23 -0.59 -13.70
C THR A 71 6.57 0.70 -14.45
N THR A 72 5.71 1.07 -15.39
CA THR A 72 5.91 2.27 -16.19
C THR A 72 5.02 3.41 -15.70
N ARG A 73 5.39 4.64 -16.04
CA ARG A 73 4.63 5.81 -15.64
C ARG A 73 3.18 5.69 -16.08
N ARG A 74 2.28 5.50 -15.11
CA ARG A 74 0.86 5.36 -15.41
C ARG A 74 0.02 5.87 -14.24
N GLY A 75 -1.08 6.54 -14.56
CA GLY A 75 -1.96 7.07 -13.53
C GLY A 75 -2.38 6.00 -12.54
N GLU A 76 -1.83 6.09 -11.32
CA GLU A 76 -2.16 5.12 -10.28
C GLU A 76 -3.66 4.87 -10.22
N MET A 77 -4.04 3.60 -10.10
CA MET A 77 -5.44 3.22 -10.03
C MET A 77 -5.75 2.47 -8.74
N GLU A 78 -6.48 3.14 -7.84
CA GLU A 78 -6.84 2.53 -6.56
C GLU A 78 -8.17 1.79 -6.66
N THR A 79 -8.28 0.67 -5.95
CA THR A 79 -9.50 -0.12 -5.96
C THR A 79 -9.66 -0.90 -4.66
N LEU A 80 -10.88 -0.95 -4.15
CA LEU A 80 -11.16 -1.67 -2.90
C LEU A 80 -12.43 -2.50 -3.04
N GLU A 81 -12.39 -3.72 -2.49
CA GLU A 81 -13.55 -4.61 -2.55
C GLU A 81 -13.82 -5.22 -1.18
N PRO A 82 -14.84 -4.67 -0.48
CA PRO A 82 -15.24 -5.14 0.85
C PRO A 82 -15.89 -6.52 0.81
N ASN A 83 -16.49 -6.85 -0.34
CA ASN A 83 -17.14 -8.15 -0.51
C ASN A 83 -16.35 -9.25 0.20
N ASN A 84 -15.15 -9.52 -0.30
CA ASN A 84 -14.30 -10.56 0.27
C ASN A 84 -12.85 -10.07 0.39
N LEU A 85 -11.97 -10.96 0.82
CA LEU A 85 -10.56 -10.63 0.96
C LEU A 85 -9.76 -11.07 -0.25
N TRP A 86 -10.46 -11.27 -1.38
CA TRP A 86 -9.81 -11.70 -2.61
C TRP A 86 -10.30 -10.87 -3.79
N TYR A 87 -9.42 -10.65 -4.76
CA TYR A 87 -9.77 -9.86 -5.94
C TYR A 87 -9.28 -10.56 -7.21
N LEU A 88 -10.19 -10.73 -8.16
CA LEU A 88 -9.85 -11.39 -9.43
C LEU A 88 -9.78 -10.37 -10.56
N PHE A 89 -8.57 -10.08 -11.02
CA PHE A 89 -8.36 -9.13 -12.10
C PHE A 89 -8.19 -9.85 -13.44
N THR A 90 -8.71 -9.24 -14.50
CA THR A 90 -8.60 -9.83 -15.83
C THR A 90 -8.43 -8.75 -16.89
N GLY A 91 -7.76 -9.10 -17.99
CA GLY A 91 -7.54 -8.15 -19.06
C GLY A 91 -6.19 -7.45 -18.94
N LEU A 92 -5.12 -8.24 -18.95
CA LEU A 92 -3.76 -7.70 -18.84
C LEU A 92 -2.91 -8.14 -20.02
N GLU A 93 -1.84 -7.40 -20.28
CA GLU A 93 -0.93 -7.71 -21.38
C GLU A 93 0.03 -8.84 -20.99
N LYS A 94 0.04 -9.90 -21.77
CA LYS A 94 0.91 -11.04 -21.51
C LYS A 94 2.37 -10.60 -21.46
N GLY A 95 3.14 -11.23 -20.56
CA GLY A 95 4.55 -10.89 -20.43
C GLY A 95 4.76 -9.45 -19.99
N SER A 96 4.42 -9.16 -18.74
CA SER A 96 4.58 -7.81 -18.20
C SER A 96 4.69 -7.85 -16.68
N GLN A 97 5.00 -6.70 -16.10
CA GLN A 97 5.14 -6.60 -14.65
C GLN A 97 4.04 -5.72 -14.06
N TYR A 98 3.51 -6.14 -12.91
CA TYR A 98 2.45 -5.39 -12.24
C TYR A 98 2.71 -5.31 -10.74
N SER A 99 2.22 -4.24 -10.13
CA SER A 99 2.40 -4.04 -8.69
C SER A 99 1.08 -4.22 -7.95
N PHE A 100 1.17 -4.49 -6.65
CA PHE A 100 -0.02 -4.69 -5.83
C PHE A 100 0.24 -4.27 -4.39
N GLN A 101 -0.82 -4.22 -3.59
CA GLN A 101 -0.71 -3.83 -2.19
C GLN A 101 -2.01 -4.09 -1.44
N VAL A 102 -1.89 -4.37 -0.15
CA VAL A 102 -3.07 -4.65 0.68
C VAL A 102 -3.00 -3.88 1.99
N SER A 103 -4.16 -3.46 2.48
CA SER A 103 -4.24 -2.70 3.74
C SER A 103 -5.60 -2.88 4.40
N ALA A 104 -5.59 -3.41 5.62
CA ALA A 104 -6.82 -3.63 6.37
C ALA A 104 -7.40 -2.31 6.88
N MET A 105 -8.66 -2.05 6.54
CA MET A 105 -9.32 -0.83 6.97
C MET A 105 -10.30 -1.10 8.10
N THR A 106 -10.20 -0.32 9.17
CA THR A 106 -11.08 -0.48 10.32
C THR A 106 -12.03 0.69 10.47
N VAL A 107 -12.98 0.57 11.40
CA VAL A 107 -13.96 1.63 11.63
C VAL A 107 -13.27 2.95 11.97
N ASN A 108 -12.12 2.86 12.63
CA ASN A 108 -11.36 4.05 13.00
C ASN A 108 -10.69 4.67 11.79
N GLY A 109 -9.92 3.87 11.06
CA GLY A 109 -9.24 4.37 9.88
C GLY A 109 -8.46 3.29 9.16
N THR A 110 -7.62 3.69 8.21
CA THR A 110 -6.82 2.74 7.44
C THR A 110 -5.40 2.66 8.00
N GLY A 111 -4.70 1.58 7.66
CA GLY A 111 -3.35 1.39 8.13
C GLY A 111 -2.32 1.64 7.04
N PRO A 112 -1.03 1.44 7.38
CA PRO A 112 0.07 1.63 6.43
C PRO A 112 0.09 0.58 5.33
N PRO A 113 0.56 0.99 4.14
CA PRO A 113 0.65 0.08 2.98
C PRO A 113 1.72 -0.99 3.15
N SER A 114 1.37 -2.22 2.80
CA SER A 114 2.29 -3.33 2.92
C SER A 114 3.31 -3.32 1.78
N ASN A 115 4.37 -4.11 1.93
CA ASN A 115 5.41 -4.20 0.91
C ASN A 115 4.80 -4.36 -0.48
N TRP A 116 5.26 -3.55 -1.43
CA TRP A 116 4.77 -3.60 -2.80
C TRP A 116 5.18 -4.90 -3.47
N TYR A 117 4.25 -5.85 -3.55
CA TYR A 117 4.51 -7.14 -4.17
C TYR A 117 4.38 -7.05 -5.68
N THR A 118 5.37 -7.59 -6.38
CA THR A 118 5.37 -7.57 -7.84
C THR A 118 5.05 -8.95 -8.41
N ALA A 119 4.37 -8.97 -9.55
CA ALA A 119 4.00 -10.22 -10.20
C ALA A 119 4.24 -10.15 -11.70
N GLU A 120 4.97 -11.14 -12.23
CA GLU A 120 5.27 -11.18 -13.65
C GLU A 120 4.36 -12.18 -14.37
N THR A 121 3.50 -11.66 -15.25
CA THR A 121 2.58 -12.49 -16.00
C THR A 121 3.32 -13.44 -16.93
N PRO A 122 2.79 -14.66 -17.10
CA PRO A 122 3.39 -15.67 -17.98
C PRO A 122 3.27 -15.31 -19.45
N GLU A 123 4.32 -15.59 -20.21
CA GLU A 123 4.33 -15.29 -21.64
C GLU A 123 3.44 -16.27 -22.40
N ASN A 124 3.21 -17.44 -21.81
CA ASN A 124 2.38 -18.47 -22.44
C ASN A 124 0.95 -18.39 -21.92
N GLY A 1 3.69 -27.34 -39.84
CA GLY A 1 4.48 -26.82 -38.74
C GLY A 1 4.46 -25.30 -38.69
N SER A 2 4.74 -24.75 -37.50
CA SER A 2 4.75 -23.31 -37.31
C SER A 2 5.57 -22.93 -36.08
N SER A 3 5.86 -21.64 -35.96
CA SER A 3 6.65 -21.14 -34.84
C SER A 3 6.70 -19.62 -34.83
N GLY A 4 6.49 -19.03 -33.67
CA GLY A 4 6.53 -17.58 -33.56
C GLY A 4 7.62 -17.08 -32.62
N SER A 5 7.55 -15.81 -32.26
CA SER A 5 8.54 -15.21 -31.37
C SER A 5 8.15 -13.79 -30.99
N SER A 6 8.51 -13.40 -29.78
CA SER A 6 8.19 -12.06 -29.28
C SER A 6 8.84 -11.81 -27.93
N GLY A 7 9.39 -10.62 -27.76
CA GLY A 7 10.04 -10.27 -26.51
C GLY A 7 10.51 -8.83 -26.47
N ASN A 8 10.04 -8.08 -25.47
CA ASN A 8 10.40 -6.68 -25.32
C ASN A 8 9.86 -6.12 -24.01
N ARG A 9 10.77 -5.67 -23.15
CA ARG A 9 10.39 -5.10 -21.86
C ARG A 9 11.06 -3.76 -21.63
N TYR A 10 10.33 -2.82 -21.04
CA TYR A 10 10.86 -1.49 -20.77
C TYR A 10 9.87 -0.66 -19.97
N GLY A 11 10.38 0.06 -18.98
CA GLY A 11 9.53 0.89 -18.14
C GLY A 11 10.12 1.15 -16.78
N PRO A 12 10.99 2.17 -16.70
CA PRO A 12 11.65 2.55 -15.45
C PRO A 12 10.68 3.17 -14.43
N GLY A 13 11.23 3.76 -13.38
CA GLY A 13 10.40 4.39 -12.37
C GLY A 13 11.14 4.61 -11.07
N VAL A 14 11.62 5.83 -10.87
CA VAL A 14 12.36 6.17 -9.65
C VAL A 14 11.69 7.33 -8.91
N SER A 15 11.46 7.12 -7.62
CA SER A 15 10.81 8.14 -6.79
C SER A 15 10.83 7.74 -5.32
N THR A 16 11.05 8.71 -4.44
CA THR A 16 11.09 8.45 -3.01
C THR A 16 9.78 8.87 -2.35
N ASP A 17 9.64 8.53 -1.07
CA ASP A 17 8.43 8.88 -0.32
C ASP A 17 8.78 9.63 0.96
N ASP A 18 8.01 10.68 1.25
CA ASP A 18 8.25 11.48 2.44
C ASP A 18 6.96 11.69 3.22
N ILE A 19 6.73 10.82 4.21
CA ILE A 19 5.53 10.91 5.04
C ILE A 19 5.84 10.65 6.50
N THR A 20 5.09 11.28 7.39
CA THR A 20 5.29 11.12 8.82
C THR A 20 4.01 11.40 9.59
N VAL A 21 3.87 10.77 10.75
CA VAL A 21 2.69 10.95 11.59
C VAL A 21 3.07 11.24 13.04
N VAL A 22 2.98 12.50 13.43
CA VAL A 22 3.33 12.91 14.78
C VAL A 22 2.08 13.22 15.60
N THR A 23 1.05 12.40 15.44
CA THR A 23 -0.21 12.58 16.17
C THR A 23 -0.72 11.27 16.72
N LEU A 24 -1.63 11.36 17.70
CA LEU A 24 -2.21 10.18 18.32
C LEU A 24 -3.52 9.78 17.64
N SER A 25 -3.49 8.66 16.93
CA SER A 25 -4.68 8.17 16.23
C SER A 25 -5.08 6.79 16.73
N ASP A 26 -6.17 6.26 16.19
CA ASP A 26 -6.66 4.95 16.58
C ASP A 26 -6.45 3.93 15.46
N VAL A 27 -6.47 4.41 14.23
CA VAL A 27 -6.29 3.55 13.06
C VAL A 27 -5.24 2.47 13.34
N PRO A 28 -5.33 1.35 12.61
CA PRO A 28 -4.41 0.22 12.78
C PRO A 28 -3.01 0.56 12.27
N SER A 29 -2.00 0.12 13.02
CA SER A 29 -0.61 0.37 12.64
C SER A 29 0.11 -0.94 12.31
N ALA A 30 -0.57 -1.81 11.57
CA ALA A 30 0.01 -3.09 11.18
C ALA A 30 -0.58 -3.57 9.85
N PRO A 31 0.31 -4.04 8.96
CA PRO A 31 -0.10 -4.54 7.64
C PRO A 31 -0.86 -5.86 7.73
N PRO A 32 -1.49 -6.26 6.61
CA PRO A 32 -2.26 -7.50 6.54
C PRO A 32 -1.37 -8.74 6.60
N GLN A 33 -1.98 -9.92 6.62
CA GLN A 33 -1.25 -11.17 6.68
C GLN A 33 -1.45 -11.98 5.40
N ASN A 34 -0.63 -13.00 5.22
CA ASN A 34 -0.71 -13.85 4.04
C ASN A 34 -0.83 -13.01 2.77
N VAL A 35 0.07 -12.05 2.62
CA VAL A 35 0.07 -11.17 1.45
C VAL A 35 0.94 -11.73 0.33
N SER A 36 0.35 -12.58 -0.50
CA SER A 36 1.07 -13.19 -1.61
C SER A 36 0.33 -12.99 -2.92
N LEU A 37 1.03 -13.20 -4.04
CA LEU A 37 0.43 -13.05 -5.36
C LEU A 37 0.50 -14.36 -6.14
N GLU A 38 -0.66 -14.83 -6.57
CA GLU A 38 -0.73 -16.08 -7.33
C GLU A 38 -0.99 -15.80 -8.81
N VAL A 39 -0.24 -16.48 -9.68
CA VAL A 39 -0.38 -16.29 -11.12
C VAL A 39 -1.30 -17.35 -11.71
N VAL A 40 -2.55 -16.98 -11.98
CA VAL A 40 -3.52 -17.89 -12.55
C VAL A 40 -3.36 -17.99 -14.06
N ASN A 41 -3.27 -16.84 -14.71
CA ASN A 41 -3.12 -16.80 -16.16
C ASN A 41 -2.21 -15.65 -16.58
N SER A 42 -2.06 -15.46 -17.89
CA SER A 42 -1.21 -14.39 -18.42
C SER A 42 -1.97 -13.07 -18.45
N ARG A 43 -3.29 -13.14 -18.39
CA ARG A 43 -4.12 -11.94 -18.41
C ARG A 43 -4.93 -11.82 -17.13
N SER A 44 -4.98 -12.90 -16.35
CA SER A 44 -5.72 -12.92 -15.10
C SER A 44 -4.78 -13.06 -13.91
N ILE A 45 -5.26 -12.67 -12.73
CA ILE A 45 -4.46 -12.75 -11.51
C ILE A 45 -5.34 -12.79 -10.27
N LYS A 46 -4.93 -13.56 -9.28
CA LYS A 46 -5.68 -13.68 -8.04
C LYS A 46 -4.94 -13.00 -6.88
N VAL A 47 -5.63 -12.09 -6.21
CA VAL A 47 -5.04 -11.38 -5.08
C VAL A 47 -5.86 -11.58 -3.81
N SER A 48 -5.25 -12.18 -2.80
CA SER A 48 -5.93 -12.42 -1.53
C SER A 48 -5.17 -11.77 -0.37
N TRP A 49 -5.72 -11.90 0.83
CA TRP A 49 -5.10 -11.32 2.02
C TRP A 49 -5.87 -11.73 3.27
N LEU A 50 -5.30 -11.40 4.44
CA LEU A 50 -5.93 -11.73 5.72
C LEU A 50 -5.88 -10.53 6.66
N PRO A 51 -6.83 -10.50 7.60
CA PRO A 51 -6.94 -9.42 8.59
C PRO A 51 -5.80 -9.46 9.60
N PRO A 52 -5.51 -8.30 10.22
CA PRO A 52 -4.45 -8.18 11.22
C PRO A 52 -4.79 -8.90 12.52
N PRO A 53 -3.80 -9.02 13.41
CA PRO A 53 -3.96 -9.68 14.71
C PRO A 53 -4.85 -8.88 15.66
N SER A 54 -5.56 -9.59 16.53
CA SER A 54 -6.45 -8.95 17.49
C SER A 54 -5.68 -7.94 18.35
N GLY A 55 -4.36 -8.03 18.32
CA GLY A 55 -3.53 -7.13 19.11
C GLY A 55 -3.44 -5.75 18.48
N THR A 56 -3.42 -5.71 17.15
CA THR A 56 -3.33 -4.45 16.42
C THR A 56 -4.71 -3.97 15.98
N GLN A 57 -5.66 -4.88 15.94
CA GLN A 57 -7.03 -4.54 15.54
C GLN A 57 -7.70 -3.65 16.58
N ASN A 58 -8.20 -2.51 16.14
CA ASN A 58 -8.87 -1.58 17.03
C ASN A 58 -10.31 -1.35 16.60
N GLY A 59 -10.57 -1.44 15.31
CA GLY A 59 -11.91 -1.26 14.78
C GLY A 59 -12.41 -2.45 14.00
N PHE A 60 -13.63 -2.36 13.50
CA PHE A 60 -14.23 -3.44 12.73
C PHE A 60 -13.78 -3.37 11.27
N ILE A 61 -13.20 -4.47 10.79
CA ILE A 61 -12.74 -4.53 9.41
C ILE A 61 -13.90 -4.41 8.43
N THR A 62 -13.86 -3.36 7.60
CA THR A 62 -14.91 -3.12 6.62
C THR A 62 -14.46 -3.56 5.23
N GLY A 63 -13.24 -3.19 4.85
CA GLY A 63 -12.72 -3.54 3.55
C GLY A 63 -11.21 -3.46 3.49
N TYR A 64 -10.66 -3.60 2.29
CA TYR A 64 -9.21 -3.54 2.10
C TYR A 64 -8.86 -2.75 0.84
N LYS A 65 -7.97 -1.78 1.01
CA LYS A 65 -7.54 -0.94 -0.10
C LYS A 65 -6.54 -1.67 -0.99
N ILE A 66 -6.84 -1.75 -2.28
CA ILE A 66 -5.96 -2.42 -3.23
C ILE A 66 -5.45 -1.46 -4.29
N ARG A 67 -4.17 -1.09 -4.20
CA ARG A 67 -3.57 -0.18 -5.16
C ARG A 67 -2.77 -0.94 -6.20
N HIS A 68 -3.05 -0.66 -7.47
CA HIS A 68 -2.35 -1.32 -8.58
C HIS A 68 -1.65 -0.29 -9.46
N ARG A 69 -0.62 -0.74 -10.17
CA ARG A 69 0.14 0.13 -11.06
C ARG A 69 0.81 -0.66 -12.17
N LYS A 70 0.96 -0.04 -13.33
CA LYS A 70 1.60 -0.70 -14.47
C LYS A 70 2.92 -0.02 -14.82
N THR A 71 3.95 -0.83 -15.06
CA THR A 71 5.27 -0.30 -15.41
C THR A 71 5.16 0.82 -16.43
N THR A 72 4.75 0.48 -17.64
CA THR A 72 4.60 1.47 -18.71
C THR A 72 3.81 2.67 -18.25
N ARG A 73 2.59 2.42 -17.75
CA ARG A 73 1.72 3.49 -17.27
C ARG A 73 1.37 3.27 -15.81
N ARG A 74 2.01 4.06 -14.93
CA ARG A 74 1.76 3.95 -13.50
C ARG A 74 0.30 3.61 -13.22
N GLY A 75 -0.61 4.26 -13.94
CA GLY A 75 -2.03 4.00 -13.75
C GLY A 75 -2.36 3.66 -12.32
N GLU A 76 -1.74 4.38 -11.38
CA GLU A 76 -1.98 4.15 -9.96
C GLU A 76 -3.44 4.42 -9.61
N MET A 77 -4.13 3.41 -9.09
CA MET A 77 -5.53 3.56 -8.71
C MET A 77 -5.88 2.61 -7.57
N GLU A 78 -7.06 2.79 -7.00
CA GLU A 78 -7.51 1.95 -5.89
C GLU A 78 -8.90 1.37 -6.18
N THR A 79 -9.18 0.21 -5.59
CA THR A 79 -10.46 -0.47 -5.79
C THR A 79 -10.83 -1.30 -4.58
N LEU A 80 -11.90 -0.91 -3.89
CA LEU A 80 -12.36 -1.62 -2.71
C LEU A 80 -13.38 -2.70 -3.09
N GLU A 81 -13.27 -3.86 -2.44
CA GLU A 81 -14.18 -4.96 -2.71
C GLU A 81 -14.69 -5.58 -1.41
N PRO A 82 -15.92 -5.24 -1.03
CA PRO A 82 -16.55 -5.74 0.19
C PRO A 82 -16.89 -7.22 0.10
N ASN A 83 -17.36 -7.64 -1.07
CA ASN A 83 -17.73 -9.04 -1.30
C ASN A 83 -16.81 -9.97 -0.51
N ASN A 84 -15.56 -10.06 -0.94
CA ASN A 84 -14.58 -10.92 -0.29
C ASN A 84 -13.26 -10.18 -0.08
N LEU A 85 -12.32 -10.85 0.57
CA LEU A 85 -11.01 -10.25 0.84
C LEU A 85 -10.04 -10.53 -0.31
N TRP A 86 -10.59 -10.62 -1.52
CA TRP A 86 -9.77 -10.88 -2.70
C TRP A 86 -10.38 -10.22 -3.94
N TYR A 87 -9.53 -9.84 -4.88
CA TYR A 87 -9.99 -9.20 -6.11
C TYR A 87 -9.28 -9.78 -7.32
N LEU A 88 -10.04 -10.50 -8.15
CA LEU A 88 -9.49 -11.12 -9.35
C LEU A 88 -9.45 -10.13 -10.51
N PHE A 89 -8.27 -9.93 -11.08
CA PHE A 89 -8.10 -9.01 -12.19
C PHE A 89 -7.98 -9.76 -13.51
N THR A 90 -8.38 -9.11 -14.60
CA THR A 90 -8.31 -9.72 -15.92
C THR A 90 -8.06 -8.68 -17.00
N GLY A 91 -7.55 -9.11 -18.14
CA GLY A 91 -7.27 -8.20 -19.24
C GLY A 91 -5.90 -7.56 -19.11
N LEU A 92 -4.87 -8.37 -18.92
CA LEU A 92 -3.51 -7.87 -18.78
C LEU A 92 -2.64 -8.33 -19.95
N GLU A 93 -1.62 -7.54 -20.27
CA GLU A 93 -0.72 -7.87 -21.36
C GLU A 93 0.27 -8.96 -20.95
N LYS A 94 0.33 -10.03 -21.72
CA LYS A 94 1.22 -11.14 -21.44
C LYS A 94 2.69 -10.70 -21.55
N GLY A 95 3.48 -11.07 -20.55
CA GLY A 95 4.89 -10.71 -20.56
C GLY A 95 5.12 -9.29 -20.08
N SER A 96 4.50 -8.95 -18.96
CA SER A 96 4.64 -7.60 -18.39
C SER A 96 4.72 -7.66 -16.87
N GLN A 97 5.34 -6.64 -16.27
CA GLN A 97 5.48 -6.57 -14.83
C GLN A 97 4.34 -5.80 -14.20
N TYR A 98 3.86 -6.28 -13.06
CA TYR A 98 2.75 -5.64 -12.36
C TYR A 98 2.99 -5.62 -10.85
N SER A 99 2.43 -4.64 -10.17
CA SER A 99 2.57 -4.51 -8.72
C SER A 99 1.22 -4.46 -8.04
N PHE A 100 1.15 -5.03 -6.84
CA PHE A 100 -0.09 -5.05 -6.07
C PHE A 100 0.19 -4.94 -4.58
N GLN A 101 -0.78 -4.41 -3.84
CA GLN A 101 -0.63 -4.24 -2.40
C GLN A 101 -1.98 -4.42 -1.69
N VAL A 102 -1.93 -4.56 -0.37
CA VAL A 102 -3.15 -4.72 0.42
C VAL A 102 -3.06 -3.97 1.74
N SER A 103 -4.12 -3.26 2.08
CA SER A 103 -4.16 -2.48 3.32
C SER A 103 -5.43 -2.77 4.10
N ALA A 104 -5.28 -2.94 5.41
CA ALA A 104 -6.42 -3.23 6.28
C ALA A 104 -7.11 -1.93 6.72
N MET A 105 -8.43 -1.90 6.55
CA MET A 105 -9.21 -0.72 6.93
C MET A 105 -10.22 -1.06 8.03
N THR A 106 -10.33 -0.18 9.02
CA THR A 106 -11.26 -0.39 10.13
C THR A 106 -12.28 0.73 10.20
N VAL A 107 -13.25 0.58 11.11
CA VAL A 107 -14.29 1.59 11.29
C VAL A 107 -13.69 2.97 11.54
N ASN A 108 -12.45 2.99 12.03
CA ASN A 108 -11.77 4.24 12.31
C ASN A 108 -11.21 4.86 11.03
N GLY A 109 -10.26 4.16 10.41
CA GLY A 109 -9.68 4.66 9.17
C GLY A 109 -8.89 3.60 8.44
N THR A 110 -7.72 3.98 7.93
CA THR A 110 -6.87 3.06 7.19
C THR A 110 -5.47 3.01 7.80
N GLY A 111 -4.94 1.80 7.97
CA GLY A 111 -3.62 1.63 8.53
C GLY A 111 -2.53 1.57 7.46
N PRO A 112 -1.33 1.16 7.86
CA PRO A 112 -0.19 1.05 6.95
C PRO A 112 -0.36 -0.08 5.94
N PRO A 113 -0.20 0.25 4.64
CA PRO A 113 -0.32 -0.72 3.56
C PRO A 113 0.82 -1.73 3.54
N SER A 114 0.59 -2.87 2.89
CA SER A 114 1.60 -3.92 2.81
C SER A 114 2.67 -3.56 1.78
N ASN A 115 3.76 -4.31 1.79
CA ASN A 115 4.86 -4.07 0.86
C ASN A 115 4.38 -4.15 -0.58
N TRP A 116 5.16 -3.56 -1.49
CA TRP A 116 4.82 -3.57 -2.91
C TRP A 116 5.24 -4.87 -3.57
N TYR A 117 4.36 -5.86 -3.57
CA TYR A 117 4.65 -7.16 -4.18
C TYR A 117 4.48 -7.09 -5.69
N THR A 118 5.51 -7.52 -6.42
CA THR A 118 5.47 -7.52 -7.87
C THR A 118 5.25 -8.93 -8.41
N ALA A 119 4.48 -9.03 -9.48
CA ALA A 119 4.19 -10.31 -10.10
C ALA A 119 4.45 -10.27 -11.61
N GLU A 120 4.98 -11.36 -12.15
CA GLU A 120 5.29 -11.44 -13.57
C GLU A 120 4.37 -12.45 -14.26
N THR A 121 3.67 -11.99 -15.31
CA THR A 121 2.76 -12.85 -16.05
C THR A 121 3.51 -13.67 -17.09
N PRO A 122 3.09 -14.93 -17.27
CA PRO A 122 3.70 -15.84 -18.24
C PRO A 122 3.41 -15.44 -19.68
N GLU A 123 4.46 -15.14 -20.44
CA GLU A 123 4.30 -14.74 -21.83
C GLU A 123 3.40 -15.71 -22.58
N ASN A 124 3.52 -17.00 -22.26
CA ASN A 124 2.71 -18.02 -22.90
C ASN A 124 1.23 -17.86 -22.55
N GLY A 1 35.11 72.46 -10.15
CA GLY A 1 34.41 71.19 -10.24
C GLY A 1 34.70 70.29 -9.05
N SER A 2 33.92 69.22 -8.92
CA SER A 2 34.09 68.29 -7.81
C SER A 2 33.47 66.92 -8.15
N SER A 3 33.65 65.97 -7.25
CA SER A 3 33.11 64.63 -7.46
C SER A 3 32.59 64.04 -6.14
N GLY A 4 31.97 62.87 -6.22
CA GLY A 4 31.43 62.23 -5.05
C GLY A 4 31.37 60.72 -5.19
N SER A 5 30.74 60.07 -4.21
CA SER A 5 30.62 58.61 -4.22
C SER A 5 29.72 58.13 -3.08
N SER A 6 29.24 56.90 -3.20
CA SER A 6 28.38 56.32 -2.17
C SER A 6 28.27 54.81 -2.35
N GLY A 7 27.51 54.18 -1.45
CA GLY A 7 27.34 52.73 -1.53
C GLY A 7 25.92 52.31 -1.20
N ASN A 8 25.68 51.00 -1.22
CA ASN A 8 24.36 50.46 -0.93
C ASN A 8 24.45 49.00 -0.50
N ARG A 9 23.33 48.47 -0.01
CA ARG A 9 23.28 47.09 0.45
C ARG A 9 21.90 46.49 0.21
N TYR A 10 21.78 45.18 0.43
CA TYR A 10 20.52 44.48 0.24
C TYR A 10 20.54 43.12 0.93
N GLY A 11 19.37 42.47 0.97
CA GLY A 11 19.28 41.16 1.59
C GLY A 11 18.03 40.41 1.18
N PRO A 12 18.17 39.08 1.00
CA PRO A 12 17.05 38.22 0.61
C PRO A 12 16.00 38.07 1.71
N GLY A 13 14.94 37.34 1.42
CA GLY A 13 13.89 37.13 2.40
C GLY A 13 13.75 35.67 2.79
N VAL A 14 14.47 35.26 3.82
CA VAL A 14 14.42 33.88 4.28
C VAL A 14 13.00 33.48 4.65
N SER A 15 12.74 32.17 4.62
CA SER A 15 11.41 31.65 4.94
C SER A 15 11.48 30.15 5.21
N THR A 16 10.52 29.67 6.01
CA THR A 16 10.46 28.25 6.35
C THR A 16 9.12 27.89 6.97
N ASP A 17 8.44 26.92 6.37
CA ASP A 17 7.14 26.48 6.86
C ASP A 17 7.20 25.03 7.34
N ASP A 18 7.49 24.86 8.62
CA ASP A 18 7.57 23.52 9.22
C ASP A 18 6.22 23.09 9.76
N ILE A 19 5.47 22.35 8.95
CA ILE A 19 4.16 21.87 9.35
C ILE A 19 4.26 20.92 10.54
N THR A 20 3.72 21.34 11.68
CA THR A 20 3.75 20.53 12.88
C THR A 20 2.37 20.44 13.52
N VAL A 21 1.76 19.26 13.46
CA VAL A 21 0.44 19.05 14.04
C VAL A 21 0.42 17.82 14.94
N VAL A 22 0.11 18.02 16.21
CA VAL A 22 0.06 16.93 17.18
C VAL A 22 -1.38 16.53 17.48
N THR A 23 -1.90 15.56 16.73
CA THR A 23 -3.26 15.09 16.92
C THR A 23 -3.34 13.57 16.81
N LEU A 24 -4.37 12.99 17.41
CA LEU A 24 -4.56 11.54 17.38
C LEU A 24 -5.57 11.15 16.30
N SER A 25 -5.35 10.00 15.69
CA SER A 25 -6.23 9.51 14.64
C SER A 25 -6.87 8.19 15.04
N ASP A 26 -7.72 7.65 14.17
CA ASP A 26 -8.40 6.40 14.43
C ASP A 26 -8.03 5.35 13.38
N VAL A 27 -6.73 5.23 13.10
CA VAL A 27 -6.25 4.27 12.11
C VAL A 27 -5.44 3.17 12.78
N PRO A 28 -5.38 2.00 12.11
CA PRO A 28 -4.64 0.85 12.62
C PRO A 28 -3.12 1.06 12.59
N SER A 29 -2.40 0.20 13.28
CA SER A 29 -0.94 0.29 13.34
C SER A 29 -0.29 -1.03 12.96
N ALA A 30 -0.95 -1.76 12.06
CA ALA A 30 -0.43 -3.06 11.61
C ALA A 30 -1.02 -3.44 10.26
N PRO A 31 -0.15 -3.71 9.28
CA PRO A 31 -0.57 -4.10 7.93
C PRO A 31 -1.20 -5.49 7.89
N PRO A 32 -1.86 -5.82 6.77
CA PRO A 32 -2.50 -7.11 6.58
C PRO A 32 -1.50 -8.25 6.44
N GLN A 33 -1.95 -9.47 6.66
CA GLN A 33 -1.10 -10.65 6.55
C GLN A 33 -1.46 -11.48 5.33
N ASN A 34 -0.71 -12.56 5.11
CA ASN A 34 -0.96 -13.44 3.98
C ASN A 34 -1.05 -12.64 2.68
N VAL A 35 -0.13 -11.70 2.50
CA VAL A 35 -0.10 -10.87 1.30
C VAL A 35 0.79 -11.48 0.23
N SER A 36 0.20 -12.32 -0.62
CA SER A 36 0.95 -12.97 -1.69
C SER A 36 0.23 -12.80 -3.02
N LEU A 37 0.92 -13.17 -4.11
CA LEU A 37 0.35 -13.06 -5.44
C LEU A 37 0.25 -14.43 -6.11
N GLU A 38 -0.87 -14.68 -6.76
CA GLU A 38 -1.09 -15.95 -7.43
C GLU A 38 -1.47 -15.73 -8.90
N VAL A 39 -0.53 -16.02 -9.80
CA VAL A 39 -0.76 -15.85 -11.22
C VAL A 39 -1.68 -16.94 -11.77
N VAL A 40 -2.96 -16.62 -11.89
CA VAL A 40 -3.94 -17.57 -12.39
C VAL A 40 -3.72 -17.85 -13.87
N ASN A 41 -3.65 -16.79 -14.67
CA ASN A 41 -3.44 -16.92 -16.10
C ASN A 41 -2.64 -15.74 -16.65
N SER A 42 -2.37 -15.77 -17.96
CA SER A 42 -1.61 -14.71 -18.60
C SER A 42 -2.37 -13.38 -18.54
N ARG A 43 -3.69 -13.47 -18.39
CA ARG A 43 -4.53 -12.28 -18.32
C ARG A 43 -5.46 -12.35 -17.11
N SER A 44 -4.99 -13.00 -16.04
CA SER A 44 -5.78 -13.12 -14.83
C SER A 44 -4.87 -13.33 -13.61
N ILE A 45 -5.07 -12.51 -12.59
CA ILE A 45 -4.27 -12.60 -11.37
C ILE A 45 -5.15 -12.45 -10.13
N LYS A 46 -5.10 -13.45 -9.26
CA LYS A 46 -5.88 -13.44 -8.03
C LYS A 46 -5.03 -13.00 -6.85
N VAL A 47 -5.51 -11.99 -6.12
CA VAL A 47 -4.78 -11.47 -4.97
C VAL A 47 -5.59 -11.68 -3.69
N SER A 48 -5.00 -12.39 -2.74
CA SER A 48 -5.66 -12.67 -1.46
C SER A 48 -4.93 -11.98 -0.31
N TRP A 49 -5.49 -12.08 0.89
CA TRP A 49 -4.90 -11.48 2.06
C TRP A 49 -5.61 -11.92 3.33
N LEU A 50 -5.09 -11.52 4.48
CA LEU A 50 -5.68 -11.88 5.77
C LEU A 50 -5.64 -10.71 6.74
N PRO A 51 -6.52 -10.73 7.74
CA PRO A 51 -6.60 -9.68 8.76
C PRO A 51 -5.40 -9.69 9.70
N PRO A 52 -5.09 -8.52 10.28
CA PRO A 52 -3.97 -8.37 11.20
C PRO A 52 -4.21 -9.08 12.53
N PRO A 53 -3.15 -9.20 13.34
CA PRO A 53 -3.23 -9.84 14.65
C PRO A 53 -4.03 -9.03 15.66
N SER A 54 -4.50 -9.69 16.72
CA SER A 54 -5.29 -9.02 17.75
C SER A 54 -4.46 -7.97 18.48
N GLY A 55 -5.14 -6.99 19.07
CA GLY A 55 -4.45 -5.94 19.79
C GLY A 55 -4.19 -4.72 18.92
N THR A 56 -3.84 -4.96 17.66
CA THR A 56 -3.57 -3.87 16.74
C THR A 56 -4.85 -3.36 16.09
N GLN A 57 -5.57 -4.25 15.43
CA GLN A 57 -6.83 -3.89 14.76
C GLN A 57 -7.84 -3.38 15.78
N ASN A 58 -7.89 -2.06 15.96
CA ASN A 58 -8.83 -1.46 16.90
C ASN A 58 -10.27 -1.64 16.44
N GLY A 59 -10.57 -1.15 15.24
CA GLY A 59 -11.91 -1.27 14.70
C GLY A 59 -12.05 -2.44 13.74
N PHE A 60 -13.16 -3.16 13.84
CA PHE A 60 -13.40 -4.31 12.98
C PHE A 60 -13.29 -3.92 11.50
N ILE A 61 -12.29 -4.49 10.83
CA ILE A 61 -12.07 -4.20 9.42
C ILE A 61 -13.31 -4.52 8.58
N THR A 62 -13.81 -3.53 7.86
CA THR A 62 -14.99 -3.71 7.02
C THR A 62 -14.60 -4.18 5.62
N GLY A 63 -13.55 -3.57 5.07
CA GLY A 63 -13.11 -3.94 3.74
C GLY A 63 -11.60 -3.81 3.58
N TYR A 64 -11.10 -4.14 2.39
CA TYR A 64 -9.67 -4.06 2.11
C TYR A 64 -9.40 -3.22 0.87
N LYS A 65 -8.28 -2.52 0.87
CA LYS A 65 -7.90 -1.67 -0.26
C LYS A 65 -6.83 -2.36 -1.11
N ILE A 66 -6.82 -2.02 -2.40
CA ILE A 66 -5.85 -2.61 -3.32
C ILE A 66 -5.31 -1.56 -4.30
N ARG A 67 -4.00 -1.56 -4.50
CA ARG A 67 -3.37 -0.61 -5.41
C ARG A 67 -2.61 -1.33 -6.51
N HIS A 68 -2.97 -1.05 -7.76
CA HIS A 68 -2.33 -1.67 -8.91
C HIS A 68 -1.54 -0.65 -9.72
N ARG A 69 -0.41 -1.07 -10.28
CA ARG A 69 0.43 -0.18 -11.07
C ARG A 69 1.31 -0.98 -12.02
N LYS A 70 1.79 -0.33 -13.07
CA LYS A 70 2.64 -0.97 -14.06
C LYS A 70 4.02 -0.33 -14.09
N THR A 71 5.04 -1.14 -14.34
CA THR A 71 6.41 -0.64 -14.40
C THR A 71 6.52 0.58 -15.29
N THR A 72 5.63 0.68 -16.27
CA THR A 72 5.61 1.81 -17.19
C THR A 72 4.23 2.44 -17.27
N ARG A 73 3.92 3.31 -16.32
CA ARG A 73 2.63 3.98 -16.29
C ARG A 73 2.62 5.12 -15.27
N ARG A 74 1.85 6.16 -15.55
CA ARG A 74 1.77 7.31 -14.66
C ARG A 74 0.33 7.56 -14.22
N GLY A 75 -0.24 6.59 -13.53
CA GLY A 75 -1.62 6.72 -13.07
C GLY A 75 -1.95 5.74 -11.94
N GLU A 76 -1.27 5.90 -10.81
CA GLU A 76 -1.50 5.03 -9.66
C GLU A 76 -2.92 5.19 -9.13
N MET A 77 -3.70 4.12 -9.22
CA MET A 77 -5.08 4.14 -8.74
C MET A 77 -5.32 3.04 -7.72
N GLU A 78 -6.27 3.27 -6.83
CA GLU A 78 -6.59 2.29 -5.79
C GLU A 78 -8.01 1.75 -5.98
N THR A 79 -8.28 0.61 -5.34
CA THR A 79 -9.59 -0.03 -5.44
C THR A 79 -9.85 -0.94 -4.26
N LEU A 80 -11.09 -0.96 -3.78
CA LEU A 80 -11.47 -1.82 -2.66
C LEU A 80 -12.55 -2.81 -3.07
N GLU A 81 -12.63 -3.91 -2.33
CA GLU A 81 -13.63 -4.94 -2.61
C GLU A 81 -14.31 -5.41 -1.33
N PRO A 82 -15.53 -4.91 -1.11
CA PRO A 82 -16.33 -5.25 0.07
C PRO A 82 -16.81 -6.69 0.05
N ASN A 83 -16.69 -7.34 -1.11
CA ASN A 83 -17.12 -8.73 -1.27
C ASN A 83 -16.36 -9.64 -0.30
N ASN A 84 -15.10 -9.91 -0.62
CA ASN A 84 -14.27 -10.77 0.22
C ASN A 84 -12.83 -10.25 0.28
N LEU A 85 -11.96 -11.01 0.93
CA LEU A 85 -10.56 -10.64 1.05
C LEU A 85 -9.76 -11.14 -0.15
N TRP A 86 -10.35 -11.09 -1.33
CA TRP A 86 -9.69 -11.54 -2.54
C TRP A 86 -10.22 -10.79 -3.76
N TYR A 87 -9.30 -10.34 -4.61
CA TYR A 87 -9.68 -9.61 -5.82
C TYR A 87 -9.12 -10.29 -7.07
N LEU A 88 -10.03 -10.79 -7.92
CA LEU A 88 -9.63 -11.45 -9.14
C LEU A 88 -9.65 -10.50 -10.33
N PHE A 89 -8.47 -10.07 -10.76
CA PHE A 89 -8.36 -9.14 -11.89
C PHE A 89 -8.21 -9.90 -13.20
N THR A 90 -8.76 -9.32 -14.27
CA THR A 90 -8.70 -9.94 -15.59
C THR A 90 -8.49 -8.90 -16.68
N GLY A 91 -8.13 -9.36 -17.87
CA GLY A 91 -7.91 -8.45 -18.98
C GLY A 91 -6.60 -7.69 -18.86
N LEU A 92 -5.54 -8.40 -18.49
CA LEU A 92 -4.23 -7.78 -18.34
C LEU A 92 -3.40 -7.94 -19.62
N GLU A 93 -2.43 -7.05 -19.80
CA GLU A 93 -1.57 -7.09 -20.97
C GLU A 93 -0.40 -8.03 -20.76
N LYS A 94 -0.34 -9.09 -21.56
CA LYS A 94 0.72 -10.08 -21.46
C LYS A 94 2.09 -9.41 -21.61
N GLY A 95 3.14 -10.14 -21.23
CA GLY A 95 4.49 -9.61 -21.34
C GLY A 95 4.62 -8.25 -20.70
N SER A 96 4.19 -8.14 -19.45
CA SER A 96 4.26 -6.87 -18.72
C SER A 96 4.27 -7.11 -17.21
N GLN A 97 4.87 -6.19 -16.47
CA GLN A 97 4.95 -6.29 -15.02
C GLN A 97 3.81 -5.53 -14.35
N TYR A 98 3.47 -5.94 -13.14
CA TYR A 98 2.39 -5.29 -12.38
C TYR A 98 2.63 -5.41 -10.88
N SER A 99 2.21 -4.39 -10.14
CA SER A 99 2.37 -4.36 -8.70
C SER A 99 1.03 -4.47 -7.99
N PHE A 100 1.06 -4.82 -6.71
CA PHE A 100 -0.15 -4.96 -5.92
C PHE A 100 0.13 -4.75 -4.44
N GLN A 101 -0.73 -3.96 -3.79
CA GLN A 101 -0.57 -3.66 -2.37
C GLN A 101 -1.90 -3.73 -1.64
N VAL A 102 -2.00 -4.63 -0.67
CA VAL A 102 -3.23 -4.79 0.11
C VAL A 102 -3.16 -4.03 1.42
N SER A 103 -4.29 -3.50 1.85
CA SER A 103 -4.36 -2.74 3.11
C SER A 103 -5.62 -3.09 3.89
N ALA A 104 -5.64 -2.73 5.17
CA ALA A 104 -6.78 -3.01 6.02
C ALA A 104 -7.55 -1.72 6.35
N MET A 105 -8.76 -1.61 5.81
CA MET A 105 -9.59 -0.44 6.05
C MET A 105 -10.51 -0.65 7.24
N THR A 106 -10.51 0.30 8.16
CA THR A 106 -11.34 0.22 9.36
C THR A 106 -12.58 1.09 9.22
N VAL A 107 -13.43 1.07 10.25
CA VAL A 107 -14.65 1.86 10.24
C VAL A 107 -14.34 3.35 10.25
N ASN A 108 -13.08 3.69 10.49
CA ASN A 108 -12.66 5.09 10.53
C ASN A 108 -12.07 5.51 9.18
N GLY A 109 -10.87 5.01 8.89
CA GLY A 109 -10.21 5.35 7.64
C GLY A 109 -9.43 4.19 7.07
N THR A 110 -8.45 4.51 6.22
CA THR A 110 -7.62 3.48 5.60
C THR A 110 -6.30 3.33 6.35
N GLY A 111 -5.99 2.10 6.76
CA GLY A 111 -4.75 1.84 7.47
C GLY A 111 -3.53 2.00 6.59
N PRO A 112 -2.34 1.80 7.18
CA PRO A 112 -1.07 1.91 6.47
C PRO A 112 -0.87 0.79 5.45
N PRO A 113 -0.31 1.14 4.28
CA PRO A 113 -0.05 0.17 3.22
C PRO A 113 1.07 -0.80 3.57
N SER A 114 1.00 -2.01 3.02
CA SER A 114 2.00 -3.03 3.27
C SER A 114 3.03 -3.08 2.16
N ASN A 115 4.02 -3.95 2.32
CA ASN A 115 5.08 -4.09 1.31
C ASN A 115 4.49 -4.11 -0.10
N TRP A 116 5.25 -3.58 -1.05
CA TRP A 116 4.79 -3.54 -2.44
C TRP A 116 5.25 -4.78 -3.19
N TYR A 117 4.33 -5.73 -3.34
CA TYR A 117 4.63 -6.98 -4.04
C TYR A 117 4.43 -6.81 -5.55
N THR A 118 5.33 -7.43 -6.32
CA THR A 118 5.25 -7.35 -7.77
C THR A 118 5.03 -8.73 -8.39
N ALA A 119 4.33 -8.77 -9.51
CA ALA A 119 4.06 -10.03 -10.21
C ALA A 119 4.36 -9.91 -11.70
N GLU A 120 4.59 -11.06 -12.33
CA GLU A 120 4.89 -11.09 -13.75
C GLU A 120 3.96 -12.05 -14.49
N THR A 121 3.43 -11.58 -15.62
CA THR A 121 2.52 -12.40 -16.41
C THR A 121 3.28 -13.30 -17.37
N PRO A 122 2.86 -14.57 -17.45
CA PRO A 122 3.49 -15.57 -18.33
C PRO A 122 3.22 -15.29 -19.80
N GLU A 123 4.28 -14.98 -20.54
CA GLU A 123 4.17 -14.70 -21.97
C GLU A 123 3.18 -15.66 -22.63
N ASN A 124 3.27 -16.93 -22.27
CA ASN A 124 2.38 -17.95 -22.83
C ASN A 124 0.95 -17.77 -22.31
N GLY A 1 -2.85 13.75 -47.90
CA GLY A 1 -3.69 13.19 -48.95
C GLY A 1 -5.10 13.73 -48.91
N SER A 2 -5.67 13.83 -47.71
CA SER A 2 -7.03 14.32 -47.54
C SER A 2 -7.03 15.64 -46.76
N SER A 3 -8.19 16.29 -46.74
CA SER A 3 -8.33 17.56 -46.03
C SER A 3 -9.02 17.36 -44.69
N GLY A 4 -8.31 17.67 -43.61
CA GLY A 4 -8.87 17.52 -42.28
C GLY A 4 -7.83 17.12 -41.25
N SER A 5 -7.77 17.86 -40.16
CA SER A 5 -6.81 17.58 -39.10
C SER A 5 -7.39 17.93 -37.73
N SER A 6 -6.73 17.47 -36.68
CA SER A 6 -7.18 17.72 -35.31
C SER A 6 -6.02 18.19 -34.43
N GLY A 7 -4.92 17.46 -34.46
CA GLY A 7 -3.76 17.82 -33.66
C GLY A 7 -3.94 17.48 -32.19
N ASN A 8 -2.90 17.73 -31.40
CA ASN A 8 -2.95 17.44 -29.97
C ASN A 8 -1.82 18.17 -29.24
N ARG A 9 -2.05 18.47 -27.97
CA ARG A 9 -1.06 19.16 -27.16
C ARG A 9 -1.46 19.16 -25.68
N TYR A 10 -0.48 19.03 -24.80
CA TYR A 10 -0.73 19.01 -23.37
C TYR A 10 0.48 19.51 -22.59
N GLY A 11 0.34 19.56 -21.27
CA GLY A 11 1.44 20.03 -20.43
C GLY A 11 1.33 19.52 -19.01
N PRO A 12 1.78 18.28 -18.78
CA PRO A 12 1.76 17.65 -17.46
C PRO A 12 2.74 18.30 -16.49
N GLY A 13 2.67 17.90 -15.22
CA GLY A 13 3.55 18.44 -14.21
C GLY A 13 3.99 17.40 -13.21
N VAL A 14 5.17 17.61 -12.62
CA VAL A 14 5.72 16.68 -11.64
C VAL A 14 4.78 16.55 -10.44
N SER A 15 4.53 17.67 -9.77
CA SER A 15 3.65 17.68 -8.60
C SER A 15 2.57 18.75 -8.74
N THR A 16 1.36 18.42 -8.30
CA THR A 16 0.25 19.35 -8.37
C THR A 16 -0.20 19.79 -6.98
N ASP A 17 -0.24 18.85 -6.04
CA ASP A 17 -0.65 19.15 -4.68
C ASP A 17 -0.49 17.93 -3.79
N ASP A 18 0.38 18.05 -2.78
CA ASP A 18 0.63 16.95 -1.85
C ASP A 18 0.80 17.48 -0.43
N ILE A 19 -0.10 17.06 0.46
CA ILE A 19 -0.05 17.48 1.85
C ILE A 19 -0.36 16.32 2.79
N THR A 20 0.06 16.45 4.05
CA THR A 20 -0.18 15.42 5.04
C THR A 20 -0.71 16.01 6.34
N VAL A 21 -1.05 15.15 7.29
CA VAL A 21 -1.56 15.59 8.59
C VAL A 21 -1.19 14.61 9.69
N VAL A 22 -0.70 15.15 10.80
CA VAL A 22 -0.30 14.32 11.94
C VAL A 22 -1.29 14.46 13.08
N THR A 23 -2.56 14.15 12.81
CA THR A 23 -3.60 14.23 13.82
C THR A 23 -3.95 12.86 14.38
N LEU A 24 -4.28 12.81 15.66
CA LEU A 24 -4.63 11.54 16.31
C LEU A 24 -5.79 10.86 15.59
N SER A 25 -5.82 9.53 15.67
CA SER A 25 -6.87 8.76 15.02
C SER A 25 -6.87 7.31 15.51
N ASP A 26 -7.92 6.58 15.18
CA ASP A 26 -8.04 5.18 15.60
C ASP A 26 -7.75 4.25 14.44
N VAL A 27 -7.01 4.75 13.45
CA VAL A 27 -6.66 3.96 12.27
C VAL A 27 -5.66 2.86 12.64
N PRO A 28 -5.75 1.71 11.93
CA PRO A 28 -4.87 0.57 12.15
C PRO A 28 -3.44 0.85 11.70
N SER A 29 -2.49 0.27 12.42
CA SER A 29 -1.08 0.45 12.09
C SER A 29 -0.45 -0.86 11.61
N ALA A 30 -1.00 -1.97 12.07
CA ALA A 30 -0.50 -3.29 11.68
C ALA A 30 -1.06 -3.72 10.33
N PRO A 31 -0.16 -4.07 9.41
CA PRO A 31 -0.54 -4.51 8.06
C PRO A 31 -1.22 -5.86 8.06
N PRO A 32 -1.92 -6.18 6.96
CA PRO A 32 -2.63 -7.45 6.81
C PRO A 32 -1.67 -8.64 6.65
N GLN A 33 -2.23 -9.84 6.68
CA GLN A 33 -1.43 -11.05 6.55
C GLN A 33 -1.78 -11.80 5.27
N ASN A 34 -0.95 -12.78 4.92
CA ASN A 34 -1.17 -13.56 3.70
C ASN A 34 -1.15 -12.68 2.47
N VAL A 35 -0.14 -11.81 2.38
CA VAL A 35 -0.01 -10.90 1.25
C VAL A 35 0.92 -11.48 0.19
N SER A 36 0.32 -12.08 -0.85
CA SER A 36 1.09 -12.68 -1.93
C SER A 36 0.29 -12.70 -3.22
N LEU A 37 0.99 -12.81 -4.34
CA LEU A 37 0.35 -12.84 -5.65
C LEU A 37 0.32 -14.26 -6.21
N GLU A 38 -0.64 -14.52 -7.10
CA GLU A 38 -0.77 -15.84 -7.71
C GLU A 38 -1.08 -15.72 -9.20
N VAL A 39 -0.11 -16.07 -10.04
CA VAL A 39 -0.28 -16.00 -11.48
C VAL A 39 -1.27 -17.06 -11.97
N VAL A 40 -2.53 -16.66 -12.12
CA VAL A 40 -3.57 -17.57 -12.58
C VAL A 40 -3.46 -17.82 -14.08
N ASN A 41 -3.40 -16.74 -14.85
CA ASN A 41 -3.28 -16.84 -16.30
C ASN A 41 -2.51 -15.66 -16.87
N SER A 42 -2.29 -15.68 -18.18
CA SER A 42 -1.57 -14.62 -18.86
C SER A 42 -2.30 -13.29 -18.72
N ARG A 43 -3.62 -13.33 -18.82
CA ARG A 43 -4.44 -12.13 -18.70
C ARG A 43 -5.36 -12.21 -17.48
N SER A 44 -4.86 -12.83 -16.42
CA SER A 44 -5.64 -12.98 -15.20
C SER A 44 -4.72 -13.15 -13.98
N ILE A 45 -5.12 -12.57 -12.85
CA ILE A 45 -4.34 -12.66 -11.64
C ILE A 45 -5.24 -12.69 -10.40
N LYS A 46 -4.84 -13.50 -9.42
CA LYS A 46 -5.61 -13.62 -8.18
C LYS A 46 -4.85 -13.03 -7.01
N VAL A 47 -5.54 -12.19 -6.24
CA VAL A 47 -4.93 -11.55 -5.07
C VAL A 47 -5.76 -11.79 -3.82
N SER A 48 -5.10 -12.27 -2.77
CA SER A 48 -5.78 -12.55 -1.50
C SER A 48 -5.05 -11.87 -0.34
N TRP A 49 -5.72 -11.81 0.80
CA TRP A 49 -5.15 -11.19 1.99
C TRP A 49 -5.85 -11.66 3.25
N LEU A 50 -5.34 -11.26 4.40
CA LEU A 50 -5.92 -11.65 5.68
C LEU A 50 -5.83 -10.50 6.70
N PRO A 51 -6.73 -10.52 7.70
CA PRO A 51 -6.75 -9.51 8.75
C PRO A 51 -5.56 -9.60 9.69
N PRO A 52 -5.22 -8.48 10.33
CA PRO A 52 -4.09 -8.41 11.28
C PRO A 52 -4.37 -9.18 12.56
N PRO A 53 -3.31 -9.37 13.37
CA PRO A 53 -3.42 -10.09 14.64
C PRO A 53 -4.21 -9.31 15.68
N SER A 54 -4.87 -10.04 16.57
CA SER A 54 -5.68 -9.41 17.63
C SER A 54 -4.86 -8.37 18.37
N GLY A 55 -5.54 -7.59 19.21
CA GLY A 55 -4.86 -6.56 19.98
C GLY A 55 -4.64 -5.28 19.19
N THR A 56 -4.14 -5.42 17.97
CA THR A 56 -3.88 -4.29 17.10
C THR A 56 -5.17 -3.76 16.49
N GLN A 57 -6.04 -4.68 16.07
CA GLN A 57 -7.31 -4.31 15.47
C GLN A 57 -7.93 -3.12 16.19
N ASN A 58 -7.81 -1.94 15.59
CA ASN A 58 -8.35 -0.72 16.17
C ASN A 58 -9.63 -0.30 15.44
N GLY A 59 -10.69 -1.09 15.60
CA GLY A 59 -11.95 -0.78 14.95
C GLY A 59 -12.42 -1.90 14.05
N PHE A 60 -13.62 -1.72 13.48
CA PHE A 60 -14.19 -2.73 12.58
C PHE A 60 -13.58 -2.62 11.18
N ILE A 61 -12.95 -3.68 10.73
CA ILE A 61 -12.33 -3.69 9.41
C ILE A 61 -13.38 -3.56 8.31
N THR A 62 -13.70 -2.32 7.96
CA THR A 62 -14.69 -2.06 6.94
C THR A 62 -14.38 -2.83 5.65
N GLY A 63 -13.19 -2.61 5.12
CA GLY A 63 -12.78 -3.29 3.90
C GLY A 63 -11.27 -3.36 3.75
N TYR A 64 -10.81 -3.61 2.53
CA TYR A 64 -9.39 -3.71 2.26
C TYR A 64 -9.01 -2.91 1.02
N LYS A 65 -8.01 -2.05 1.17
CA LYS A 65 -7.55 -1.21 0.06
C LYS A 65 -6.63 -2.00 -0.87
N ILE A 66 -7.01 -2.06 -2.14
CA ILE A 66 -6.23 -2.78 -3.14
C ILE A 66 -5.71 -1.83 -4.23
N ARG A 67 -4.41 -1.56 -4.19
CA ARG A 67 -3.80 -0.68 -5.17
C ARG A 67 -2.83 -1.44 -6.07
N HIS A 68 -3.02 -1.28 -7.39
CA HIS A 68 -2.17 -1.97 -8.36
C HIS A 68 -1.59 -0.97 -9.37
N ARG A 69 -0.28 -1.05 -9.59
CA ARG A 69 0.39 -0.16 -10.53
C ARG A 69 1.35 -0.95 -11.41
N LYS A 70 1.43 -0.55 -12.69
CA LYS A 70 2.30 -1.21 -13.64
C LYS A 70 3.57 -0.39 -13.87
N THR A 71 4.67 -1.06 -14.19
CA THR A 71 5.94 -0.40 -14.44
C THR A 71 5.75 0.82 -15.34
N THR A 72 5.23 0.59 -16.54
CA THR A 72 5.00 1.66 -17.50
C THR A 72 3.55 2.12 -17.47
N ARG A 73 3.24 3.15 -18.25
CA ARG A 73 1.89 3.70 -18.31
C ARG A 73 1.48 4.31 -16.98
N ARG A 74 2.35 5.15 -16.43
CA ARG A 74 2.09 5.81 -15.16
C ARG A 74 0.62 6.19 -15.04
N GLY A 75 -0.10 5.54 -14.13
CA GLY A 75 -1.51 5.83 -13.95
C GLY A 75 -2.22 4.74 -13.17
N GLU A 76 -1.60 4.25 -12.11
CA GLU A 76 -2.18 3.20 -11.29
C GLU A 76 -3.61 3.56 -10.87
N MET A 77 -4.37 2.55 -10.48
CA MET A 77 -5.75 2.77 -10.05
C MET A 77 -6.01 2.09 -8.70
N GLU A 78 -6.62 2.83 -7.79
CA GLU A 78 -6.93 2.30 -6.46
C GLU A 78 -8.33 1.71 -6.43
N THR A 79 -8.45 0.49 -5.91
CA THR A 79 -9.74 -0.19 -5.82
C THR A 79 -9.84 -0.99 -4.53
N LEU A 80 -11.05 -1.03 -3.95
CA LEU A 80 -11.28 -1.77 -2.72
C LEU A 80 -12.57 -2.57 -2.80
N GLU A 81 -12.55 -3.79 -2.27
CA GLU A 81 -13.72 -4.66 -2.29
C GLU A 81 -13.99 -5.24 -0.90
N PRO A 82 -14.97 -4.65 -0.20
CA PRO A 82 -15.34 -5.08 1.15
C PRO A 82 -16.03 -6.44 1.15
N ASN A 83 -16.84 -6.69 0.13
CA ASN A 83 -17.55 -7.96 0.02
C ASN A 83 -16.67 -9.12 0.46
N ASN A 84 -15.64 -9.41 -0.31
CA ASN A 84 -14.72 -10.50 0.01
C ASN A 84 -13.32 -9.97 0.24
N LEU A 85 -12.42 -10.86 0.65
CA LEU A 85 -11.03 -10.48 0.91
C LEU A 85 -10.13 -10.88 -0.26
N TRP A 86 -10.74 -11.06 -1.43
CA TRP A 86 -10.00 -11.44 -2.63
C TRP A 86 -10.53 -10.72 -3.85
N TYR A 87 -9.63 -10.39 -4.79
CA TYR A 87 -10.02 -9.71 -6.01
C TYR A 87 -9.23 -10.21 -7.20
N LEU A 88 -9.93 -10.79 -8.17
CA LEU A 88 -9.28 -11.32 -9.36
C LEU A 88 -9.28 -10.28 -10.49
N PHE A 89 -8.09 -9.93 -10.96
CA PHE A 89 -7.95 -8.95 -12.03
C PHE A 89 -7.71 -9.64 -13.37
N THR A 90 -8.61 -9.40 -14.32
CA THR A 90 -8.50 -9.99 -15.65
C THR A 90 -8.27 -8.93 -16.71
N GLY A 91 -7.88 -9.37 -17.90
CA GLY A 91 -7.63 -8.43 -18.99
C GLY A 91 -6.29 -7.75 -18.88
N LEU A 92 -5.22 -8.54 -18.83
CA LEU A 92 -3.88 -7.99 -18.71
C LEU A 92 -3.05 -8.31 -19.95
N GLU A 93 -2.18 -7.39 -20.33
CA GLU A 93 -1.32 -7.58 -21.51
C GLU A 93 -0.12 -8.45 -21.17
N LYS A 94 -0.11 -9.66 -21.69
CA LYS A 94 1.00 -10.59 -21.45
C LYS A 94 2.33 -9.87 -21.51
N GLY A 95 3.32 -10.39 -20.78
CA GLY A 95 4.63 -9.80 -20.77
C GLY A 95 4.63 -8.40 -20.18
N SER A 96 4.13 -8.28 -18.95
CA SER A 96 4.07 -6.99 -18.28
C SER A 96 4.30 -7.14 -16.77
N GLN A 97 4.83 -6.10 -16.14
CA GLN A 97 5.09 -6.13 -14.71
C GLN A 97 4.03 -5.35 -13.95
N TYR A 98 3.22 -6.07 -13.17
CA TYR A 98 2.16 -5.44 -12.40
C TYR A 98 2.45 -5.56 -10.89
N SER A 99 1.93 -4.60 -10.13
CA SER A 99 2.13 -4.59 -8.69
C SER A 99 0.80 -4.54 -7.95
N PHE A 100 0.83 -4.89 -6.67
CA PHE A 100 -0.38 -4.89 -5.85
C PHE A 100 -0.08 -4.43 -4.43
N GLN A 101 -1.13 -4.17 -3.65
CA GLN A 101 -0.97 -3.72 -2.28
C GLN A 101 -2.26 -3.94 -1.48
N VAL A 102 -2.11 -4.22 -0.20
CA VAL A 102 -3.26 -4.46 0.67
C VAL A 102 -3.07 -3.79 2.03
N SER A 103 -4.16 -3.24 2.56
CA SER A 103 -4.10 -2.56 3.85
C SER A 103 -5.44 -2.67 4.58
N ALA A 104 -5.41 -3.12 5.82
CA ALA A 104 -6.62 -3.28 6.63
C ALA A 104 -7.10 -1.93 7.14
N MET A 105 -8.28 -1.52 6.67
CA MET A 105 -8.86 -0.25 7.08
C MET A 105 -10.12 -0.46 7.91
N THR A 106 -10.34 0.41 8.90
CA THR A 106 -11.50 0.31 9.76
C THR A 106 -12.42 1.51 9.60
N VAL A 107 -13.47 1.57 10.41
CA VAL A 107 -14.42 2.68 10.36
C VAL A 107 -13.71 4.02 10.52
N ASN A 108 -12.51 3.99 11.11
CA ASN A 108 -11.73 5.20 11.32
C ASN A 108 -11.07 5.64 10.03
N GLY A 109 -10.22 4.77 9.47
CA GLY A 109 -9.53 5.10 8.24
C GLY A 109 -8.76 3.91 7.68
N THR A 110 -7.82 4.18 6.78
CA THR A 110 -7.02 3.13 6.17
C THR A 110 -5.62 3.10 6.75
N GLY A 111 -5.27 1.99 7.40
CA GLY A 111 -3.95 1.86 7.99
C GLY A 111 -2.85 1.97 6.96
N PRO A 112 -1.60 1.71 7.40
CA PRO A 112 -0.42 1.78 6.53
C PRO A 112 -0.41 0.67 5.48
N PRO A 113 0.08 1.00 4.28
CA PRO A 113 0.17 0.04 3.17
C PRO A 113 1.22 -1.04 3.42
N SER A 114 0.91 -2.26 3.00
CA SER A 114 1.83 -3.39 3.17
C SER A 114 2.91 -3.38 2.10
N ASN A 115 3.92 -4.22 2.28
CA ASN A 115 5.03 -4.32 1.32
C ASN A 115 4.50 -4.30 -0.11
N TRP A 116 5.27 -3.70 -1.01
CA TRP A 116 4.88 -3.62 -2.41
C TRP A 116 5.29 -4.88 -3.17
N TYR A 117 4.31 -5.76 -3.41
CA TYR A 117 4.57 -7.00 -4.12
C TYR A 117 4.45 -6.81 -5.62
N THR A 118 5.17 -7.63 -6.38
CA THR A 118 5.14 -7.54 -7.84
C THR A 118 5.10 -8.93 -8.47
N ALA A 119 4.39 -9.06 -9.58
CA ALA A 119 4.27 -10.33 -10.28
C ALA A 119 4.31 -10.13 -11.79
N GLU A 120 5.02 -11.02 -12.47
CA GLU A 120 5.14 -10.95 -13.92
C GLU A 120 4.27 -12.00 -14.60
N THR A 121 3.49 -11.57 -15.59
CA THR A 121 2.62 -12.49 -16.32
C THR A 121 3.40 -13.31 -17.34
N PRO A 122 3.00 -14.58 -17.49
CA PRO A 122 3.65 -15.50 -18.44
C PRO A 122 3.38 -15.13 -19.89
N GLU A 123 4.46 -14.89 -20.64
CA GLU A 123 4.33 -14.53 -22.04
C GLU A 123 3.38 -15.46 -22.78
N ASN A 124 3.47 -16.75 -22.46
CA ASN A 124 2.61 -17.75 -23.09
C ASN A 124 1.18 -17.65 -22.57
N GLY A 1 77.57 12.25 8.85
CA GLY A 1 76.26 11.62 8.88
C GLY A 1 75.15 12.62 9.10
N SER A 2 73.96 12.11 9.44
CA SER A 2 72.81 12.97 9.68
C SER A 2 71.68 12.20 10.34
N SER A 3 70.74 12.93 10.95
CA SER A 3 69.61 12.30 11.62
C SER A 3 68.47 13.30 11.81
N GLY A 4 67.30 12.80 12.20
CA GLY A 4 66.15 13.65 12.41
C GLY A 4 65.18 13.08 13.41
N SER A 5 64.01 13.71 13.52
CA SER A 5 62.98 13.26 14.46
C SER A 5 61.63 13.85 14.10
N SER A 6 60.57 13.12 14.44
CA SER A 6 59.21 13.57 14.15
C SER A 6 58.29 13.32 15.34
N GLY A 7 57.03 13.73 15.20
CA GLY A 7 56.07 13.54 16.27
C GLY A 7 54.70 13.14 15.76
N ASN A 8 53.71 13.16 16.66
CA ASN A 8 52.35 12.79 16.29
C ASN A 8 51.34 13.36 17.29
N ARG A 9 50.06 13.30 16.93
CA ARG A 9 49.01 13.81 17.80
C ARG A 9 47.69 13.10 17.52
N TYR A 10 46.88 12.94 18.55
CA TYR A 10 45.58 12.28 18.41
C TYR A 10 44.51 13.00 19.22
N GLY A 11 43.26 12.88 18.78
CA GLY A 11 42.17 13.53 19.48
C GLY A 11 40.91 12.67 19.50
N PRO A 12 40.13 12.80 20.59
CA PRO A 12 38.88 12.04 20.74
C PRO A 12 37.79 12.50 19.79
N GLY A 13 36.68 11.77 19.76
CA GLY A 13 35.58 12.12 18.89
C GLY A 13 34.39 11.18 19.05
N VAL A 14 33.39 11.63 19.80
CA VAL A 14 32.20 10.83 20.04
C VAL A 14 31.06 11.68 20.58
N SER A 15 29.84 11.41 20.12
CA SER A 15 28.67 12.15 20.55
C SER A 15 27.39 11.43 20.18
N THR A 16 26.48 11.29 21.15
CA THR A 16 25.21 10.61 20.91
C THR A 16 24.04 11.59 21.01
N ASP A 17 22.99 11.32 20.23
CA ASP A 17 21.81 12.17 20.23
C ASP A 17 20.61 11.43 19.67
N ASP A 18 19.43 11.66 20.24
CA ASP A 18 18.21 11.02 19.79
C ASP A 18 17.00 11.60 20.52
N ILE A 19 15.94 11.89 19.77
CA ILE A 19 14.72 12.44 20.33
C ILE A 19 13.59 11.42 20.30
N THR A 20 12.70 11.50 21.28
CA THR A 20 11.57 10.58 21.36
C THR A 20 10.28 11.26 20.92
N VAL A 21 9.44 10.51 20.21
CA VAL A 21 8.17 11.04 19.72
C VAL A 21 7.02 10.09 20.04
N VAL A 22 5.89 10.65 20.45
CA VAL A 22 4.72 9.85 20.78
C VAL A 22 3.91 9.51 19.53
N THR A 23 4.57 8.89 18.57
CA THR A 23 3.92 8.51 17.32
C THR A 23 2.85 7.45 17.56
N LEU A 24 1.59 7.88 17.62
CA LEU A 24 0.48 6.96 17.85
C LEU A 24 -0.78 7.44 17.14
N SER A 25 -1.51 6.51 16.53
CA SER A 25 -2.73 6.84 15.81
C SER A 25 -3.73 5.69 15.89
N ASP A 26 -5.01 6.03 15.86
CA ASP A 26 -6.07 5.03 15.93
C ASP A 26 -5.97 4.06 14.76
N VAL A 27 -5.61 4.59 13.58
CA VAL A 27 -5.48 3.77 12.39
C VAL A 27 -4.62 2.54 12.65
N PRO A 28 -4.83 1.48 11.86
CA PRO A 28 -4.08 0.22 11.98
C PRO A 28 -2.62 0.38 11.56
N SER A 29 -1.72 0.25 12.52
CA SER A 29 -0.29 0.38 12.24
C SER A 29 0.25 -0.89 11.58
N ALA A 30 -0.11 -2.04 12.14
CA ALA A 30 0.34 -3.33 11.60
C ALA A 30 -0.31 -3.60 10.24
N PRO A 31 0.53 -3.92 9.25
CA PRO A 31 0.07 -4.23 7.89
C PRO A 31 -0.70 -5.54 7.82
N PRO A 32 -1.39 -5.77 6.69
CA PRO A 32 -2.17 -6.98 6.47
C PRO A 32 -1.29 -8.21 6.28
N GLN A 33 -1.73 -9.34 6.84
CA GLN A 33 -0.97 -10.58 6.73
C GLN A 33 -1.48 -11.42 5.56
N ASN A 34 -0.63 -12.33 5.10
CA ASN A 34 -0.99 -13.20 3.97
C ASN A 34 -1.11 -12.40 2.68
N VAL A 35 -0.13 -11.53 2.43
CA VAL A 35 -0.13 -10.71 1.23
C VAL A 35 0.78 -11.30 0.16
N SER A 36 0.22 -12.15 -0.69
CA SER A 36 0.97 -12.79 -1.76
C SER A 36 0.22 -12.71 -3.08
N LEU A 37 0.93 -12.95 -4.17
CA LEU A 37 0.34 -12.91 -5.51
C LEU A 37 0.19 -14.30 -6.09
N GLU A 38 -0.85 -14.50 -6.88
CA GLU A 38 -1.10 -15.80 -7.51
C GLU A 38 -1.27 -15.66 -9.02
N VAL A 39 -0.56 -16.50 -9.76
CA VAL A 39 -0.64 -16.46 -11.22
C VAL A 39 -1.56 -17.55 -11.75
N VAL A 40 -2.71 -17.15 -12.27
CA VAL A 40 -3.69 -18.09 -12.80
C VAL A 40 -3.58 -18.18 -14.32
N ASN A 41 -3.47 -17.03 -14.97
CA ASN A 41 -3.36 -16.96 -16.43
C ASN A 41 -2.53 -15.77 -16.86
N SER A 42 -2.41 -15.58 -18.17
CA SER A 42 -1.63 -14.48 -18.73
C SER A 42 -2.37 -13.16 -18.54
N ARG A 43 -3.69 -13.19 -18.74
CA ARG A 43 -4.51 -12.00 -18.59
C ARG A 43 -5.43 -12.11 -17.38
N SER A 44 -4.97 -12.82 -16.36
CA SER A 44 -5.75 -13.00 -15.14
C SER A 44 -4.83 -13.25 -13.94
N ILE A 45 -5.07 -12.52 -12.86
CA ILE A 45 -4.27 -12.66 -11.65
C ILE A 45 -5.13 -12.50 -10.40
N LYS A 46 -5.06 -13.49 -9.51
CA LYS A 46 -5.82 -13.46 -8.27
C LYS A 46 -5.02 -12.83 -7.15
N VAL A 47 -5.71 -12.13 -6.24
CA VAL A 47 -5.06 -11.48 -5.12
C VAL A 47 -5.84 -11.69 -3.83
N SER A 48 -5.20 -12.31 -2.85
CA SER A 48 -5.85 -12.58 -1.56
C SER A 48 -5.10 -11.87 -0.43
N TRP A 49 -5.69 -11.90 0.76
CA TRP A 49 -5.10 -11.26 1.93
C TRP A 49 -5.84 -11.65 3.19
N LEU A 50 -5.21 -11.39 4.34
CA LEU A 50 -5.81 -11.72 5.63
C LEU A 50 -5.69 -10.55 6.61
N PRO A 51 -6.60 -10.49 7.58
CA PRO A 51 -6.61 -9.43 8.59
C PRO A 51 -5.44 -9.54 9.56
N PRO A 52 -5.10 -8.42 10.21
CA PRO A 52 -4.00 -8.36 11.18
C PRO A 52 -4.32 -9.13 12.46
N PRO A 53 -3.29 -9.33 13.30
CA PRO A 53 -3.43 -10.05 14.57
C PRO A 53 -4.24 -9.25 15.60
N SER A 54 -4.89 -9.97 16.51
CA SER A 54 -5.69 -9.33 17.55
C SER A 54 -4.90 -8.23 18.25
N GLY A 55 -3.74 -8.59 18.76
CA GLY A 55 -2.90 -7.63 19.46
C GLY A 55 -2.98 -6.24 18.85
N THR A 56 -2.45 -6.09 17.64
CA THR A 56 -2.46 -4.82 16.94
C THR A 56 -3.89 -4.36 16.66
N GLN A 57 -4.70 -5.27 16.13
CA GLN A 57 -6.08 -4.97 15.81
C GLN A 57 -6.70 -4.05 16.86
N ASN A 58 -6.75 -2.75 16.56
CA ASN A 58 -7.30 -1.78 17.48
C ASN A 58 -8.49 -1.04 16.84
N GLY A 59 -9.25 -1.76 16.04
CA GLY A 59 -10.40 -1.16 15.38
C GLY A 59 -11.33 -2.19 14.77
N PHE A 60 -12.38 -1.73 14.10
CA PHE A 60 -13.34 -2.62 13.47
C PHE A 60 -13.12 -2.67 11.96
N ILE A 61 -12.55 -3.79 11.50
CA ILE A 61 -12.28 -3.97 10.07
C ILE A 61 -13.58 -4.02 9.27
N THR A 62 -13.63 -3.27 8.19
CA THR A 62 -14.81 -3.22 7.33
C THR A 62 -14.50 -3.74 5.94
N GLY A 63 -13.32 -3.36 5.42
CA GLY A 63 -12.93 -3.79 4.09
C GLY A 63 -11.43 -3.66 3.86
N TYR A 64 -11.03 -3.67 2.60
CA TYR A 64 -9.61 -3.56 2.25
C TYR A 64 -9.44 -2.77 0.95
N LYS A 65 -8.27 -2.15 0.80
CA LYS A 65 -7.97 -1.38 -0.40
C LYS A 65 -6.80 -1.98 -1.17
N ILE A 66 -7.03 -2.28 -2.44
CA ILE A 66 -5.99 -2.86 -3.28
C ILE A 66 -5.55 -1.89 -4.37
N ARG A 67 -4.31 -1.44 -4.30
CA ARG A 67 -3.77 -0.51 -5.27
C ARG A 67 -2.65 -1.15 -6.08
N HIS A 68 -2.80 -1.15 -7.41
CA HIS A 68 -1.80 -1.73 -8.29
C HIS A 68 -1.06 -0.65 -9.08
N ARG A 69 0.24 -0.83 -9.27
CA ARG A 69 1.04 0.13 -10.00
C ARG A 69 1.66 -0.51 -11.24
N LYS A 70 1.85 0.28 -12.29
CA LYS A 70 2.43 -0.20 -13.53
C LYS A 70 3.83 0.38 -13.74
N THR A 71 4.79 -0.50 -14.04
CA THR A 71 6.17 -0.08 -14.25
C THR A 71 6.23 1.17 -15.12
N THR A 72 5.24 1.31 -16.02
CA THR A 72 5.19 2.47 -16.90
C THR A 72 4.83 3.74 -16.15
N ARG A 73 4.67 4.84 -16.87
CA ARG A 73 4.34 6.12 -16.25
C ARG A 73 3.35 5.93 -15.11
N ARG A 74 3.34 6.88 -14.19
CA ARG A 74 2.46 6.82 -13.03
C ARG A 74 1.07 6.34 -13.44
N GLY A 75 0.29 5.90 -12.45
CA GLY A 75 -1.05 5.41 -12.73
C GLY A 75 -1.55 4.44 -11.68
N GLU A 76 -1.64 4.91 -10.44
CA GLU A 76 -2.10 4.08 -9.34
C GLU A 76 -3.63 4.05 -9.27
N MET A 77 -4.21 2.87 -9.43
CA MET A 77 -5.66 2.72 -9.38
C MET A 77 -6.10 2.09 -8.06
N GLU A 78 -6.91 2.82 -7.30
CA GLU A 78 -7.40 2.34 -6.01
C GLU A 78 -8.72 1.60 -6.18
N THR A 79 -8.78 0.38 -5.66
CA THR A 79 -9.98 -0.44 -5.76
C THR A 79 -10.18 -1.27 -4.49
N LEU A 80 -11.40 -1.24 -3.96
CA LEU A 80 -11.73 -1.98 -2.75
C LEU A 80 -12.91 -2.91 -2.99
N GLU A 81 -12.86 -4.10 -2.39
CA GLU A 81 -13.93 -5.08 -2.54
C GLU A 81 -14.31 -5.68 -1.18
N PRO A 82 -15.43 -5.20 -0.62
CA PRO A 82 -15.93 -5.68 0.67
C PRO A 82 -16.45 -7.11 0.61
N ASN A 83 -16.95 -7.49 -0.56
CA ASN A 83 -17.49 -8.84 -0.75
C ASN A 83 -16.65 -9.87 -0.02
N ASN A 84 -15.40 -10.02 -0.46
CA ASN A 84 -14.48 -10.98 0.15
C ASN A 84 -13.07 -10.41 0.23
N LEU A 85 -12.16 -11.20 0.78
CA LEU A 85 -10.76 -10.77 0.91
C LEU A 85 -9.94 -11.21 -0.29
N TRP A 86 -10.60 -11.31 -1.44
CA TRP A 86 -9.93 -11.73 -2.67
C TRP A 86 -10.45 -10.93 -3.87
N TYR A 87 -9.55 -10.58 -4.77
CA TYR A 87 -9.92 -9.80 -5.96
C TYR A 87 -9.27 -10.41 -7.21
N LEU A 88 -10.11 -10.85 -8.14
CA LEU A 88 -9.63 -11.44 -9.38
C LEU A 88 -9.59 -10.40 -10.50
N PHE A 89 -8.39 -10.01 -10.90
CA PHE A 89 -8.22 -9.02 -11.96
C PHE A 89 -8.06 -9.71 -13.31
N THR A 90 -8.60 -9.08 -14.35
CA THR A 90 -8.51 -9.63 -15.70
C THR A 90 -8.23 -8.53 -16.73
N GLY A 91 -7.74 -8.92 -17.89
CA GLY A 91 -7.44 -7.96 -18.94
C GLY A 91 -6.09 -7.32 -18.75
N LEU A 92 -5.05 -8.14 -18.67
CA LEU A 92 -3.68 -7.64 -18.49
C LEU A 92 -2.83 -7.93 -19.73
N GLU A 93 -1.69 -7.24 -19.83
CA GLU A 93 -0.79 -7.43 -20.96
C GLU A 93 0.15 -8.60 -20.71
N LYS A 94 0.56 -9.26 -21.79
CA LYS A 94 1.46 -10.41 -21.70
C LYS A 94 2.92 -9.95 -21.67
N GLY A 95 3.76 -10.70 -20.96
CA GLY A 95 5.17 -10.35 -20.88
C GLY A 95 5.39 -8.97 -20.30
N SER A 96 4.64 -8.63 -19.26
CA SER A 96 4.76 -7.33 -18.62
C SER A 96 4.89 -7.48 -17.11
N GLN A 97 4.92 -6.34 -16.41
CA GLN A 97 5.04 -6.34 -14.96
C GLN A 97 3.86 -5.61 -14.31
N TYR A 98 3.44 -6.09 -13.16
CA TYR A 98 2.32 -5.48 -12.43
C TYR A 98 2.54 -5.54 -10.93
N SER A 99 2.36 -4.41 -10.26
CA SER A 99 2.55 -4.33 -8.81
C SER A 99 1.20 -4.39 -8.10
N PHE A 100 1.24 -4.80 -6.83
CA PHE A 100 0.02 -4.89 -6.02
C PHE A 100 0.33 -4.70 -4.54
N GLN A 101 -0.69 -4.32 -3.78
CA GLN A 101 -0.52 -4.11 -2.35
C GLN A 101 -1.84 -4.32 -1.61
N VAL A 102 -1.77 -4.39 -0.29
CA VAL A 102 -2.95 -4.60 0.53
C VAL A 102 -2.92 -3.72 1.78
N SER A 103 -4.07 -3.16 2.13
CA SER A 103 -4.17 -2.29 3.29
C SER A 103 -5.45 -2.58 4.09
N ALA A 104 -5.31 -2.69 5.40
CA ALA A 104 -6.46 -2.97 6.26
C ALA A 104 -7.16 -1.68 6.66
N MET A 105 -8.44 -1.57 6.29
CA MET A 105 -9.22 -0.39 6.62
C MET A 105 -10.08 -0.62 7.85
N THR A 106 -10.13 0.38 8.74
CA THR A 106 -10.91 0.28 9.96
C THR A 106 -11.87 1.46 10.10
N VAL A 107 -12.67 1.45 11.16
CA VAL A 107 -13.63 2.51 11.40
C VAL A 107 -12.95 3.87 11.44
N ASN A 108 -11.63 3.87 11.61
CA ASN A 108 -10.86 5.10 11.65
C ASN A 108 -10.43 5.52 10.25
N GLY A 109 -9.64 4.66 9.60
CA GLY A 109 -9.17 4.97 8.27
C GLY A 109 -8.52 3.77 7.59
N THR A 110 -7.29 3.95 7.12
CA THR A 110 -6.57 2.88 6.45
C THR A 110 -5.15 2.76 7.00
N GLY A 111 -4.65 1.53 7.06
CA GLY A 111 -3.30 1.31 7.56
C GLY A 111 -2.25 1.49 6.50
N PRO A 112 -0.99 1.18 6.84
CA PRO A 112 0.13 1.31 5.92
C PRO A 112 0.09 0.29 4.79
N PRO A 113 0.53 0.70 3.60
CA PRO A 113 0.56 -0.17 2.41
C PRO A 113 1.59 -1.28 2.53
N SER A 114 1.11 -2.51 2.65
CA SER A 114 1.99 -3.67 2.77
C SER A 114 3.07 -3.65 1.69
N ASN A 115 4.14 -4.40 1.91
CA ASN A 115 5.23 -4.47 0.95
C ASN A 115 4.71 -4.44 -0.49
N TRP A 116 5.48 -3.83 -1.38
CA TRP A 116 5.08 -3.73 -2.78
C TRP A 116 5.41 -5.03 -3.52
N TYR A 117 4.45 -5.95 -3.56
CA TYR A 117 4.65 -7.23 -4.23
C TYR A 117 4.46 -7.08 -5.74
N THR A 118 5.23 -7.86 -6.50
CA THR A 118 5.14 -7.82 -7.96
C THR A 118 5.09 -9.23 -8.55
N ALA A 119 4.43 -9.36 -9.68
CA ALA A 119 4.31 -10.65 -10.35
C ALA A 119 4.33 -10.49 -11.87
N GLU A 120 5.15 -11.30 -12.53
CA GLU A 120 5.26 -11.25 -13.98
C GLU A 120 4.30 -12.24 -14.64
N THR A 121 3.50 -11.74 -15.57
CA THR A 121 2.53 -12.58 -16.28
C THR A 121 3.23 -13.46 -17.31
N PRO A 122 2.72 -14.70 -17.46
CA PRO A 122 3.28 -15.66 -18.41
C PRO A 122 3.01 -15.26 -19.86
N GLU A 123 4.08 -15.16 -20.65
CA GLU A 123 3.95 -14.78 -22.06
C GLU A 123 2.86 -15.60 -22.74
N ASN A 124 2.79 -16.89 -22.42
CA ASN A 124 1.80 -17.77 -23.00
C ASN A 124 0.54 -17.81 -22.14
N GLY A 1 40.63 62.12 -4.83
CA GLY A 1 39.51 61.94 -5.73
C GLY A 1 39.83 61.00 -6.87
N SER A 2 38.79 60.44 -7.48
CA SER A 2 38.96 59.52 -8.60
C SER A 2 37.62 59.16 -9.23
N SER A 3 37.66 58.43 -10.33
CA SER A 3 36.45 58.03 -11.04
C SER A 3 36.43 56.51 -11.26
N GLY A 4 35.30 56.01 -11.74
CA GLY A 4 35.17 54.58 -11.99
C GLY A 4 33.78 54.06 -11.67
N SER A 5 33.38 52.99 -12.34
CA SER A 5 32.08 52.40 -12.12
C SER A 5 31.98 51.04 -12.80
N SER A 6 31.38 50.07 -12.10
CA SER A 6 31.22 48.72 -12.63
C SER A 6 29.76 48.28 -12.57
N GLY A 7 29.51 47.04 -12.99
CA GLY A 7 28.16 46.53 -12.98
C GLY A 7 28.09 45.10 -12.46
N ASN A 8 26.88 44.60 -12.26
CA ASN A 8 26.68 43.24 -11.77
C ASN A 8 25.23 42.80 -11.96
N ARG A 9 24.96 41.53 -11.66
CA ARG A 9 23.62 40.98 -11.81
C ARG A 9 23.55 39.56 -11.26
N TYR A 10 22.64 39.34 -10.31
CA TYR A 10 22.48 38.03 -9.71
C TYR A 10 21.13 37.92 -8.99
N GLY A 11 20.83 36.73 -8.48
CA GLY A 11 19.58 36.51 -7.78
C GLY A 11 19.19 35.05 -7.74
N PRO A 12 19.60 34.35 -6.68
CA PRO A 12 19.30 32.93 -6.49
C PRO A 12 17.82 32.69 -6.19
N GLY A 13 17.46 31.42 -6.04
CA GLY A 13 16.08 31.08 -5.76
C GLY A 13 15.96 29.86 -4.85
N VAL A 14 15.52 30.09 -3.62
CA VAL A 14 15.36 29.01 -2.65
C VAL A 14 14.15 29.24 -1.76
N SER A 15 13.18 28.33 -1.84
CA SER A 15 11.96 28.43 -1.05
C SER A 15 11.47 27.04 -0.64
N THR A 16 10.74 27.00 0.48
CA THR A 16 10.21 25.74 0.99
C THR A 16 8.83 25.94 1.62
N ASP A 17 8.17 24.84 1.95
CA ASP A 17 6.85 24.89 2.57
C ASP A 17 6.46 23.53 3.13
N ASP A 18 6.23 23.48 4.44
CA ASP A 18 5.85 22.24 5.10
C ASP A 18 5.12 22.53 6.41
N ILE A 19 3.87 22.10 6.50
CA ILE A 19 3.07 22.31 7.70
C ILE A 19 2.20 21.10 8.00
N THR A 20 2.09 20.77 9.28
CA THR A 20 1.28 19.62 9.71
C THR A 20 0.59 19.90 11.04
N VAL A 21 -0.73 20.05 10.99
CA VAL A 21 -1.52 20.31 12.18
C VAL A 21 -1.31 19.22 13.23
N VAL A 22 -1.90 19.42 14.41
CA VAL A 22 -1.79 18.45 15.50
C VAL A 22 -3.09 17.68 15.68
N THR A 23 -3.20 16.55 14.99
CA THR A 23 -4.40 15.72 15.08
C THR A 23 -4.04 14.26 15.29
N LEU A 24 -4.89 13.54 16.01
CA LEU A 24 -4.66 12.12 16.29
C LEU A 24 -5.65 11.26 15.52
N SER A 25 -5.13 10.35 14.69
CA SER A 25 -5.98 9.46 13.90
C SER A 25 -6.10 8.10 14.58
N ASP A 26 -7.13 7.35 14.20
CA ASP A 26 -7.36 6.02 14.76
C ASP A 26 -6.99 4.94 13.76
N VAL A 27 -6.13 5.28 12.81
CA VAL A 27 -5.69 4.33 11.79
C VAL A 27 -4.79 3.25 12.39
N PRO A 28 -4.79 2.08 11.76
CA PRO A 28 -3.98 0.93 12.22
C PRO A 28 -2.49 1.17 11.99
N SER A 29 -1.67 0.45 12.76
CA SER A 29 -0.22 0.58 12.64
C SER A 29 0.40 -0.70 12.09
N ALA A 30 -0.36 -1.78 12.12
CA ALA A 30 0.10 -3.07 11.63
C ALA A 30 -0.54 -3.41 10.29
N PRO A 31 0.30 -3.65 9.27
CA PRO A 31 -0.17 -3.99 7.92
C PRO A 31 -0.80 -5.38 7.86
N PRO A 32 -1.44 -5.68 6.72
CA PRO A 32 -2.10 -6.98 6.51
C PRO A 32 -1.10 -8.11 6.37
N GLN A 33 -1.53 -9.33 6.73
CA GLN A 33 -0.67 -10.49 6.64
C GLN A 33 -1.05 -11.36 5.43
N ASN A 34 -0.26 -12.39 5.18
CA ASN A 34 -0.51 -13.30 4.06
C ASN A 34 -0.85 -12.51 2.80
N VAL A 35 0.00 -11.54 2.47
CA VAL A 35 -0.20 -10.72 1.29
C VAL A 35 0.66 -11.19 0.13
N SER A 36 0.16 -12.17 -0.62
CA SER A 36 0.88 -12.71 -1.75
C SER A 36 0.01 -12.73 -3.01
N LEU A 37 0.66 -12.82 -4.17
CA LEU A 37 -0.07 -12.84 -5.43
C LEU A 37 0.13 -14.18 -6.14
N GLU A 38 -0.79 -14.50 -7.04
CA GLU A 38 -0.73 -15.75 -7.80
C GLU A 38 -0.99 -15.51 -9.28
N VAL A 39 -0.28 -16.25 -10.13
CA VAL A 39 -0.43 -16.12 -11.57
C VAL A 39 -1.44 -17.12 -12.11
N VAL A 40 -2.66 -16.67 -12.35
CA VAL A 40 -3.72 -17.53 -12.86
C VAL A 40 -3.57 -17.75 -14.36
N ASN A 41 -3.33 -16.66 -15.10
CA ASN A 41 -3.16 -16.72 -16.54
C ASN A 41 -2.38 -15.52 -17.06
N SER A 42 -2.15 -15.49 -18.36
CA SER A 42 -1.41 -14.40 -18.99
C SER A 42 -2.23 -13.11 -18.97
N ARG A 43 -3.53 -13.25 -18.74
CA ARG A 43 -4.43 -12.11 -18.71
C ARG A 43 -5.28 -12.12 -17.44
N SER A 44 -4.93 -13.00 -16.51
CA SER A 44 -5.67 -13.12 -15.25
C SER A 44 -4.72 -13.34 -14.08
N ILE A 45 -5.00 -12.70 -12.96
CA ILE A 45 -4.17 -12.83 -11.77
C ILE A 45 -5.02 -12.89 -10.50
N LYS A 46 -4.77 -13.88 -9.66
CA LYS A 46 -5.51 -14.03 -8.42
C LYS A 46 -4.81 -13.32 -7.27
N VAL A 47 -5.58 -12.60 -6.46
CA VAL A 47 -5.03 -11.86 -5.33
C VAL A 47 -5.81 -12.17 -4.05
N SER A 48 -5.11 -12.15 -2.92
CA SER A 48 -5.73 -12.42 -1.63
C SER A 48 -5.02 -11.66 -0.52
N TRP A 49 -5.62 -11.69 0.68
CA TRP A 49 -5.04 -11.00 1.82
C TRP A 49 -5.75 -11.41 3.11
N LEU A 50 -5.12 -11.14 4.24
CA LEU A 50 -5.69 -11.48 5.54
C LEU A 50 -5.59 -10.30 6.51
N PRO A 51 -6.50 -10.27 7.49
CA PRO A 51 -6.53 -9.20 8.50
C PRO A 51 -5.36 -9.27 9.46
N PRO A 52 -5.09 -8.16 10.16
CA PRO A 52 -4.00 -8.08 11.14
C PRO A 52 -4.24 -8.94 12.37
N PRO A 53 -3.20 -9.11 13.19
CA PRO A 53 -3.28 -9.90 14.42
C PRO A 53 -4.12 -9.23 15.49
N SER A 54 -5.00 -10.01 16.12
CA SER A 54 -5.88 -9.50 17.16
C SER A 54 -5.10 -8.62 18.15
N GLY A 55 -5.42 -7.33 18.16
CA GLY A 55 -4.74 -6.41 19.06
C GLY A 55 -4.32 -5.13 18.38
N THR A 56 -4.46 -5.10 17.05
CA THR A 56 -4.10 -3.92 16.27
C THR A 56 -5.25 -3.45 15.40
N GLN A 57 -6.40 -4.10 15.56
CA GLN A 57 -7.59 -3.75 14.79
C GLN A 57 -8.62 -3.03 15.66
N ASN A 58 -8.14 -2.11 16.49
CA ASN A 58 -9.01 -1.34 17.37
C ASN A 58 -10.34 -1.01 16.68
N GLY A 59 -10.24 -0.44 15.48
CA GLY A 59 -11.44 -0.08 14.75
C GLY A 59 -12.05 -1.27 14.04
N PHE A 60 -13.37 -1.40 14.16
CA PHE A 60 -14.09 -2.51 13.53
C PHE A 60 -13.84 -2.53 12.03
N ILE A 61 -12.91 -3.37 11.60
CA ILE A 61 -12.57 -3.49 10.19
C ILE A 61 -13.82 -3.59 9.33
N THR A 62 -13.92 -2.73 8.32
CA THR A 62 -15.07 -2.72 7.43
C THR A 62 -14.73 -3.35 6.08
N GLY A 63 -13.56 -3.00 5.55
CA GLY A 63 -13.14 -3.54 4.27
C GLY A 63 -11.64 -3.44 4.07
N TYR A 64 -11.21 -3.60 2.82
CA TYR A 64 -9.78 -3.53 2.49
C TYR A 64 -9.55 -2.67 1.26
N LYS A 65 -8.34 -2.13 1.15
CA LYS A 65 -7.98 -1.28 0.02
C LYS A 65 -6.92 -1.96 -0.86
N ILE A 66 -7.24 -2.13 -2.14
CA ILE A 66 -6.31 -2.76 -3.08
C ILE A 66 -5.78 -1.74 -4.08
N ARG A 67 -4.46 -1.55 -4.08
CA ARG A 67 -3.83 -0.61 -4.99
C ARG A 67 -2.81 -1.32 -5.89
N HIS A 68 -2.74 -0.90 -7.14
CA HIS A 68 -1.82 -1.49 -8.10
C HIS A 68 -1.16 -0.42 -8.96
N ARG A 69 0.02 -0.72 -9.47
CA ARG A 69 0.76 0.22 -10.32
C ARG A 69 1.55 -0.52 -11.39
N LYS A 70 1.71 0.13 -12.55
CA LYS A 70 2.44 -0.47 -13.66
C LYS A 70 3.83 0.15 -13.78
N THR A 71 4.82 -0.69 -14.08
CA THR A 71 6.19 -0.23 -14.22
C THR A 71 6.27 0.98 -15.14
N THR A 72 5.38 1.05 -16.12
CA THR A 72 5.34 2.15 -17.07
C THR A 72 5.10 3.47 -16.37
N ARG A 73 4.99 4.54 -17.14
CA ARG A 73 4.75 5.87 -16.59
C ARG A 73 3.74 5.81 -15.45
N ARG A 74 3.84 6.76 -14.52
CA ARG A 74 2.95 6.82 -13.38
C ARG A 74 1.53 6.40 -13.77
N GLY A 75 0.78 5.86 -12.82
CA GLY A 75 -0.57 5.43 -13.10
C GLY A 75 -1.17 4.62 -11.96
N GLU A 76 -0.95 5.07 -10.73
CA GLU A 76 -1.47 4.39 -9.56
C GLU A 76 -2.98 4.51 -9.46
N MET A 77 -3.62 3.56 -8.77
CA MET A 77 -5.06 3.57 -8.61
C MET A 77 -5.46 2.95 -7.29
N GLU A 78 -6.73 3.12 -6.91
CA GLU A 78 -7.24 2.58 -5.65
C GLU A 78 -8.61 1.93 -5.87
N THR A 79 -8.78 0.73 -5.34
CA THR A 79 -10.04 0.01 -5.47
C THR A 79 -10.25 -0.94 -4.29
N LEU A 80 -11.48 -1.02 -3.82
CA LEU A 80 -11.83 -1.89 -2.69
C LEU A 80 -12.95 -2.84 -3.06
N GLU A 81 -12.98 -4.01 -2.42
CA GLU A 81 -14.01 -5.00 -2.68
C GLU A 81 -14.53 -5.60 -1.38
N PRO A 82 -15.74 -5.17 -0.98
CA PRO A 82 -16.39 -5.65 0.25
C PRO A 82 -16.81 -7.11 0.15
N ASN A 83 -17.13 -7.55 -1.07
CA ASN A 83 -17.55 -8.93 -1.30
C ASN A 83 -16.69 -9.91 -0.51
N ASN A 84 -15.44 -10.05 -0.93
CA ASN A 84 -14.51 -10.96 -0.26
C ASN A 84 -13.12 -10.35 -0.17
N LEU A 85 -12.21 -11.03 0.52
CA LEU A 85 -10.84 -10.56 0.68
C LEU A 85 -9.98 -10.99 -0.49
N TRP A 86 -10.61 -11.19 -1.64
CA TRP A 86 -9.89 -11.61 -2.84
C TRP A 86 -10.43 -10.88 -4.07
N TYR A 87 -9.53 -10.55 -4.99
CA TYR A 87 -9.91 -9.85 -6.21
C TYR A 87 -9.24 -10.48 -7.44
N LEU A 88 -10.04 -11.17 -8.25
CA LEU A 88 -9.53 -11.81 -9.45
C LEU A 88 -9.56 -10.86 -10.64
N PHE A 89 -8.39 -10.36 -11.02
CA PHE A 89 -8.28 -9.44 -12.15
C PHE A 89 -8.15 -10.20 -13.46
N THR A 90 -8.74 -9.64 -14.52
CA THR A 90 -8.69 -10.26 -15.83
C THR A 90 -8.54 -9.22 -16.93
N GLY A 91 -8.04 -9.65 -18.09
CA GLY A 91 -7.86 -8.75 -19.20
C GLY A 91 -6.57 -7.95 -19.10
N LEU A 92 -5.48 -8.64 -18.78
CA LEU A 92 -4.17 -7.99 -18.65
C LEU A 92 -3.29 -8.31 -19.85
N GLU A 93 -2.11 -7.70 -19.88
CA GLU A 93 -1.17 -7.91 -20.97
C GLU A 93 -0.05 -8.88 -20.56
N LYS A 94 0.50 -9.59 -21.53
CA LYS A 94 1.56 -10.55 -21.26
C LYS A 94 2.93 -9.88 -21.40
N GLY A 95 3.96 -10.55 -20.87
CA GLY A 95 5.30 -10.00 -20.95
C GLY A 95 5.41 -8.63 -20.31
N SER A 96 4.71 -8.43 -19.20
CA SER A 96 4.73 -7.16 -18.50
C SER A 96 4.97 -7.36 -17.01
N GLN A 97 5.15 -6.26 -16.28
CA GLN A 97 5.38 -6.31 -14.85
C GLN A 97 4.34 -5.51 -14.09
N TYR A 98 3.49 -6.21 -13.34
CA TYR A 98 2.44 -5.56 -12.57
C TYR A 98 2.69 -5.71 -11.07
N SER A 99 2.11 -4.81 -10.28
CA SER A 99 2.27 -4.83 -8.84
C SER A 99 0.92 -4.67 -8.13
N PHE A 100 0.89 -5.00 -6.86
CA PHE A 100 -0.34 -4.89 -6.06
C PHE A 100 -0.03 -4.46 -4.64
N GLN A 101 -1.07 -4.06 -3.91
CA GLN A 101 -0.90 -3.62 -2.52
C GLN A 101 -2.20 -3.78 -1.74
N VAL A 102 -2.09 -4.24 -0.51
CA VAL A 102 -3.27 -4.42 0.34
C VAL A 102 -3.15 -3.63 1.63
N SER A 103 -4.25 -2.98 2.03
CA SER A 103 -4.27 -2.18 3.24
C SER A 103 -5.52 -2.48 4.06
N ALA A 104 -5.35 -2.53 5.38
CA ALA A 104 -6.45 -2.81 6.29
C ALA A 104 -7.22 -1.53 6.63
N MET A 105 -8.47 -1.46 6.22
CA MET A 105 -9.30 -0.30 6.48
C MET A 105 -10.10 -0.47 7.77
N THR A 106 -10.22 0.61 8.53
CA THR A 106 -10.95 0.58 9.79
C THR A 106 -12.06 1.61 9.82
N VAL A 107 -13.04 1.41 10.69
CA VAL A 107 -14.17 2.33 10.81
C VAL A 107 -13.68 3.78 10.82
N ASN A 108 -12.43 3.98 11.20
CA ASN A 108 -11.84 5.32 11.24
C ASN A 108 -11.24 5.70 9.90
N GLY A 109 -10.10 5.08 9.57
CA GLY A 109 -9.44 5.37 8.32
C GLY A 109 -8.71 4.15 7.75
N THR A 110 -8.05 4.34 6.62
CA THR A 110 -7.31 3.26 5.97
C THR A 110 -5.99 2.99 6.69
N GLY A 111 -5.47 1.79 6.53
CA GLY A 111 -4.22 1.43 7.16
C GLY A 111 -3.03 1.64 6.24
N PRO A 112 -1.83 1.27 6.73
CA PRO A 112 -0.58 1.41 5.96
C PRO A 112 -0.52 0.44 4.78
N PRO A 113 0.08 0.90 3.66
CA PRO A 113 0.21 0.08 2.45
C PRO A 113 1.21 -1.06 2.64
N SER A 114 0.72 -2.29 2.57
CA SER A 114 1.58 -3.46 2.73
C SER A 114 2.64 -3.50 1.64
N ASN A 115 3.64 -4.36 1.84
CA ASN A 115 4.73 -4.50 0.89
C ASN A 115 4.20 -4.49 -0.55
N TRP A 116 5.09 -4.23 -1.51
CA TRP A 116 4.70 -4.20 -2.91
C TRP A 116 5.12 -5.49 -3.62
N TYR A 117 4.21 -6.46 -3.66
CA TYR A 117 4.49 -7.74 -4.30
C TYR A 117 4.31 -7.64 -5.81
N THR A 118 5.38 -7.91 -6.55
CA THR A 118 5.34 -7.84 -8.00
C THR A 118 5.15 -9.23 -8.60
N ALA A 119 4.28 -9.32 -9.61
CA ALA A 119 3.99 -10.58 -10.27
C ALA A 119 4.24 -10.48 -11.77
N GLU A 120 4.99 -11.44 -12.31
CA GLU A 120 5.30 -11.46 -13.74
C GLU A 120 4.37 -12.42 -14.47
N THR A 121 3.71 -11.91 -15.52
CA THR A 121 2.80 -12.72 -16.31
C THR A 121 3.55 -13.61 -17.28
N PRO A 122 3.00 -14.80 -17.55
CA PRO A 122 3.61 -15.78 -18.47
C PRO A 122 3.54 -15.32 -19.92
N GLU A 123 4.70 -14.94 -20.47
CA GLU A 123 4.77 -14.48 -21.84
C GLU A 123 3.87 -15.32 -22.75
N ASN A 124 3.83 -16.62 -22.48
CA ASN A 124 3.01 -17.54 -23.26
C ASN A 124 1.61 -16.97 -23.48
N GLY A 1 51.28 31.76 62.91
CA GLY A 1 50.58 31.23 61.75
C GLY A 1 49.45 32.13 61.30
N SER A 2 48.68 31.66 60.33
CA SER A 2 47.55 32.43 59.81
C SER A 2 46.70 31.59 58.86
N SER A 3 45.61 32.17 58.37
CA SER A 3 44.72 31.47 57.46
C SER A 3 43.83 32.46 56.71
N GLY A 4 42.99 31.93 55.82
CA GLY A 4 42.10 32.77 55.05
C GLY A 4 40.80 32.08 54.69
N SER A 5 40.05 32.66 53.76
CA SER A 5 38.78 32.09 53.34
C SER A 5 38.20 32.87 52.16
N SER A 6 37.12 32.35 51.59
CA SER A 6 36.48 32.98 50.45
C SER A 6 35.16 32.28 50.10
N GLY A 7 34.43 32.85 49.15
CA GLY A 7 33.17 32.27 48.74
C GLY A 7 32.88 32.49 47.27
N ASN A 8 31.86 31.80 46.76
CA ASN A 8 31.48 31.93 45.35
C ASN A 8 30.10 31.31 45.11
N ARG A 9 29.60 31.47 43.89
CA ARG A 9 28.30 30.94 43.52
C ARG A 9 28.12 30.91 42.01
N TYR A 10 27.28 29.99 41.53
CA TYR A 10 27.03 29.86 40.11
C TYR A 10 25.54 29.88 39.80
N GLY A 11 24.79 28.99 40.45
CA GLY A 11 23.36 28.92 40.23
C GLY A 11 22.96 27.82 39.28
N PRO A 12 22.03 26.96 39.71
CA PRO A 12 21.55 25.84 38.91
C PRO A 12 20.69 26.31 37.73
N GLY A 13 20.28 25.35 36.89
CA GLY A 13 19.47 25.69 35.74
C GLY A 13 18.25 24.79 35.60
N VAL A 14 17.07 25.40 35.55
CA VAL A 14 15.82 24.66 35.42
C VAL A 14 15.72 23.99 34.06
N SER A 15 14.75 23.09 33.92
CA SER A 15 14.54 22.37 32.66
C SER A 15 13.28 21.52 32.73
N THR A 16 12.40 21.71 31.74
CA THR A 16 11.16 20.96 31.68
C THR A 16 10.74 20.71 30.24
N ASP A 17 10.67 19.44 29.85
CA ASP A 17 10.28 19.07 28.51
C ASP A 17 10.12 17.55 28.39
N ASP A 18 8.93 17.12 28.01
CA ASP A 18 8.65 15.69 27.86
C ASP A 18 8.04 15.40 26.49
N ILE A 19 7.90 14.12 26.18
CA ILE A 19 7.34 13.70 24.90
C ILE A 19 5.85 13.37 25.03
N THR A 20 5.05 13.87 24.10
CA THR A 20 3.61 13.64 24.11
C THR A 20 3.06 13.50 22.69
N VAL A 21 1.95 12.79 22.56
CA VAL A 21 1.32 12.60 21.26
C VAL A 21 -0.19 12.76 21.35
N VAL A 22 -0.71 13.82 20.72
CA VAL A 22 -2.14 14.09 20.73
C VAL A 22 -2.80 13.56 19.47
N THR A 23 -2.46 12.32 19.11
CA THR A 23 -3.03 11.69 17.92
C THR A 23 -4.55 11.88 17.87
N LEU A 24 -5.07 12.06 16.66
CA LEU A 24 -6.50 12.26 16.47
C LEU A 24 -7.04 11.32 15.38
N SER A 25 -6.65 10.06 15.46
CA SER A 25 -7.08 9.06 14.48
C SER A 25 -7.15 7.68 15.11
N ASP A 26 -8.06 6.85 14.60
CA ASP A 26 -8.23 5.49 15.12
C ASP A 26 -7.72 4.46 14.10
N VAL A 27 -6.77 4.87 13.27
CA VAL A 27 -6.22 3.99 12.26
C VAL A 27 -5.23 3.00 12.88
N PRO A 28 -5.10 1.82 12.25
CA PRO A 28 -4.20 0.77 12.72
C PRO A 28 -2.73 1.14 12.53
N SER A 29 -1.85 0.29 13.05
CA SER A 29 -0.41 0.53 12.94
C SER A 29 0.31 -0.70 12.42
N ALA A 30 -0.44 -1.78 12.22
CA ALA A 30 0.13 -3.02 11.71
C ALA A 30 -0.50 -3.41 10.37
N PRO A 31 0.36 -3.75 9.39
CA PRO A 31 -0.08 -4.13 8.05
C PRO A 31 -0.77 -5.49 8.04
N PRO A 32 -1.48 -5.79 6.94
CA PRO A 32 -2.20 -7.06 6.78
C PRO A 32 -1.27 -8.24 6.62
N GLN A 33 -1.81 -9.45 6.74
CA GLN A 33 -1.02 -10.66 6.60
C GLN A 33 -1.53 -11.51 5.44
N ASN A 34 -0.69 -12.44 4.98
CA ASN A 34 -1.05 -13.32 3.88
C ASN A 34 -1.17 -12.54 2.57
N VAL A 35 -0.38 -11.48 2.45
CA VAL A 35 -0.39 -10.65 1.26
C VAL A 35 0.55 -11.21 0.18
N SER A 36 0.00 -12.04 -0.69
CA SER A 36 0.79 -12.65 -1.77
C SER A 36 0.03 -12.60 -3.09
N LEU A 37 0.73 -12.88 -4.18
CA LEU A 37 0.14 -12.87 -5.51
C LEU A 37 0.19 -14.25 -6.14
N GLU A 38 -0.81 -14.57 -6.97
CA GLU A 38 -0.87 -15.85 -7.65
C GLU A 38 -1.19 -15.67 -9.13
N VAL A 39 -0.42 -16.34 -9.99
CA VAL A 39 -0.63 -16.26 -11.42
C VAL A 39 -1.63 -17.29 -11.89
N VAL A 40 -2.87 -16.87 -12.11
CA VAL A 40 -3.92 -17.77 -12.57
C VAL A 40 -3.81 -18.03 -14.08
N ASN A 41 -3.58 -16.97 -14.84
CA ASN A 41 -3.45 -17.08 -16.29
C ASN A 41 -2.58 -15.96 -16.84
N SER A 42 -2.44 -15.93 -18.17
CA SER A 42 -1.63 -14.91 -18.83
C SER A 42 -2.31 -13.54 -18.75
N ARG A 43 -3.64 -13.55 -18.61
CA ARG A 43 -4.40 -12.32 -18.53
C ARG A 43 -5.27 -12.31 -17.27
N SER A 44 -4.95 -13.19 -16.33
CA SER A 44 -5.71 -13.27 -15.08
C SER A 44 -4.77 -13.50 -13.89
N ILE A 45 -4.97 -12.73 -12.84
CA ILE A 45 -4.15 -12.85 -11.64
C ILE A 45 -5.01 -12.83 -10.38
N LYS A 46 -4.74 -13.75 -9.46
CA LYS A 46 -5.47 -13.84 -8.21
C LYS A 46 -4.69 -13.20 -7.08
N VAL A 47 -5.40 -12.52 -6.19
CA VAL A 47 -4.78 -11.86 -5.05
C VAL A 47 -5.65 -11.96 -3.80
N SER A 48 -5.04 -12.36 -2.70
CA SER A 48 -5.75 -12.50 -1.44
C SER A 48 -5.04 -11.79 -0.30
N TRP A 49 -5.58 -11.87 0.90
CA TRP A 49 -4.99 -11.23 2.07
C TRP A 49 -5.70 -11.66 3.35
N LEU A 50 -5.14 -11.27 4.49
CA LEU A 50 -5.72 -11.62 5.78
C LEU A 50 -5.58 -10.47 6.76
N PRO A 51 -6.47 -10.44 7.77
CA PRO A 51 -6.47 -9.40 8.80
C PRO A 51 -5.26 -9.50 9.73
N PRO A 52 -4.90 -8.37 10.36
CA PRO A 52 -3.77 -8.31 11.28
C PRO A 52 -4.03 -9.06 12.58
N PRO A 53 -2.98 -9.24 13.39
CA PRO A 53 -3.07 -9.94 14.67
C PRO A 53 -3.87 -9.15 15.71
N SER A 54 -4.69 -9.86 16.48
CA SER A 54 -5.51 -9.22 17.51
C SER A 54 -4.68 -8.23 18.31
N GLY A 55 -5.37 -7.41 19.12
CA GLY A 55 -4.68 -6.43 19.92
C GLY A 55 -4.44 -5.13 19.18
N THR A 56 -3.77 -5.23 18.03
CA THR A 56 -3.46 -4.07 17.22
C THR A 56 -4.71 -3.49 16.58
N GLN A 57 -5.59 -4.38 16.10
CA GLN A 57 -6.82 -3.96 15.46
C GLN A 57 -7.42 -2.75 16.16
N ASN A 58 -7.87 -1.77 15.38
CA ASN A 58 -8.45 -0.55 15.93
C ASN A 58 -9.97 -0.56 15.76
N GLY A 59 -10.42 -0.79 14.53
CA GLY A 59 -11.85 -0.81 14.25
C GLY A 59 -12.24 -2.00 13.40
N PHE A 60 -13.51 -2.40 13.50
CA PHE A 60 -14.02 -3.53 12.75
C PHE A 60 -13.69 -3.38 11.26
N ILE A 61 -12.80 -4.24 10.78
CA ILE A 61 -12.40 -4.20 9.37
C ILE A 61 -13.61 -4.30 8.46
N THR A 62 -13.95 -3.18 7.83
CA THR A 62 -15.09 -3.13 6.91
C THR A 62 -14.70 -3.59 5.52
N GLY A 63 -13.48 -3.25 5.12
CA GLY A 63 -13.00 -3.64 3.80
C GLY A 63 -11.49 -3.55 3.68
N TYR A 64 -10.98 -3.67 2.46
CA TYR A 64 -9.55 -3.61 2.21
C TYR A 64 -9.24 -2.77 0.98
N LYS A 65 -8.22 -1.92 1.07
CA LYS A 65 -7.83 -1.07 -0.04
C LYS A 65 -6.71 -1.71 -0.85
N ILE A 66 -6.99 -2.02 -2.11
CA ILE A 66 -6.01 -2.64 -2.98
C ILE A 66 -5.49 -1.64 -4.02
N ARG A 67 -4.20 -1.34 -3.95
CA ARG A 67 -3.58 -0.40 -4.88
C ARG A 67 -2.62 -1.12 -5.81
N HIS A 68 -2.76 -0.86 -7.11
CA HIS A 68 -1.89 -1.50 -8.11
C HIS A 68 -1.39 -0.47 -9.12
N ARG A 69 -0.10 -0.51 -9.42
CA ARG A 69 0.50 0.42 -10.36
C ARG A 69 1.14 -0.33 -11.54
N LYS A 70 1.44 0.40 -12.61
CA LYS A 70 2.05 -0.20 -13.78
C LYS A 70 3.42 0.43 -14.07
N THR A 71 4.34 -0.38 -14.56
CA THR A 71 5.68 0.09 -14.87
C THR A 71 5.65 1.21 -15.90
N THR A 72 6.75 1.96 -16.00
CA THR A 72 6.84 3.05 -16.95
C THR A 72 5.54 3.84 -17.00
N ARG A 73 4.82 3.87 -15.89
CA ARG A 73 3.56 4.59 -15.81
C ARG A 73 3.36 5.19 -14.43
N ARG A 74 3.42 6.52 -14.34
CA ARG A 74 3.24 7.22 -13.08
C ARG A 74 1.77 7.26 -12.67
N GLY A 75 1.49 6.87 -11.44
CA GLY A 75 0.12 6.86 -10.94
C GLY A 75 -0.30 5.50 -10.42
N GLU A 76 -1.19 5.51 -9.43
CA GLU A 76 -1.67 4.27 -8.83
C GLU A 76 -3.20 4.28 -8.73
N MET A 77 -3.80 3.15 -9.07
CA MET A 77 -5.26 3.02 -9.03
C MET A 77 -5.69 2.29 -7.75
N GLU A 78 -6.47 2.98 -6.92
CA GLU A 78 -6.95 2.40 -5.67
C GLU A 78 -8.30 1.73 -5.88
N THR A 79 -8.38 0.46 -5.48
CA THR A 79 -9.62 -0.30 -5.62
C THR A 79 -9.83 -1.23 -4.43
N LEU A 80 -11.07 -1.31 -3.97
CA LEU A 80 -11.41 -2.17 -2.83
C LEU A 80 -12.54 -3.12 -3.19
N GLU A 81 -12.56 -4.28 -2.53
CA GLU A 81 -13.59 -5.28 -2.78
C GLU A 81 -14.15 -5.82 -1.47
N PRO A 82 -15.34 -5.33 -1.10
CA PRO A 82 -16.02 -5.74 0.13
C PRO A 82 -16.53 -7.18 0.07
N ASN A 83 -16.82 -7.64 -1.14
CA ASN A 83 -17.32 -8.99 -1.34
C ASN A 83 -16.49 -9.99 -0.54
N ASN A 84 -15.24 -10.18 -0.95
CA ASN A 84 -14.35 -11.12 -0.28
C ASN A 84 -12.99 -10.47 -0.01
N LEU A 85 -12.09 -11.24 0.59
CA LEU A 85 -10.75 -10.75 0.90
C LEU A 85 -9.79 -11.00 -0.25
N TRP A 86 -10.33 -11.08 -1.46
CA TRP A 86 -9.52 -11.32 -2.65
C TRP A 86 -10.08 -10.58 -3.85
N TYR A 87 -9.23 -10.34 -4.84
CA TYR A 87 -9.65 -9.64 -6.05
C TYR A 87 -9.11 -10.33 -7.30
N LEU A 88 -10.01 -10.82 -8.13
CA LEU A 88 -9.63 -11.50 -9.37
C LEU A 88 -9.62 -10.54 -10.55
N PHE A 89 -8.43 -10.15 -10.98
CA PHE A 89 -8.29 -9.23 -12.10
C PHE A 89 -8.24 -9.99 -13.42
N THR A 90 -8.76 -9.36 -14.48
CA THR A 90 -8.78 -9.98 -15.80
C THR A 90 -8.55 -8.94 -16.90
N GLY A 91 -7.87 -9.35 -17.96
CA GLY A 91 -7.61 -8.44 -19.06
C GLY A 91 -6.28 -7.72 -18.90
N LEU A 92 -5.20 -8.47 -18.77
CA LEU A 92 -3.88 -7.89 -18.62
C LEU A 92 -3.03 -8.09 -19.88
N GLU A 93 -1.86 -7.47 -19.91
CA GLU A 93 -0.96 -7.58 -21.05
C GLU A 93 0.11 -8.63 -20.80
N LYS A 94 0.29 -9.52 -21.77
CA LYS A 94 1.30 -10.58 -21.67
C LYS A 94 2.71 -10.02 -21.77
N GLY A 95 3.63 -10.58 -21.00
CA GLY A 95 5.00 -10.12 -21.01
C GLY A 95 5.16 -8.74 -20.40
N SER A 96 4.41 -8.48 -19.34
CA SER A 96 4.47 -7.19 -18.67
C SER A 96 4.63 -7.37 -17.16
N GLN A 97 4.97 -6.28 -16.47
CA GLN A 97 5.16 -6.32 -15.03
C GLN A 97 4.09 -5.50 -14.32
N TYR A 98 3.47 -6.10 -13.30
CA TYR A 98 2.42 -5.42 -12.54
C TYR A 98 2.62 -5.63 -11.05
N SER A 99 2.27 -4.61 -10.26
CA SER A 99 2.42 -4.68 -8.81
C SER A 99 1.07 -4.44 -8.13
N PHE A 100 0.95 -4.93 -6.89
CA PHE A 100 -0.28 -4.77 -6.13
C PHE A 100 0.03 -4.41 -4.69
N GLN A 101 -1.03 -4.22 -3.90
CA GLN A 101 -0.87 -3.86 -2.49
C GLN A 101 -2.16 -4.12 -1.72
N VAL A 102 -2.04 -4.30 -0.40
CA VAL A 102 -3.20 -4.55 0.45
C VAL A 102 -3.13 -3.72 1.72
N SER A 103 -4.29 -3.25 2.17
CA SER A 103 -4.36 -2.43 3.38
C SER A 103 -5.66 -2.71 4.14
N ALA A 104 -5.54 -2.83 5.46
CA ALA A 104 -6.70 -3.10 6.31
C ALA A 104 -7.47 -1.81 6.60
N MET A 105 -8.60 -1.64 5.93
CA MET A 105 -9.42 -0.44 6.13
C MET A 105 -10.42 -0.65 7.26
N THR A 106 -10.34 0.20 8.28
CA THR A 106 -11.24 0.10 9.43
C THR A 106 -12.28 1.22 9.41
N VAL A 107 -13.38 1.02 10.12
CA VAL A 107 -14.44 2.01 10.19
C VAL A 107 -13.87 3.41 10.44
N ASN A 108 -12.65 3.46 10.97
CA ASN A 108 -11.99 4.73 11.25
C ASN A 108 -11.47 5.36 9.97
N GLY A 109 -10.82 4.56 9.15
CA GLY A 109 -10.28 5.07 7.89
C GLY A 109 -9.56 3.99 7.09
N THR A 110 -8.29 4.23 6.79
CA THR A 110 -7.50 3.27 6.03
C THR A 110 -6.16 2.99 6.71
N GLY A 111 -5.94 1.73 7.07
CA GLY A 111 -4.70 1.35 7.72
C GLY A 111 -3.48 1.60 6.85
N PRO A 112 -2.31 1.24 7.36
CA PRO A 112 -1.04 1.43 6.66
C PRO A 112 -0.91 0.48 5.46
N PRO A 113 -0.21 0.95 4.41
CA PRO A 113 0.00 0.16 3.19
C PRO A 113 0.94 -1.01 3.42
N SER A 114 0.67 -2.12 2.73
CA SER A 114 1.48 -3.32 2.86
C SER A 114 2.63 -3.31 1.86
N ASN A 115 3.48 -4.33 1.92
CA ASN A 115 4.62 -4.44 1.03
C ASN A 115 4.17 -4.39 -0.44
N TRP A 116 5.08 -3.97 -1.31
CA TRP A 116 4.77 -3.89 -2.74
C TRP A 116 5.21 -5.16 -3.46
N TYR A 117 4.29 -6.12 -3.57
CA TYR A 117 4.57 -7.38 -4.23
C TYR A 117 4.39 -7.25 -5.74
N THR A 118 5.28 -7.89 -6.50
CA THR A 118 5.20 -7.85 -7.96
C THR A 118 5.03 -9.25 -8.54
N ALA A 119 4.33 -9.33 -9.67
CA ALA A 119 4.09 -10.62 -10.32
C ALA A 119 4.16 -10.47 -11.84
N GLU A 120 4.94 -11.35 -12.48
CA GLU A 120 5.09 -11.32 -13.93
C GLU A 120 4.15 -12.31 -14.59
N THR A 121 3.47 -11.87 -15.64
CA THR A 121 2.54 -12.72 -16.37
C THR A 121 3.26 -13.57 -17.41
N PRO A 122 2.79 -14.82 -17.59
CA PRO A 122 3.38 -15.76 -18.54
C PRO A 122 3.13 -15.35 -19.99
N GLU A 123 4.20 -15.09 -20.71
CA GLU A 123 4.11 -14.68 -22.11
C GLU A 123 3.04 -15.49 -22.83
N ASN A 124 3.00 -16.79 -22.56
CA ASN A 124 2.03 -17.67 -23.19
C ASN A 124 0.78 -17.81 -22.32
N GLY A 1 25.70 62.42 28.03
CA GLY A 1 24.69 62.59 27.00
C GLY A 1 24.58 61.39 26.09
N SER A 2 23.49 61.33 25.33
CA SER A 2 23.26 60.22 24.41
C SER A 2 22.18 60.57 23.39
N SER A 3 22.18 59.87 22.26
CA SER A 3 21.20 60.11 21.22
C SER A 3 21.35 59.09 20.09
N GLY A 4 20.38 59.07 19.19
CA GLY A 4 20.42 58.14 18.07
C GLY A 4 19.19 58.22 17.19
N SER A 5 19.19 57.48 16.10
CA SER A 5 18.06 57.48 15.17
C SER A 5 18.26 56.43 14.08
N SER A 6 17.22 56.24 13.25
CA SER A 6 17.28 55.27 12.17
C SER A 6 16.03 55.35 11.30
N GLY A 7 15.99 54.52 10.26
CA GLY A 7 14.84 54.52 9.37
C GLY A 7 15.17 53.92 8.01
N ASN A 8 14.57 52.79 7.70
CA ASN A 8 14.80 52.12 6.43
C ASN A 8 13.72 51.07 6.15
N ARG A 9 13.83 50.41 5.01
CA ARG A 9 12.87 49.39 4.62
C ARG A 9 13.56 48.05 4.38
N TYR A 10 12.77 46.97 4.37
CA TYR A 10 13.31 45.64 4.14
C TYR A 10 12.76 45.04 2.85
N GLY A 11 13.28 43.87 2.48
CA GLY A 11 12.83 43.21 1.27
C GLY A 11 12.00 41.97 1.56
N PRO A 12 11.91 41.07 0.56
CA PRO A 12 11.15 39.83 0.69
C PRO A 12 11.81 38.84 1.65
N GLY A 13 11.33 37.60 1.64
CA GLY A 13 11.90 36.58 2.53
C GLY A 13 11.12 35.29 2.47
N VAL A 14 10.71 34.89 1.27
CA VAL A 14 9.95 33.65 1.09
C VAL A 14 10.42 32.57 2.04
N SER A 15 9.61 32.30 3.06
CA SER A 15 9.95 31.29 4.05
C SER A 15 9.31 29.94 3.71
N THR A 16 9.80 28.88 4.33
CA THR A 16 9.27 27.54 4.09
C THR A 16 9.28 26.70 5.36
N ASP A 17 8.36 25.75 5.45
CA ASP A 17 8.28 24.88 6.61
C ASP A 17 9.05 23.59 6.38
N ASP A 18 9.54 23.01 7.47
CA ASP A 18 10.31 21.76 7.40
C ASP A 18 10.12 20.92 8.66
N ILE A 19 10.67 19.72 8.65
CA ILE A 19 10.55 18.81 9.79
C ILE A 19 9.14 18.84 10.38
N THR A 20 8.14 18.92 9.50
CA THR A 20 6.75 18.96 9.94
C THR A 20 6.01 17.71 9.50
N VAL A 21 5.59 16.90 10.47
CA VAL A 21 4.86 15.66 10.18
C VAL A 21 3.72 15.46 11.17
N VAL A 22 2.59 14.97 10.67
CA VAL A 22 1.42 14.72 11.51
C VAL A 22 1.19 13.23 11.70
N THR A 23 1.91 12.63 12.64
CA THR A 23 1.78 11.21 12.92
C THR A 23 0.66 10.95 13.94
N LEU A 24 -0.31 11.85 13.99
CA LEU A 24 -1.43 11.72 14.91
C LEU A 24 -2.74 11.54 14.16
N SER A 25 -3.20 10.29 14.06
CA SER A 25 -4.44 9.98 13.37
C SER A 25 -5.08 8.72 13.95
N ASP A 26 -6.17 8.29 13.32
CA ASP A 26 -6.88 7.09 13.76
C ASP A 26 -6.69 5.95 12.77
N VAL A 27 -5.45 5.48 12.64
CA VAL A 27 -5.13 4.39 11.73
C VAL A 27 -4.36 3.28 12.44
N PRO A 28 -4.42 2.06 11.89
CA PRO A 28 -3.73 0.90 12.44
C PRO A 28 -2.22 1.00 12.30
N SER A 29 -1.50 0.08 12.95
CA SER A 29 -0.04 0.07 12.89
C SER A 29 0.47 -1.31 12.51
N ALA A 30 -0.44 -2.18 12.09
CA ALA A 30 -0.07 -3.54 11.71
C ALA A 30 -0.66 -3.90 10.34
N PRO A 31 0.22 -4.26 9.40
CA PRO A 31 -0.18 -4.63 8.05
C PRO A 31 -0.93 -5.96 8.01
N PRO A 32 -1.58 -6.25 6.87
CA PRO A 32 -2.34 -7.49 6.67
C PRO A 32 -1.43 -8.71 6.57
N GLN A 33 -1.97 -9.87 6.95
CA GLN A 33 -1.21 -11.11 6.90
C GLN A 33 -1.52 -11.89 5.62
N ASN A 34 -0.73 -12.93 5.37
CA ASN A 34 -0.92 -13.76 4.18
C ASN A 34 -1.05 -12.89 2.93
N VAL A 35 -0.14 -11.94 2.78
CA VAL A 35 -0.15 -11.05 1.64
C VAL A 35 0.77 -11.56 0.53
N SER A 36 0.19 -12.27 -0.44
CA SER A 36 0.95 -12.82 -1.55
C SER A 36 0.17 -12.71 -2.85
N LEU A 37 0.84 -12.97 -3.96
CA LEU A 37 0.21 -12.90 -5.28
C LEU A 37 0.19 -14.27 -5.95
N GLU A 38 -0.71 -14.44 -6.91
CA GLU A 38 -0.83 -15.70 -7.63
C GLU A 38 -1.29 -15.46 -9.07
N VAL A 39 -0.45 -15.88 -10.02
CA VAL A 39 -0.78 -15.72 -11.43
C VAL A 39 -1.52 -16.94 -11.97
N VAL A 40 -2.81 -16.75 -12.28
CA VAL A 40 -3.63 -17.83 -12.81
C VAL A 40 -3.53 -17.91 -14.33
N ASN A 41 -3.58 -16.76 -14.98
CA ASN A 41 -3.50 -16.70 -16.44
C ASN A 41 -2.61 -15.54 -16.88
N SER A 42 -2.18 -15.57 -18.14
CA SER A 42 -1.33 -14.53 -18.69
C SER A 42 -2.02 -13.17 -18.61
N ARG A 43 -3.34 -13.19 -18.57
CA ARG A 43 -4.12 -11.96 -18.50
C ARG A 43 -5.10 -12.00 -17.33
N SER A 44 -4.77 -12.80 -16.32
CA SER A 44 -5.62 -12.94 -15.14
C SER A 44 -4.78 -13.20 -13.90
N ILE A 45 -4.95 -12.34 -12.90
CA ILE A 45 -4.20 -12.48 -11.65
C ILE A 45 -5.12 -12.28 -10.44
N LYS A 46 -5.01 -13.19 -9.47
CA LYS A 46 -5.82 -13.13 -8.27
C LYS A 46 -5.01 -12.58 -7.09
N VAL A 47 -5.68 -11.86 -6.19
CA VAL A 47 -5.01 -11.30 -5.03
C VAL A 47 -5.83 -11.55 -3.76
N SER A 48 -5.21 -12.20 -2.78
CA SER A 48 -5.88 -12.50 -1.52
C SER A 48 -5.16 -11.84 -0.35
N TRP A 49 -5.87 -11.67 0.76
CA TRP A 49 -5.31 -11.05 1.95
C TRP A 49 -6.07 -11.49 3.20
N LEU A 50 -5.32 -11.71 4.28
CA LEU A 50 -5.92 -12.12 5.54
C LEU A 50 -5.87 -11.00 6.57
N PRO A 51 -6.75 -11.08 7.59
CA PRO A 51 -6.82 -10.07 8.65
C PRO A 51 -5.61 -10.11 9.57
N PRO A 52 -5.28 -8.96 10.18
CA PRO A 52 -4.14 -8.84 11.09
C PRO A 52 -4.36 -9.58 12.40
N PRO A 53 -3.30 -9.71 13.20
CA PRO A 53 -3.36 -10.39 14.50
C PRO A 53 -4.15 -9.59 15.54
N SER A 54 -5.02 -10.28 16.25
CA SER A 54 -5.84 -9.65 17.28
C SER A 54 -5.01 -8.67 18.11
N GLY A 55 -5.60 -7.53 18.45
CA GLY A 55 -4.90 -6.53 19.23
C GLY A 55 -4.42 -5.36 18.41
N THR A 56 -3.55 -5.63 17.44
CA THR A 56 -3.01 -4.60 16.57
C THR A 56 -4.13 -3.81 15.90
N GLN A 57 -5.04 -4.53 15.25
CA GLN A 57 -6.17 -3.90 14.56
C GLN A 57 -7.02 -3.10 15.54
N ASN A 58 -6.58 -1.87 15.83
CA ASN A 58 -7.31 -1.01 16.75
C ASN A 58 -8.53 -0.39 16.07
N GLY A 59 -9.42 -1.25 15.58
CA GLY A 59 -10.63 -0.77 14.92
C GLY A 59 -11.39 -1.89 14.23
N PHE A 60 -12.46 -1.53 13.55
CA PHE A 60 -13.28 -2.51 12.84
C PHE A 60 -12.92 -2.56 11.36
N ILE A 61 -12.27 -3.65 10.96
CA ILE A 61 -11.87 -3.83 9.57
C ILE A 61 -13.08 -3.93 8.65
N THR A 62 -13.68 -2.79 8.36
CA THR A 62 -14.85 -2.74 7.48
C THR A 62 -14.54 -3.35 6.12
N GLY A 63 -13.27 -3.31 5.73
CA GLY A 63 -12.87 -3.87 4.46
C GLY A 63 -11.37 -3.76 4.22
N TYR A 64 -10.97 -3.86 2.96
CA TYR A 64 -9.56 -3.77 2.60
C TYR A 64 -9.37 -3.01 1.29
N LYS A 65 -8.19 -2.43 1.13
CA LYS A 65 -7.87 -1.67 -0.08
C LYS A 65 -6.78 -2.35 -0.89
N ILE A 66 -6.87 -2.25 -2.21
CA ILE A 66 -5.88 -2.86 -3.09
C ILE A 66 -5.30 -1.83 -4.06
N ARG A 67 -4.08 -1.40 -3.79
CA ARG A 67 -3.41 -0.41 -4.64
C ARG A 67 -2.57 -1.10 -5.71
N HIS A 68 -2.90 -0.83 -6.97
CA HIS A 68 -2.18 -1.41 -8.09
C HIS A 68 -1.65 -0.33 -9.02
N ARG A 69 -0.73 -0.72 -9.91
CA ARG A 69 -0.14 0.22 -10.86
C ARG A 69 0.53 -0.53 -12.01
N LYS A 70 0.86 0.21 -13.07
CA LYS A 70 1.50 -0.38 -14.24
C LYS A 70 2.95 0.10 -14.36
N THR A 71 3.81 -0.77 -14.90
CA THR A 71 5.21 -0.43 -15.06
C THR A 71 5.39 0.99 -15.60
N THR A 72 4.45 1.42 -16.43
CA THR A 72 4.49 2.76 -17.01
C THR A 72 4.68 3.81 -15.94
N ARG A 73 5.28 4.94 -16.31
CA ARG A 73 5.52 6.03 -15.37
C ARG A 73 4.22 6.43 -14.66
N ARG A 74 3.26 6.92 -15.45
CA ARG A 74 1.98 7.34 -14.89
C ARG A 74 0.92 6.27 -15.11
N GLY A 75 0.57 5.55 -14.04
CA GLY A 75 -0.42 4.50 -14.14
C GLY A 75 -0.78 3.92 -12.79
N GLU A 76 -1.09 4.78 -11.83
CA GLU A 76 -1.45 4.34 -10.49
C GLU A 76 -2.95 4.45 -10.26
N MET A 77 -3.61 3.30 -10.11
CA MET A 77 -5.05 3.27 -9.89
C MET A 77 -5.38 2.58 -8.57
N GLU A 78 -6.56 2.88 -8.03
CA GLU A 78 -7.00 2.30 -6.77
C GLU A 78 -8.24 1.44 -6.96
N THR A 79 -8.36 0.39 -6.16
CA THR A 79 -9.50 -0.51 -6.23
C THR A 79 -9.71 -1.26 -4.92
N LEU A 80 -10.96 -1.33 -4.49
CA LEU A 80 -11.29 -2.01 -3.24
C LEU A 80 -12.53 -2.90 -3.42
N GLU A 81 -12.54 -4.03 -2.73
CA GLU A 81 -13.66 -4.96 -2.82
C GLU A 81 -14.06 -5.46 -1.43
N PRO A 82 -15.14 -4.88 -0.89
CA PRO A 82 -15.66 -5.25 0.43
C PRO A 82 -16.27 -6.64 0.45
N ASN A 83 -16.81 -7.07 -0.69
CA ASN A 83 -17.42 -8.39 -0.80
C ASN A 83 -16.61 -9.43 -0.02
N ASN A 84 -15.39 -9.67 -0.47
CA ASN A 84 -14.52 -10.64 0.18
C ASN A 84 -13.10 -10.09 0.33
N LEU A 85 -12.20 -10.93 0.83
CA LEU A 85 -10.80 -10.52 1.02
C LEU A 85 -9.94 -10.98 -0.14
N TRP A 86 -10.57 -11.18 -1.30
CA TRP A 86 -9.86 -11.62 -2.49
C TRP A 86 -10.40 -10.92 -3.74
N TYR A 87 -9.50 -10.57 -4.65
CA TYR A 87 -9.89 -9.90 -5.88
C TYR A 87 -9.22 -10.54 -7.09
N LEU A 88 -10.01 -10.81 -8.12
CA LEU A 88 -9.48 -11.42 -9.35
C LEU A 88 -9.54 -10.44 -10.51
N PHE A 89 -8.37 -10.01 -10.96
CA PHE A 89 -8.29 -9.07 -12.08
C PHE A 89 -8.19 -9.81 -13.41
N THR A 90 -8.76 -9.21 -14.46
CA THR A 90 -8.73 -9.82 -15.78
C THR A 90 -8.61 -8.75 -16.87
N GLY A 91 -7.76 -9.02 -17.85
CA GLY A 91 -7.56 -8.08 -18.95
C GLY A 91 -6.19 -7.43 -18.90
N LEU A 92 -5.19 -8.19 -18.51
CA LEU A 92 -3.82 -7.69 -18.42
C LEU A 92 -3.06 -7.96 -19.71
N GLU A 93 -1.85 -7.42 -19.81
CA GLU A 93 -1.01 -7.61 -20.99
C GLU A 93 -0.01 -8.74 -20.76
N LYS A 94 0.18 -9.54 -21.80
CA LYS A 94 1.12 -10.67 -21.72
C LYS A 94 2.56 -10.18 -21.78
N GLY A 95 3.44 -10.84 -21.03
CA GLY A 95 4.84 -10.46 -21.02
C GLY A 95 5.06 -9.08 -20.43
N SER A 96 4.45 -8.82 -19.28
CA SER A 96 4.57 -7.53 -18.63
C SER A 96 4.61 -7.69 -17.11
N GLN A 97 4.97 -6.62 -16.42
CA GLN A 97 5.06 -6.64 -14.97
C GLN A 97 3.90 -5.86 -14.34
N TYR A 98 3.60 -6.16 -13.08
CA TYR A 98 2.52 -5.48 -12.38
C TYR A 98 2.76 -5.48 -10.87
N SER A 99 2.44 -4.37 -10.23
CA SER A 99 2.63 -4.23 -8.78
C SER A 99 1.28 -4.27 -8.05
N PHE A 100 1.30 -4.80 -6.84
CA PHE A 100 0.09 -4.90 -6.04
C PHE A 100 0.40 -4.76 -4.55
N GLN A 101 -0.64 -4.56 -3.74
CA GLN A 101 -0.47 -4.42 -2.30
C GLN A 101 -1.81 -4.57 -1.58
N VAL A 102 -1.74 -4.64 -0.25
CA VAL A 102 -2.95 -4.78 0.56
C VAL A 102 -2.90 -3.86 1.78
N SER A 103 -4.02 -3.24 2.08
CA SER A 103 -4.12 -2.33 3.23
C SER A 103 -5.39 -2.58 4.02
N ALA A 104 -5.23 -2.83 5.32
CA ALA A 104 -6.37 -3.08 6.20
C ALA A 104 -7.13 -1.80 6.49
N MET A 105 -8.34 -1.70 5.95
CA MET A 105 -9.16 -0.51 6.16
C MET A 105 -9.98 -0.64 7.44
N THR A 106 -9.83 0.34 8.33
CA THR A 106 -10.55 0.34 9.60
C THR A 106 -11.64 1.40 9.61
N VAL A 107 -12.65 1.19 10.46
CA VAL A 107 -13.76 2.13 10.58
C VAL A 107 -13.27 3.57 10.48
N ASN A 108 -12.02 3.79 10.87
CA ASN A 108 -11.43 5.13 10.84
C ASN A 108 -10.96 5.48 9.43
N GLY A 109 -9.91 4.78 8.98
CA GLY A 109 -9.37 5.02 7.66
C GLY A 109 -8.45 3.93 7.19
N THR A 110 -7.86 4.11 6.01
CA THR A 110 -6.95 3.12 5.45
C THR A 110 -5.71 2.96 6.32
N GLY A 111 -5.26 1.71 6.49
CA GLY A 111 -4.08 1.45 7.29
C GLY A 111 -2.80 1.53 6.49
N PRO A 112 -1.71 1.00 7.07
CA PRO A 112 -0.40 1.00 6.41
C PRO A 112 -0.34 0.07 5.21
N PRO A 113 0.08 0.60 4.05
CA PRO A 113 0.18 -0.17 2.82
C PRO A 113 1.32 -1.19 2.86
N SER A 114 0.95 -2.46 2.95
CA SER A 114 1.94 -3.54 3.01
C SER A 114 3.00 -3.37 1.91
N ASN A 115 4.05 -4.18 1.99
CA ASN A 115 5.13 -4.12 1.01
C ASN A 115 4.58 -4.20 -0.42
N TRP A 116 5.21 -3.48 -1.33
CA TRP A 116 4.79 -3.47 -2.72
C TRP A 116 5.22 -4.75 -3.44
N TYR A 117 4.34 -5.75 -3.43
CA TYR A 117 4.64 -7.02 -4.08
C TYR A 117 4.39 -6.96 -5.58
N THR A 118 5.34 -7.44 -6.36
CA THR A 118 5.22 -7.43 -7.81
C THR A 118 5.07 -8.84 -8.36
N ALA A 119 4.23 -8.99 -9.39
CA ALA A 119 4.01 -10.30 -10.01
C ALA A 119 4.28 -10.25 -11.50
N GLU A 120 4.90 -11.30 -12.02
CA GLU A 120 5.22 -11.38 -13.44
C GLU A 120 4.26 -12.32 -14.17
N THR A 121 3.66 -11.84 -15.25
CA THR A 121 2.71 -12.63 -16.03
C THR A 121 3.45 -13.54 -17.01
N PRO A 122 2.95 -14.77 -17.16
CA PRO A 122 3.55 -15.76 -18.07
C PRO A 122 3.33 -15.40 -19.53
N GLU A 123 4.44 -15.22 -20.25
CA GLU A 123 4.39 -14.87 -21.67
C GLU A 123 3.46 -15.82 -22.43
N ASN A 124 3.42 -17.08 -21.99
CA ASN A 124 2.58 -18.09 -22.63
C ASN A 124 1.46 -18.53 -21.69
#